data_1DS5
#
_entry.id   1DS5
#
_cell.length_a   87.681
_cell.length_b   119.846
_cell.length_c   145.560
_cell.angle_alpha   90.00
_cell.angle_beta   90.00
_cell.angle_gamma   90.00
#
_symmetry.space_group_name_H-M   'P 21 21 21'
#
loop_
_entity.id
_entity.type
_entity.pdbx_description
1 polymer 'CASEIN KINASE, ALPHA CHAIN'
2 polymer 'CASEIN KINASE, BETA CHAIN'
3 non-polymer 'ADENOSINE MONOPHOSPHATE'
4 non-polymer 'MAGNESIUM ION'
5 water water
#
loop_
_entity_poly.entity_id
_entity_poly.type
_entity_poly.pdbx_seq_one_letter_code
_entity_poly.pdbx_strand_id
1 'polypeptide(L)'
;MSKARVYADVNVLRPKEYWDYEALTVQWGEQDDYEVVRKVGRGKYSEVFEGINVNNNEKCIIKILKPVKKKKIKREIKIL
QNLCGGPNIVKLLDIVRDQHSKTPSLIFEYVNNTDFKVLYPTLTDYDIRYYIYELLKALDYCHSQGIMHRDVKPHNVMID
HELRKLRLIDWGLAEFYHPGKEYNVRVASRYFKGPELLVDLQDYDYSLDMWSLGCMFAGMIFRKEPFFYGHDNHDQLVKI
AKVLGTDGLNVYLNKYRIELDPQLEALVGRHSRKPWLKFMNADNQHLVSPEAIDFLDKLLRYDHQERLTALEAMTHPYFQ
QVRAAENSRTRA
;
A,B,C,D
2 'polypeptide(L)' NQFVPRLYGFKIHPMAYQLQLQA E,F,G,H
#
# COMPACT_ATOMS: atom_id res chain seq x y z
N MET A 1 21.54 1.93 -19.72
CA MET A 1 22.89 1.76 -20.37
C MET A 1 24.04 2.52 -19.65
N SER A 2 24.61 1.93 -18.60
CA SER A 2 25.73 2.52 -17.85
C SER A 2 26.80 1.51 -17.39
N LYS A 3 27.97 2.03 -17.09
CA LYS A 3 28.96 1.17 -16.56
C LYS A 3 29.69 2.19 -15.70
N ALA A 4 30.35 1.72 -14.67
CA ALA A 4 31.14 2.53 -13.73
C ALA A 4 32.29 3.26 -14.41
N ARG A 5 32.75 4.38 -13.90
CA ARG A 5 33.86 4.95 -14.61
C ARG A 5 35.04 4.97 -13.77
N VAL A 6 35.06 4.10 -12.78
CA VAL A 6 36.20 4.01 -11.91
C VAL A 6 35.98 2.72 -11.20
N TYR A 7 37.01 1.93 -11.00
CA TYR A 7 36.80 0.71 -10.26
C TYR A 7 35.72 -0.23 -10.79
N ALA A 8 35.60 -0.37 -12.10
CA ALA A 8 34.55 -1.20 -12.65
C ALA A 8 34.88 -2.66 -12.65
N ASP A 9 36.10 -2.97 -13.04
CA ASP A 9 36.47 -4.34 -13.18
C ASP A 9 37.29 -4.65 -12.02
N VAL A 10 36.91 -4.29 -10.81
CA VAL A 10 37.82 -4.76 -9.82
C VAL A 10 37.31 -6.15 -9.48
N ASN A 11 36.01 -6.30 -9.21
CA ASN A 11 35.49 -7.61 -8.84
C ASN A 11 35.62 -8.57 -9.91
N VAL A 12 36.02 -8.10 -11.06
CA VAL A 12 36.26 -8.98 -12.15
C VAL A 12 37.61 -9.67 -11.91
N LEU A 13 38.61 -8.86 -11.60
CA LEU A 13 39.92 -9.40 -11.41
C LEU A 13 40.03 -10.23 -10.17
N ARG A 14 39.27 -9.90 -9.11
CA ARG A 14 39.39 -10.72 -7.88
C ARG A 14 38.78 -12.15 -7.87
N PRO A 15 39.38 -13.01 -7.05
CA PRO A 15 38.97 -14.38 -6.92
C PRO A 15 37.49 -14.37 -6.72
N LYS A 16 36.77 -15.31 -7.35
CA LYS A 16 35.34 -15.38 -7.23
C LYS A 16 34.88 -15.34 -5.77
N GLU A 17 35.52 -16.03 -4.82
CA GLU A 17 34.98 -16.04 -3.46
C GLU A 17 34.99 -14.71 -2.83
N TYR A 18 35.79 -13.79 -3.38
CA TYR A 18 35.85 -12.41 -2.89
C TYR A 18 34.49 -11.68 -2.93
N TRP A 19 33.68 -11.93 -3.96
CA TRP A 19 32.40 -11.29 -4.13
C TRP A 19 31.27 -12.25 -4.19
N ASP A 20 31.58 -13.52 -4.26
CA ASP A 20 30.56 -14.55 -4.32
C ASP A 20 30.22 -14.91 -2.89
N TYR A 21 29.50 -13.98 -2.29
CA TYR A 21 29.10 -14.08 -0.90
C TYR A 21 28.11 -15.10 -0.49
N GLU A 22 27.30 -15.66 -1.38
CA GLU A 22 26.38 -16.66 -0.89
C GLU A 22 27.21 -17.87 -0.51
N ALA A 23 28.39 -17.91 -1.13
CA ALA A 23 29.35 -18.99 -0.96
C ALA A 23 30.11 -18.94 0.36
N LEU A 24 29.81 -17.89 1.13
CA LEU A 24 30.44 -17.66 2.40
C LEU A 24 29.96 -18.67 3.38
N THR A 25 30.77 -18.96 4.36
CA THR A 25 30.33 -19.87 5.36
C THR A 25 30.75 -19.25 6.66
N VAL A 26 29.75 -18.68 7.33
CA VAL A 26 29.99 -18.00 8.61
C VAL A 26 30.66 -18.86 9.65
N GLN A 27 31.81 -18.36 10.13
CA GLN A 27 32.61 -18.98 11.16
C GLN A 27 32.36 -18.31 12.50
N TRP A 28 31.20 -18.60 13.10
CA TRP A 28 30.78 -18.03 14.35
C TRP A 28 31.74 -18.13 15.52
N GLY A 29 31.84 -17.00 16.23
CA GLY A 29 32.71 -16.88 17.37
C GLY A 29 31.89 -17.17 18.57
N GLU A 30 32.41 -16.86 19.75
CA GLU A 30 31.63 -17.23 20.93
C GLU A 30 30.71 -16.19 21.59
N GLN A 31 29.42 -16.43 21.57
CA GLN A 31 28.54 -15.48 22.20
C GLN A 31 28.97 -15.02 23.64
N ASP A 32 29.01 -15.99 24.54
CA ASP A 32 29.28 -15.74 25.94
C ASP A 32 30.49 -14.90 26.19
N ASP A 33 31.14 -14.55 25.08
CA ASP A 33 32.27 -13.66 25.01
C ASP A 33 31.67 -12.23 25.27
N TYR A 34 30.35 -12.07 25.12
CA TYR A 34 29.72 -10.77 25.32
C TYR A 34 28.49 -10.71 26.18
N GLU A 35 28.25 -9.54 26.73
CA GLU A 35 27.10 -9.41 27.52
C GLU A 35 26.46 -8.14 26.94
N VAL A 36 25.14 -8.13 26.98
CA VAL A 36 24.34 -7.00 26.51
C VAL A 36 24.13 -5.96 27.65
N VAL A 37 24.20 -4.63 27.38
CA VAL A 37 23.94 -3.60 28.41
C VAL A 37 22.81 -2.57 28.27
N ARG A 38 22.60 -2.05 27.08
CA ARG A 38 21.55 -1.05 26.85
C ARG A 38 21.12 -1.06 25.39
N LYS A 39 19.85 -0.91 25.08
CA LYS A 39 19.59 -0.86 23.66
C LYS A 39 20.00 0.52 23.25
N VAL A 40 20.20 0.70 21.96
CA VAL A 40 20.53 2.05 21.61
C VAL A 40 20.12 2.48 20.17
N GLY A 41 19.58 1.52 19.44
CA GLY A 41 19.09 1.84 18.11
C GLY A 41 18.24 0.69 17.65
N ARG A 42 17.36 0.92 16.69
CA ARG A 42 16.46 -0.15 16.20
C ARG A 42 16.12 0.13 14.75
N GLY A 43 16.93 -0.38 13.83
CA GLY A 43 16.70 -0.21 12.38
C GLY A 43 15.69 -1.20 11.76
N LYS A 44 15.34 -0.95 10.49
CA LYS A 44 14.36 -1.79 9.76
C LYS A 44 14.65 -3.27 9.89
N TYR A 45 15.92 -3.63 9.61
CA TYR A 45 16.40 -5.00 9.63
C TYR A 45 17.21 -5.44 10.83
N SER A 46 17.45 -4.53 11.77
CA SER A 46 18.25 -4.88 12.93
C SER A 46 17.85 -4.15 14.21
N GLU A 47 18.48 -4.49 15.33
CA GLU A 47 18.21 -3.89 16.60
C GLU A 47 19.60 -3.67 17.17
N VAL A 48 19.92 -2.47 17.61
CA VAL A 48 21.24 -2.25 18.11
C VAL A 48 21.39 -2.07 19.59
N PHE A 49 22.32 -2.82 20.19
CA PHE A 49 22.58 -2.72 21.62
C PHE A 49 24.05 -2.40 21.85
N GLU A 50 24.37 -1.77 22.95
CA GLU A 50 25.73 -1.52 23.28
C GLU A 50 25.96 -2.72 24.19
N GLY A 51 27.04 -3.45 24.03
CA GLY A 51 27.30 -4.59 24.88
C GLY A 51 28.70 -4.48 25.35
N ILE A 52 29.26 -5.60 25.76
CA ILE A 52 30.63 -5.61 26.25
C ILE A 52 31.36 -6.94 26.05
N ASN A 53 32.67 -6.85 25.96
CA ASN A 53 33.49 -8.02 25.77
C ASN A 53 33.99 -8.35 27.15
N VAL A 54 33.65 -9.53 27.66
CA VAL A 54 34.03 -9.87 29.00
C VAL A 54 35.46 -10.23 29.11
N ASN A 55 36.06 -10.66 28.00
CA ASN A 55 37.48 -10.96 28.04
C ASN A 55 38.34 -9.73 28.14
N ASN A 56 38.27 -8.84 27.16
CA ASN A 56 39.08 -7.65 27.18
C ASN A 56 38.51 -6.45 27.86
N ASN A 57 37.21 -6.50 28.18
CA ASN A 57 36.49 -5.41 28.81
C ASN A 57 36.34 -4.15 27.93
N GLU A 58 36.03 -4.34 26.67
CA GLU A 58 35.91 -3.19 25.81
C GLU A 58 34.46 -3.10 25.43
N LYS A 59 33.98 -1.86 25.30
CA LYS A 59 32.59 -1.60 24.93
C LYS A 59 32.48 -2.05 23.48
N CYS A 60 31.28 -2.44 23.03
CA CYS A 60 31.16 -2.89 21.63
C CYS A 60 29.74 -2.73 21.16
N ILE A 61 29.48 -2.75 19.87
CA ILE A 61 28.13 -2.66 19.44
C ILE A 61 27.61 -4.01 19.01
N ILE A 62 26.44 -4.39 19.45
CA ILE A 62 25.86 -5.65 19.06
C ILE A 62 24.67 -5.26 18.24
N LYS A 63 24.71 -5.70 16.99
CA LYS A 63 23.67 -5.50 16.01
C LYS A 63 23.06 -6.85 15.97
N ILE A 64 21.76 -6.91 16.19
CA ILE A 64 21.06 -8.14 16.12
C ILE A 64 20.16 -8.14 14.86
N LEU A 65 20.59 -8.82 13.79
CA LEU A 65 19.86 -8.94 12.52
C LEU A 65 18.52 -9.61 12.63
N LYS A 66 17.53 -8.79 12.35
CA LYS A 66 16.14 -9.21 12.33
C LYS A 66 15.98 -10.18 11.14
N PRO A 67 14.86 -10.94 11.11
CA PRO A 67 14.49 -11.92 10.09
C PRO A 67 14.76 -11.42 8.66
N VAL A 68 15.68 -12.08 7.96
CA VAL A 68 16.02 -11.77 6.57
C VAL A 68 16.78 -12.92 5.88
N LYS A 69 16.67 -12.99 4.57
CA LYS A 69 17.35 -14.06 3.88
C LYS A 69 18.77 -14.28 4.31
N LYS A 70 19.10 -15.50 4.67
CA LYS A 70 20.47 -15.76 5.04
C LYS A 70 21.47 -15.12 4.03
N LYS A 71 21.15 -15.18 2.75
CA LYS A 71 22.06 -14.62 1.78
C LYS A 71 22.19 -13.13 1.90
N LYS A 72 21.26 -12.48 2.56
CA LYS A 72 21.35 -11.05 2.65
C LYS A 72 22.17 -10.76 3.88
N ILE A 73 22.61 -11.80 4.56
CA ILE A 73 23.42 -11.58 5.75
C ILE A 73 24.85 -11.94 5.38
N LYS A 74 24.97 -12.99 4.59
CA LYS A 74 26.28 -13.41 4.19
C LYS A 74 26.81 -12.23 3.42
N ARG A 75 25.92 -11.41 2.87
CA ARG A 75 26.40 -10.25 2.09
C ARG A 75 27.12 -9.24 2.92
N GLU A 76 26.37 -8.64 3.82
CA GLU A 76 26.97 -7.68 4.66
C GLU A 76 28.19 -8.35 5.32
N ILE A 77 28.01 -9.51 5.95
CA ILE A 77 29.16 -10.16 6.59
C ILE A 77 30.40 -10.10 5.71
N LYS A 78 30.27 -10.69 4.54
CA LYS A 78 31.36 -10.66 3.56
C LYS A 78 31.83 -9.23 3.28
N ILE A 79 30.93 -8.34 2.84
CA ILE A 79 31.29 -6.96 2.55
C ILE A 79 32.13 -6.39 3.70
N LEU A 80 31.66 -6.61 4.92
CA LEU A 80 32.34 -6.09 6.11
C LEU A 80 33.70 -6.72 6.24
N GLN A 81 33.78 -8.05 6.11
CA GLN A 81 35.08 -8.69 6.21
C GLN A 81 36.00 -8.09 5.11
N ASN A 82 35.47 -7.94 3.92
CA ASN A 82 36.21 -7.35 2.82
C ASN A 82 36.73 -5.93 3.10
N LEU A 83 35.91 -5.11 3.72
CA LEU A 83 36.33 -3.76 4.05
C LEU A 83 37.24 -3.64 5.31
N CYS A 84 36.94 -4.41 6.36
CA CYS A 84 37.68 -4.40 7.62
C CYS A 84 39.09 -3.89 7.44
N GLY A 85 39.43 -2.88 8.21
CA GLY A 85 40.74 -2.30 8.05
C GLY A 85 40.61 -1.08 7.18
N GLY A 86 39.61 -1.02 6.30
CA GLY A 86 39.45 0.15 5.49
C GLY A 86 39.31 1.45 6.32
N PRO A 87 39.92 2.52 5.82
CA PRO A 87 39.88 3.82 6.47
C PRO A 87 38.47 4.25 6.78
N ASN A 88 38.21 4.60 8.00
CA ASN A 88 36.87 5.02 8.39
C ASN A 88 35.75 4.01 8.14
N ILE A 89 36.12 2.75 8.00
CA ILE A 89 35.12 1.73 7.79
C ILE A 89 34.71 1.12 9.10
N VAL A 90 33.42 0.94 9.38
CA VAL A 90 33.07 0.39 10.68
C VAL A 90 33.69 -0.91 10.63
N LYS A 91 34.12 -1.39 11.78
CA LYS A 91 34.82 -2.64 11.84
C LYS A 91 34.12 -3.77 12.53
N LEU A 92 33.80 -4.80 11.78
CA LEU A 92 33.16 -6.00 12.33
C LEU A 92 34.10 -6.73 13.26
N LEU A 93 33.69 -7.00 14.45
CA LEU A 93 34.65 -7.63 15.33
C LEU A 93 34.44 -9.12 15.51
N ASP A 94 33.27 -9.59 15.17
CA ASP A 94 33.06 -10.97 15.40
C ASP A 94 31.66 -11.19 14.96
N ILE A 95 31.29 -12.33 14.43
CA ILE A 95 29.90 -12.46 14.13
C ILE A 95 29.32 -13.66 15.02
N VAL A 96 27.98 -13.68 15.29
CA VAL A 96 27.20 -14.68 16.12
C VAL A 96 25.68 -15.10 15.97
N ARG A 97 25.52 -16.39 16.11
CA ARG A 97 24.26 -17.07 16.03
C ARG A 97 23.95 -17.12 17.44
N ASP A 98 22.78 -17.63 17.68
CA ASP A 98 22.24 -17.83 19.00
C ASP A 98 21.89 -19.31 19.23
N GLN A 99 22.07 -19.80 20.45
CA GLN A 99 21.79 -21.21 20.75
C GLN A 99 20.51 -21.76 20.11
N HIS A 100 19.31 -21.30 20.50
CA HIS A 100 18.07 -21.81 19.87
C HIS A 100 17.49 -21.00 18.71
N SER A 101 16.84 -19.89 19.01
CA SER A 101 16.18 -19.04 18.01
C SER A 101 16.91 -19.20 16.69
N LYS A 102 18.21 -19.01 16.82
CA LYS A 102 19.18 -19.12 15.71
C LYS A 102 19.43 -17.85 14.85
N THR A 103 19.13 -16.71 15.51
CA THR A 103 19.29 -15.35 15.05
C THR A 103 20.78 -14.89 15.14
N PRO A 104 21.30 -14.32 14.01
CA PRO A 104 22.69 -13.83 13.91
C PRO A 104 22.91 -12.35 14.52
N SER A 105 24.06 -12.03 15.09
CA SER A 105 24.21 -10.67 15.58
C SER A 105 25.58 -10.30 15.18
N LEU A 106 25.81 -9.07 14.73
CA LEU A 106 27.16 -8.62 14.31
C LEU A 106 27.61 -7.78 15.45
N ILE A 107 28.81 -8.05 15.95
CA ILE A 107 29.38 -7.33 17.11
C ILE A 107 30.42 -6.40 16.60
N PHE A 108 30.09 -5.11 16.43
CA PHE A 108 31.07 -4.13 15.90
C PHE A 108 31.87 -3.45 16.96
N GLU A 109 32.87 -2.72 16.49
CA GLU A 109 33.72 -1.87 17.32
C GLU A 109 32.79 -0.77 17.87
N TYR A 110 33.09 -0.18 18.98
CA TYR A 110 32.18 0.85 19.44
C TYR A 110 32.55 2.28 18.98
N VAL A 111 31.54 3.12 18.71
CA VAL A 111 31.92 4.49 18.42
C VAL A 111 31.10 5.30 19.35
N ASN A 112 31.75 6.25 20.01
CA ASN A 112 30.91 7.07 20.84
C ASN A 112 30.40 8.03 19.74
N ASN A 113 29.07 8.27 19.73
CA ASN A 113 28.54 9.12 18.65
C ASN A 113 27.46 10.11 19.11
N THR A 114 27.27 11.19 18.35
CA THR A 114 26.26 12.14 18.72
C THR A 114 25.38 12.29 17.52
N ASP A 115 24.08 12.04 17.71
CA ASP A 115 23.14 12.07 16.62
C ASP A 115 23.42 13.31 15.82
N PHE A 116 23.46 13.21 14.48
CA PHE A 116 23.74 14.45 13.71
C PHE A 116 22.77 15.55 14.15
N LYS A 117 21.50 15.25 14.24
CA LYS A 117 20.63 16.34 14.58
C LYS A 117 21.23 17.10 15.75
N VAL A 118 21.93 16.46 16.66
CA VAL A 118 22.43 17.25 17.78
C VAL A 118 23.80 17.70 17.47
N LEU A 119 24.59 16.86 16.84
CA LEU A 119 25.96 17.27 16.60
C LEU A 119 26.22 18.30 15.53
N TYR A 120 25.79 18.00 14.31
CA TYR A 120 26.05 18.86 13.16
C TYR A 120 25.89 20.36 13.42
N PRO A 121 24.72 20.74 13.97
CA PRO A 121 24.60 22.16 14.20
C PRO A 121 25.99 22.64 14.72
N THR A 122 26.39 22.06 15.85
CA THR A 122 27.64 22.34 16.53
C THR A 122 28.88 22.48 15.73
N LEU A 123 29.02 21.81 14.56
CA LEU A 123 30.27 21.97 13.74
C LEU A 123 30.55 23.31 13.02
N THR A 124 31.83 23.51 12.77
CA THR A 124 32.32 24.73 12.12
C THR A 124 32.62 24.46 10.67
N ASP A 125 32.59 25.52 9.86
CA ASP A 125 32.95 25.32 8.47
C ASP A 125 34.09 24.28 8.28
N TYR A 126 35.19 24.44 9.00
CA TYR A 126 36.24 23.46 8.87
C TYR A 126 35.73 22.12 9.39
N ASP A 127 35.13 22.06 10.58
CA ASP A 127 34.65 20.79 11.10
C ASP A 127 34.06 20.01 9.97
N ILE A 128 33.10 20.62 9.25
CA ILE A 128 32.44 19.94 8.13
C ILE A 128 33.36 19.47 7.06
N ARG A 129 34.08 20.39 6.48
CA ARG A 129 35.04 20.00 5.46
C ARG A 129 35.85 18.75 5.93
N TYR A 130 36.32 18.76 7.17
CA TYR A 130 37.07 17.63 7.65
C TYR A 130 36.27 16.33 7.58
N TYR A 131 35.17 16.29 8.35
CA TYR A 131 34.30 15.13 8.39
C TYR A 131 33.90 14.58 7.04
N ILE A 132 33.70 15.47 6.09
CA ILE A 132 33.36 15.01 4.76
C ILE A 132 34.58 14.39 4.10
N TYR A 133 35.72 15.06 4.30
CA TYR A 133 36.95 14.52 3.73
C TYR A 133 37.14 13.06 4.38
N GLU A 134 36.74 12.92 5.64
CA GLU A 134 36.91 11.67 6.31
C GLU A 134 35.95 10.74 5.73
N LEU A 135 34.71 11.21 5.58
CA LEU A 135 33.65 10.37 5.01
C LEU A 135 34.01 9.92 3.60
N LEU A 136 34.79 10.74 2.91
CA LEU A 136 35.23 10.44 1.56
C LEU A 136 36.24 9.32 1.52
N LYS A 137 37.22 9.30 2.43
CA LYS A 137 38.22 8.22 2.45
C LYS A 137 37.45 6.90 2.57
N ALA A 138 36.36 6.91 3.35
CA ALA A 138 35.58 5.73 3.52
C ALA A 138 35.09 5.39 2.16
N LEU A 139 34.20 6.18 1.60
CA LEU A 139 33.68 5.85 0.29
C LEU A 139 34.73 5.50 -0.79
N ASP A 140 35.82 6.29 -0.94
CA ASP A 140 36.78 5.91 -1.98
C ASP A 140 37.41 4.57 -1.74
N TYR A 141 37.67 4.27 -0.47
CA TYR A 141 38.26 3.03 -0.12
C TYR A 141 37.26 2.03 -0.64
N CYS A 142 36.18 1.82 0.11
CA CYS A 142 35.20 0.80 -0.25
C CYS A 142 34.78 0.65 -1.72
N HIS A 143 34.72 1.76 -2.45
CA HIS A 143 34.39 1.67 -3.90
C HIS A 143 35.52 0.88 -4.60
N SER A 144 36.73 1.27 -4.27
CA SER A 144 37.93 0.71 -4.82
C SER A 144 37.97 -0.73 -4.54
N GLN A 145 37.09 -1.19 -3.67
CA GLN A 145 37.13 -2.56 -3.31
C GLN A 145 35.95 -3.22 -3.88
N GLY A 146 35.37 -2.60 -4.87
CA GLY A 146 34.29 -3.27 -5.57
C GLY A 146 32.94 -3.11 -4.95
N ILE A 147 32.91 -2.39 -3.83
CA ILE A 147 31.65 -2.22 -3.17
C ILE A 147 31.01 -0.84 -3.21
N MET A 148 29.68 -0.83 -3.20
CA MET A 148 28.79 0.35 -3.23
C MET A 148 28.15 0.37 -1.91
N HIS A 149 28.24 1.43 -1.18
CA HIS A 149 27.56 1.37 0.10
C HIS A 149 26.07 1.51 0.04
N ARG A 150 25.51 1.75 -1.14
CA ARG A 150 24.06 1.99 -1.31
C ARG A 150 23.13 2.47 -0.15
N ASP A 151 23.66 3.06 0.96
CA ASP A 151 22.86 3.63 2.04
C ASP A 151 23.42 4.89 2.66
N VAL A 152 24.17 5.70 1.92
CA VAL A 152 24.80 6.84 2.58
C VAL A 152 23.87 7.93 2.99
N LYS A 153 23.96 8.37 4.27
CA LYS A 153 23.11 9.42 4.87
C LYS A 153 23.69 9.66 6.26
N PRO A 154 23.31 10.74 6.98
CA PRO A 154 23.87 10.98 8.33
C PRO A 154 23.81 9.84 9.33
N HIS A 155 22.61 9.36 9.57
CA HIS A 155 22.42 8.30 10.53
C HIS A 155 23.36 7.08 10.36
N ASN A 156 23.98 6.91 9.19
CA ASN A 156 24.84 5.75 9.04
C ASN A 156 26.31 6.16 9.12
N VAL A 157 26.53 7.37 9.58
CA VAL A 157 27.91 7.75 9.82
C VAL A 157 28.08 8.26 11.31
N MET A 158 28.85 7.48 12.05
CA MET A 158 29.13 7.70 13.46
C MET A 158 30.24 8.73 13.62
N ILE A 159 30.07 9.78 14.41
CA ILE A 159 31.19 10.69 14.57
C ILE A 159 31.47 10.81 16.08
N ASP A 160 32.73 10.66 16.47
CA ASP A 160 33.09 10.82 17.88
C ASP A 160 33.81 12.19 17.76
N HIS A 161 33.06 13.31 17.81
CA HIS A 161 33.65 14.62 17.61
C HIS A 161 34.70 14.93 18.60
N GLU A 162 34.75 14.10 19.64
CA GLU A 162 35.72 14.28 20.74
C GLU A 162 37.08 13.90 20.24
N LEU A 163 37.11 12.87 19.45
CA LEU A 163 38.37 12.42 18.89
C LEU A 163 38.44 12.66 17.37
N ARG A 164 37.59 13.52 16.86
CA ARG A 164 37.47 13.74 15.44
C ARG A 164 37.59 12.40 14.66
N LYS A 165 36.98 11.33 15.14
CA LYS A 165 36.99 10.01 14.50
C LYS A 165 35.73 9.73 13.72
N LEU A 166 35.81 9.03 12.59
CA LEU A 166 34.57 8.81 11.84
C LEU A 166 34.42 7.45 11.26
N ARG A 167 33.23 6.86 11.35
CA ARG A 167 33.00 5.54 10.81
C ARG A 167 31.76 5.49 9.97
N LEU A 168 31.84 4.77 8.83
CA LEU A 168 30.68 4.64 7.94
C LEU A 168 30.13 3.28 8.37
N ILE A 169 28.81 3.16 8.58
CA ILE A 169 28.24 1.94 9.12
C ILE A 169 27.06 1.38 8.36
N ASP A 170 26.51 0.29 8.88
CA ASP A 170 25.31 -0.34 8.25
C ASP A 170 25.75 -0.71 6.82
N TRP A 171 26.19 -1.93 6.58
CA TRP A 171 26.49 -2.19 5.19
C TRP A 171 25.44 -3.16 4.72
N GLY A 172 24.32 -3.12 5.41
CA GLY A 172 23.22 -3.98 5.02
C GLY A 172 22.62 -3.67 3.65
N LEU A 173 23.00 -2.51 3.12
CA LEU A 173 22.54 -2.17 1.82
C LEU A 173 23.66 -2.13 0.80
N ALA A 174 24.90 -2.11 1.29
CA ALA A 174 26.09 -2.14 0.41
C ALA A 174 26.00 -3.45 -0.37
N GLU A 175 26.50 -3.40 -1.61
CA GLU A 175 26.46 -4.50 -2.56
C GLU A 175 27.72 -4.46 -3.44
N PHE A 176 28.13 -5.56 -4.09
CA PHE A 176 29.36 -5.61 -4.87
C PHE A 176 29.07 -5.02 -6.20
N TYR A 177 29.97 -4.22 -6.80
CA TYR A 177 29.71 -3.65 -8.12
C TYR A 177 30.27 -4.55 -9.21
N HIS A 178 29.48 -4.90 -10.21
CA HIS A 178 29.91 -5.73 -11.37
C HIS A 178 29.45 -4.93 -12.59
N PRO A 179 30.35 -4.69 -13.51
CA PRO A 179 29.97 -3.93 -14.66
C PRO A 179 28.78 -4.45 -15.34
N GLY A 180 27.96 -3.50 -15.76
CA GLY A 180 26.75 -3.78 -16.48
C GLY A 180 25.63 -4.47 -15.71
N LYS A 181 25.83 -4.80 -14.45
CA LYS A 181 24.76 -5.49 -13.75
C LYS A 181 23.62 -4.52 -13.53
N GLU A 182 22.42 -5.07 -13.65
CA GLU A 182 21.17 -4.35 -13.44
C GLU A 182 20.82 -4.63 -11.96
N TYR A 183 20.89 -3.62 -11.12
CA TYR A 183 20.65 -3.75 -9.70
C TYR A 183 19.27 -3.36 -9.36
N ASN A 184 19.01 -3.29 -8.07
CA ASN A 184 17.68 -2.94 -7.55
C ASN A 184 17.55 -1.48 -7.06
N VAL A 185 16.53 -0.74 -7.52
CA VAL A 185 16.45 0.63 -7.08
C VAL A 185 15.75 0.91 -5.79
N ARG A 186 15.36 -0.14 -5.07
CA ARG A 186 14.71 0.01 -3.78
C ARG A 186 15.85 -0.01 -2.77
N VAL A 187 16.66 1.03 -2.76
CA VAL A 187 17.82 1.12 -1.89
C VAL A 187 17.92 2.53 -1.29
N ALA A 188 19.04 2.78 -0.65
CA ALA A 188 19.31 4.03 0.03
C ALA A 188 18.11 4.36 0.85
N SER A 189 18.00 5.61 1.28
CA SER A 189 16.84 6.02 2.04
C SER A 189 16.19 7.13 1.26
N ARG A 190 14.86 7.12 1.12
CA ARG A 190 14.15 8.15 0.29
C ARG A 190 14.99 9.38 0.01
N TYR A 191 14.97 10.30 0.97
CA TYR A 191 15.71 11.54 0.94
C TYR A 191 17.02 11.48 0.21
N PHE A 192 17.73 10.38 0.31
CA PHE A 192 19.03 10.35 -0.37
C PHE A 192 19.19 9.43 -1.59
N LYS A 193 18.10 9.01 -2.21
CA LYS A 193 18.19 8.14 -3.34
C LYS A 193 18.51 9.07 -4.39
N GLY A 194 19.35 8.65 -5.29
CA GLY A 194 19.73 9.52 -6.38
C GLY A 194 18.74 9.43 -7.55
N PRO A 195 18.86 10.32 -8.54
CA PRO A 195 17.93 10.23 -9.64
C PRO A 195 17.77 8.86 -10.25
N GLU A 196 18.88 8.22 -10.51
CA GLU A 196 18.87 6.93 -11.14
C GLU A 196 17.93 5.96 -10.42
N LEU A 197 17.82 6.03 -9.12
CA LEU A 197 16.93 5.07 -8.52
C LEU A 197 15.54 5.58 -8.70
N LEU A 198 15.39 6.88 -8.84
CA LEU A 198 14.07 7.42 -8.97
C LEU A 198 13.47 7.40 -10.33
N VAL A 199 14.24 7.00 -11.36
CA VAL A 199 13.74 6.92 -12.75
C VAL A 199 14.03 5.54 -13.33
N ASP A 200 14.27 4.61 -12.40
CA ASP A 200 14.61 3.23 -12.70
C ASP A 200 15.73 2.95 -13.58
N LEU A 201 16.92 3.45 -13.30
CA LEU A 201 18.03 3.18 -14.18
C LEU A 201 18.80 2.18 -13.38
N GLN A 202 18.40 0.94 -13.48
CA GLN A 202 19.02 -0.12 -12.75
C GLN A 202 20.50 -0.48 -12.84
N ASP A 203 21.16 -0.28 -13.96
CA ASP A 203 22.56 -0.58 -13.96
C ASP A 203 23.31 0.60 -13.39
N TYR A 204 23.13 0.85 -12.12
CA TYR A 204 23.81 1.96 -11.51
C TYR A 204 25.20 1.57 -10.99
N ASP A 205 25.93 2.48 -10.38
CA ASP A 205 27.27 2.14 -9.90
C ASP A 205 27.62 2.82 -8.58
N TYR A 206 28.89 3.05 -8.31
CA TYR A 206 29.30 3.76 -7.09
C TYR A 206 28.68 5.18 -7.11
N SER A 207 28.64 5.75 -8.28
CA SER A 207 28.08 7.07 -8.43
C SER A 207 26.92 7.35 -7.43
N LEU A 208 26.14 6.32 -7.11
CA LEU A 208 24.96 6.44 -6.24
C LEU A 208 25.37 7.00 -4.96
N ASP A 209 26.48 6.51 -4.45
CA ASP A 209 26.82 7.02 -3.17
C ASP A 209 27.15 8.43 -3.26
N MET A 210 27.65 8.87 -4.41
CA MET A 210 28.03 10.26 -4.54
C MET A 210 26.87 11.15 -4.39
N TRP A 211 25.74 10.80 -4.98
CA TRP A 211 24.57 11.65 -4.79
C TRP A 211 24.15 11.68 -3.29
N SER A 212 24.23 10.57 -2.57
CA SER A 212 23.82 10.63 -1.19
C SER A 212 24.81 11.52 -0.53
N LEU A 213 26.11 11.35 -0.76
CA LEU A 213 27.04 12.28 -0.16
C LEU A 213 26.57 13.69 -0.54
N GLY A 214 26.16 13.83 -1.79
CA GLY A 214 25.61 15.10 -2.25
C GLY A 214 24.52 15.61 -1.26
N CYS A 215 23.34 15.00 -1.21
CA CYS A 215 22.32 15.46 -0.28
C CYS A 215 22.85 15.73 1.15
N MET A 216 23.44 14.70 1.75
CA MET A 216 24.00 14.80 3.08
C MET A 216 24.76 16.15 3.24
N PHE A 217 25.75 16.37 2.38
CA PHE A 217 26.57 17.61 2.39
C PHE A 217 25.72 18.90 2.19
N ALA A 218 24.98 18.89 1.11
CA ALA A 218 24.14 19.99 0.80
C ALA A 218 23.40 20.33 2.03
N GLY A 219 22.83 19.35 2.69
CA GLY A 219 22.07 19.73 3.84
C GLY A 219 22.86 20.23 5.02
N MET A 220 24.13 19.86 5.02
CA MET A 220 24.86 20.28 6.15
C MET A 220 25.21 21.72 6.06
N ILE A 221 25.66 22.14 4.88
CA ILE A 221 26.09 23.51 4.72
C ILE A 221 24.90 24.43 4.67
N PHE A 222 23.79 23.97 4.17
CA PHE A 222 22.66 24.86 4.11
C PHE A 222 21.78 24.83 5.34
N ARG A 223 21.94 23.82 6.15
CA ARG A 223 21.15 23.68 7.35
C ARG A 223 19.74 23.54 6.90
N LYS A 224 19.46 22.39 6.31
CA LYS A 224 18.15 22.10 5.80
C LYS A 224 17.91 20.61 5.55
N GLU A 225 18.16 19.76 6.55
CA GLU A 225 17.95 18.32 6.39
C GLU A 225 16.50 17.96 6.60
N PRO A 226 15.98 17.14 5.75
CA PRO A 226 16.61 16.55 4.59
C PRO A 226 16.62 17.66 3.52
N PHE A 227 17.56 17.66 2.61
CA PHE A 227 17.59 18.72 1.61
C PHE A 227 16.42 18.51 0.70
N PHE A 228 16.37 17.37 0.06
CA PHE A 228 15.26 17.05 -0.78
C PHE A 228 14.41 16.19 0.11
N TYR A 229 13.21 16.69 0.40
CA TYR A 229 12.20 16.08 1.31
C TYR A 229 10.97 15.49 0.58
N GLY A 230 11.14 14.30 0.02
CA GLY A 230 10.05 13.68 -0.66
C GLY A 230 9.17 12.99 0.36
N HIS A 231 7.87 12.92 0.11
CA HIS A 231 7.04 12.19 1.01
C HIS A 231 6.97 10.79 0.42
N ASP A 232 7.37 10.70 -0.85
CA ASP A 232 7.33 9.49 -1.59
C ASP A 232 8.31 9.49 -2.77
N ASN A 233 8.79 8.32 -3.12
CA ASN A 233 9.75 8.18 -4.18
C ASN A 233 9.45 9.05 -5.35
N HIS A 234 8.22 9.03 -5.87
CA HIS A 234 7.84 9.92 -6.98
C HIS A 234 8.14 11.36 -6.54
N ASP A 235 7.53 11.75 -5.43
CA ASP A 235 7.75 13.08 -4.92
C ASP A 235 9.20 13.46 -4.76
N GLN A 236 10.02 12.49 -4.42
CA GLN A 236 11.41 12.80 -4.26
C GLN A 236 12.00 13.37 -5.56
N LEU A 237 11.79 12.70 -6.67
CA LEU A 237 12.35 13.16 -7.90
C LEU A 237 11.84 14.55 -8.12
N VAL A 238 10.55 14.69 -7.88
CA VAL A 238 9.94 16.00 -8.05
C VAL A 238 10.69 17.05 -7.28
N LYS A 239 10.80 16.84 -5.99
CA LYS A 239 11.46 17.75 -5.16
C LYS A 239 12.86 17.97 -5.69
N ILE A 240 13.47 16.99 -6.40
CA ILE A 240 14.82 17.20 -6.89
C ILE A 240 14.74 18.17 -8.02
N ALA A 241 13.74 17.95 -8.84
CA ALA A 241 13.51 18.77 -10.03
C ALA A 241 13.40 20.20 -9.74
N LYS A 242 12.64 20.48 -8.72
CA LYS A 242 12.44 21.86 -8.39
C LYS A 242 13.72 22.54 -7.90
N VAL A 243 14.83 21.82 -7.90
CA VAL A 243 16.04 22.46 -7.46
C VAL A 243 17.06 22.35 -8.60
N LEU A 244 17.23 21.18 -9.20
CA LEU A 244 18.16 21.10 -10.30
C LEU A 244 17.45 21.50 -11.58
N GLY A 245 16.14 21.68 -11.53
CA GLY A 245 15.41 22.07 -12.71
C GLY A 245 15.26 20.99 -13.77
N THR A 246 14.08 20.91 -14.38
CA THR A 246 13.73 19.85 -15.34
C THR A 246 14.51 19.80 -16.68
N ASP A 247 15.00 20.92 -17.14
CA ASP A 247 15.79 21.00 -18.38
C ASP A 247 17.05 20.12 -18.31
N GLY A 248 17.38 19.68 -17.13
CA GLY A 248 18.51 18.82 -17.01
C GLY A 248 17.95 17.40 -16.87
N LEU A 249 16.85 17.25 -16.12
CA LEU A 249 16.23 15.93 -15.91
C LEU A 249 15.96 15.31 -17.25
N ASN A 250 15.69 16.16 -18.22
CA ASN A 250 15.40 15.68 -19.56
C ASN A 250 16.62 15.31 -20.39
N VAL A 251 17.60 16.17 -20.39
CA VAL A 251 18.81 15.86 -21.13
C VAL A 251 19.32 14.47 -20.64
N TYR A 252 19.25 14.27 -19.32
CA TYR A 252 19.64 13.04 -18.62
C TYR A 252 18.89 11.84 -19.17
N LEU A 253 17.57 11.95 -19.11
CA LEU A 253 16.67 10.91 -19.59
C LEU A 253 16.96 10.51 -21.01
N ASN A 254 17.13 11.47 -21.88
CA ASN A 254 17.42 11.07 -23.20
C ASN A 254 18.76 10.37 -23.26
N LYS A 255 19.78 10.94 -22.67
CA LYS A 255 21.06 10.28 -22.73
C LYS A 255 20.97 8.84 -22.40
N TYR A 256 20.20 8.47 -21.40
CA TYR A 256 20.15 7.06 -21.08
C TYR A 256 18.91 6.35 -21.59
N ARG A 257 18.27 6.95 -22.58
CA ARG A 257 17.06 6.42 -23.17
C ARG A 257 16.01 6.01 -22.13
N ILE A 258 15.99 6.67 -20.98
CA ILE A 258 15.02 6.35 -19.93
C ILE A 258 13.70 7.08 -20.14
N GLU A 259 12.60 6.43 -19.76
CA GLU A 259 11.25 7.02 -19.98
C GLU A 259 10.42 7.18 -18.75
N LEU A 260 10.05 8.39 -18.43
CA LEU A 260 9.29 8.56 -17.19
C LEU A 260 7.89 7.97 -17.30
N ASP A 261 7.42 7.28 -16.28
CA ASP A 261 6.09 6.74 -16.36
C ASP A 261 5.41 7.99 -16.56
N PRO A 262 4.40 8.01 -17.39
CA PRO A 262 3.74 9.31 -17.53
C PRO A 262 3.31 9.42 -16.09
N GLN A 263 2.69 10.51 -15.71
CA GLN A 263 2.25 10.67 -14.32
C GLN A 263 3.41 11.14 -13.53
N LEU A 264 4.49 10.35 -13.51
CA LEU A 264 5.64 10.87 -12.80
C LEU A 264 6.03 12.11 -13.62
N GLU A 265 5.91 11.97 -14.93
CA GLU A 265 6.20 13.04 -15.83
C GLU A 265 5.37 14.15 -15.34
N ALA A 266 4.09 13.87 -15.23
CA ALA A 266 3.11 14.84 -14.77
C ALA A 266 3.58 15.52 -13.51
N LEU A 267 3.49 14.78 -12.41
CA LEU A 267 3.88 15.32 -11.13
C LEU A 267 5.11 16.21 -11.14
N VAL A 268 6.14 15.81 -11.89
CA VAL A 268 7.38 16.54 -12.01
C VAL A 268 7.04 17.85 -12.68
N GLY A 269 6.70 17.83 -13.96
CA GLY A 269 6.32 19.09 -14.56
C GLY A 269 7.48 19.90 -15.03
N ARG A 270 7.23 21.14 -15.45
CA ARG A 270 8.32 21.98 -15.93
C ARG A 270 8.78 22.83 -14.71
N HIS A 271 10.10 22.95 -14.55
CA HIS A 271 10.68 23.69 -13.45
C HIS A 271 12.06 24.17 -13.82
N SER A 272 12.42 25.38 -13.40
CA SER A 272 13.74 25.91 -13.75
C SER A 272 14.61 25.55 -12.62
N ARG A 273 15.91 25.57 -12.85
CA ARG A 273 16.86 25.20 -11.82
C ARG A 273 17.02 26.33 -10.88
N LYS A 274 17.15 26.03 -9.60
CA LYS A 274 17.33 27.01 -8.55
C LYS A 274 18.81 27.01 -8.20
N PRO A 275 19.58 28.10 -8.45
CA PRO A 275 21.01 28.16 -8.14
C PRO A 275 21.37 28.07 -6.65
N TRP A 276 22.38 27.29 -6.33
CA TRP A 276 22.74 27.04 -4.96
C TRP A 276 22.73 28.23 -4.06
N LEU A 277 23.07 29.41 -4.55
CA LEU A 277 23.09 30.55 -3.64
C LEU A 277 21.78 30.90 -2.99
N LYS A 278 20.69 30.39 -3.58
CA LYS A 278 19.34 30.67 -3.09
C LYS A 278 18.97 29.86 -1.90
N PHE A 279 19.98 29.32 -1.27
CA PHE A 279 19.83 28.53 -0.06
C PHE A 279 20.74 29.09 1.00
N MET A 280 21.50 30.13 0.66
CA MET A 280 22.42 30.72 1.61
C MET A 280 21.57 31.66 2.34
N ASN A 281 21.35 31.32 3.60
CA ASN A 281 20.53 32.12 4.50
C ASN A 281 21.53 32.75 5.44
N ALA A 282 21.04 33.54 6.38
CA ALA A 282 21.92 34.22 7.32
C ALA A 282 22.60 33.28 8.30
N ASP A 283 21.87 32.37 8.96
CA ASP A 283 22.57 31.54 9.92
C ASP A 283 23.56 30.67 9.16
N ASN A 284 23.15 30.09 8.05
CA ASN A 284 24.07 29.19 7.43
C ASN A 284 25.24 29.75 6.69
N GLN A 285 25.18 31.03 6.39
CA GLN A 285 26.24 31.75 5.64
C GLN A 285 27.73 31.43 6.01
N HIS A 286 27.99 31.07 7.27
CA HIS A 286 29.37 30.80 7.58
C HIS A 286 29.97 29.56 6.98
N LEU A 287 29.13 28.63 6.51
CA LEU A 287 29.62 27.35 5.95
C LEU A 287 29.64 27.31 4.39
N VAL A 288 28.82 28.17 3.78
CA VAL A 288 28.65 28.31 2.32
C VAL A 288 29.80 29.15 1.73
N SER A 289 30.49 28.58 0.75
CA SER A 289 31.62 29.19 0.18
C SER A 289 31.71 28.86 -1.26
N PRO A 290 32.24 29.77 -2.05
CA PRO A 290 32.29 29.47 -3.46
C PRO A 290 32.69 28.01 -3.69
N GLU A 291 33.61 27.48 -2.87
CA GLU A 291 34.06 26.12 -3.07
C GLU A 291 33.00 25.17 -2.63
N ALA A 292 32.53 25.32 -1.40
CA ALA A 292 31.54 24.41 -0.92
C ALA A 292 30.51 24.27 -2.07
N ILE A 293 30.15 25.36 -2.71
CA ILE A 293 29.20 25.25 -3.78
C ILE A 293 29.70 24.48 -4.99
N ASP A 294 30.93 24.72 -5.41
CA ASP A 294 31.41 24.04 -6.59
C ASP A 294 31.33 22.56 -6.30
N PHE A 295 31.92 22.18 -5.16
CA PHE A 295 31.96 20.78 -4.72
C PHE A 295 30.55 20.25 -4.71
N LEU A 296 29.63 20.81 -3.92
CA LEU A 296 28.26 20.32 -3.92
C LEU A 296 27.80 20.14 -5.30
N ASP A 297 27.82 21.22 -6.06
CA ASP A 297 27.41 21.18 -7.42
C ASP A 297 27.92 20.04 -8.22
N LYS A 298 29.17 19.64 -8.01
CA LYS A 298 29.75 18.51 -8.73
C LYS A 298 29.41 17.12 -8.17
N LEU A 299 28.61 17.07 -7.10
CA LEU A 299 28.14 15.87 -6.46
C LEU A 299 26.73 15.63 -6.92
N LEU A 300 25.94 16.67 -6.93
CA LEU A 300 24.56 16.55 -7.29
C LEU A 300 24.23 16.69 -8.72
N ARG A 301 24.58 15.74 -9.58
CA ARG A 301 24.17 15.87 -10.98
C ARG A 301 23.21 14.77 -11.31
N TYR A 302 22.28 15.01 -12.21
CA TYR A 302 21.35 13.95 -12.54
C TYR A 302 22.13 12.75 -13.09
N ASP A 303 23.14 13.04 -13.90
CA ASP A 303 23.96 12.04 -14.52
C ASP A 303 25.05 11.54 -13.64
N HIS A 304 24.87 10.34 -13.12
CA HIS A 304 25.81 9.71 -12.24
C HIS A 304 27.20 9.65 -12.81
N GLN A 305 27.23 9.65 -14.13
CA GLN A 305 28.48 9.58 -14.87
C GLN A 305 29.22 10.84 -14.55
N GLU A 306 28.50 11.97 -14.58
CA GLU A 306 29.14 13.26 -14.32
C GLU A 306 29.42 13.68 -12.90
N ARG A 307 29.18 12.80 -11.93
CA ARG A 307 29.40 13.16 -10.55
C ARG A 307 30.86 12.97 -10.23
N LEU A 308 31.37 13.53 -9.15
CA LEU A 308 32.77 13.33 -8.83
C LEU A 308 32.93 11.95 -8.32
N THR A 309 34.15 11.48 -8.49
CA THR A 309 34.54 10.21 -8.03
C THR A 309 34.75 10.55 -6.61
N ALA A 310 35.01 9.54 -5.79
CA ALA A 310 35.31 9.82 -4.39
C ALA A 310 36.66 10.53 -4.45
N LEU A 311 37.60 9.83 -5.05
CA LEU A 311 38.96 10.30 -5.21
C LEU A 311 39.02 11.74 -5.73
N GLU A 312 38.31 11.99 -6.83
CA GLU A 312 38.32 13.27 -7.41
C GLU A 312 37.87 14.29 -6.42
N ALA A 313 36.90 13.95 -5.58
CA ALA A 313 36.37 14.90 -4.63
C ALA A 313 37.33 15.15 -3.49
N MET A 314 38.21 14.20 -3.27
CA MET A 314 39.16 14.34 -2.18
C MET A 314 40.25 15.24 -2.66
N THR A 315 40.03 16.06 -3.67
CA THR A 315 41.12 16.93 -4.16
C THR A 315 40.55 18.28 -4.46
N HIS A 316 39.25 18.39 -4.24
CA HIS A 316 38.57 19.60 -4.53
C HIS A 316 38.97 20.70 -3.63
N PRO A 317 39.11 21.89 -4.17
CA PRO A 317 39.51 23.07 -3.42
C PRO A 317 38.90 23.24 -2.03
N TYR A 318 37.78 22.59 -1.76
CA TYR A 318 37.14 22.68 -0.48
C TYR A 318 38.05 22.05 0.55
N PHE A 319 38.63 20.93 0.18
CA PHE A 319 39.46 20.16 1.10
C PHE A 319 40.88 20.53 1.21
N GLN A 320 41.32 21.47 0.39
CA GLN A 320 42.73 21.83 0.45
C GLN A 320 43.21 22.02 1.86
N GLN A 321 42.50 22.80 2.63
CA GLN A 321 42.95 23.03 3.96
C GLN A 321 43.13 21.74 4.67
N VAL A 322 42.07 20.94 4.77
CA VAL A 322 42.15 19.66 5.48
C VAL A 322 43.26 18.80 5.01
N ARG A 323 43.25 18.57 3.70
CA ARG A 323 44.25 17.74 3.08
C ARG A 323 45.65 18.16 3.54
N ALA A 324 45.84 19.45 3.83
CA ALA A 324 47.12 20.03 4.29
C ALA A 324 47.42 19.40 5.61
N ALA A 325 46.54 19.70 6.55
CA ALA A 325 46.62 19.22 7.91
C ALA A 325 46.98 17.76 7.99
N GLU A 326 46.72 17.06 6.88
CA GLU A 326 46.96 15.61 6.76
C GLU A 326 48.42 15.23 6.74
N ASN A 327 49.02 14.99 5.59
CA ASN A 327 50.42 14.62 5.65
C ASN A 327 51.04 15.82 6.38
N SER A 328 50.20 16.83 6.67
CA SER A 328 50.60 18.08 7.37
C SER A 328 51.69 18.87 6.59
N MET B 1 -22.80 -1.89 20.09
CA MET B 1 -23.84 -2.22 21.15
C MET B 1 -23.05 -2.06 22.47
N SER B 2 -22.32 -0.95 22.49
CA SER B 2 -21.49 -0.63 23.61
C SER B 2 -21.60 0.78 24.10
N LYS B 3 -21.27 0.87 25.38
CA LYS B 3 -21.21 2.06 26.19
C LYS B 3 -20.25 1.54 27.33
N ALA B 4 -19.44 2.47 27.89
CA ALA B 4 -18.46 2.24 28.97
C ALA B 4 -19.16 1.75 30.20
N ARG B 5 -18.53 0.90 30.99
CA ARG B 5 -19.26 0.46 32.17
C ARG B 5 -18.65 1.03 33.40
N VAL B 6 -17.91 2.12 33.28
CA VAL B 6 -17.23 2.73 34.42
C VAL B 6 -16.76 4.06 33.87
N TYR B 7 -17.00 5.13 34.61
CA TYR B 7 -16.52 6.42 34.18
C TYR B 7 -17.08 6.79 32.85
N ALA B 8 -18.33 6.54 32.57
CA ALA B 8 -18.87 6.85 31.24
C ALA B 8 -19.15 8.32 31.11
N ASP B 9 -19.29 8.95 32.25
CA ASP B 9 -19.66 10.30 32.18
C ASP B 9 -18.54 11.22 32.50
N VAL B 10 -17.43 10.64 32.87
CA VAL B 10 -16.36 11.49 33.29
C VAL B 10 -16.22 12.81 32.48
N ASN B 11 -16.79 12.92 31.26
CA ASN B 11 -16.67 14.20 30.53
C ASN B 11 -17.95 14.92 30.44
N VAL B 12 -19.04 14.15 30.52
CA VAL B 12 -20.39 14.71 30.46
C VAL B 12 -20.55 15.79 31.53
N LEU B 13 -20.26 15.40 32.78
CA LEU B 13 -20.40 16.31 33.93
C LEU B 13 -19.45 17.44 33.92
N ARG B 14 -18.26 17.24 33.39
CA ARG B 14 -17.27 18.30 33.38
C ARG B 14 -17.50 19.44 32.40
N PRO B 15 -16.99 20.63 32.80
CA PRO B 15 -17.11 21.83 31.98
C PRO B 15 -16.65 21.45 30.57
N LYS B 16 -17.29 22.00 29.57
CA LYS B 16 -16.90 21.67 28.22
C LYS B 16 -15.40 21.89 27.92
N GLU B 17 -14.81 22.99 28.36
CA GLU B 17 -13.41 23.17 28.01
C GLU B 17 -12.50 22.04 28.49
N TYR B 18 -12.96 21.29 29.52
CA TYR B 18 -12.19 20.18 30.06
C TYR B 18 -11.87 19.17 28.99
N TRP B 19 -12.82 18.90 28.09
CA TRP B 19 -12.58 17.93 27.04
C TRP B 19 -12.63 18.48 25.64
N ASP B 20 -13.08 19.71 25.50
CA ASP B 20 -13.13 20.39 24.20
C ASP B 20 -11.73 20.99 23.88
N TYR B 21 -10.81 20.11 23.56
CA TYR B 21 -9.45 20.47 23.33
C TYR B 21 -9.13 21.23 22.10
N GLU B 22 -10.01 21.33 21.13
CA GLU B 22 -9.55 22.17 20.00
C GLU B 22 -9.64 23.60 20.46
N ALA B 23 -10.46 23.78 21.45
CA ALA B 23 -10.67 25.07 22.01
C ALA B 23 -9.48 25.54 22.87
N LEU B 24 -8.51 24.66 23.08
CA LEU B 24 -7.31 24.95 23.88
C LEU B 24 -6.53 26.05 23.23
N THR B 25 -5.81 26.82 24.04
CA THR B 25 -4.96 27.84 23.45
C THR B 25 -3.60 27.67 24.17
N VAL B 26 -2.66 27.03 23.44
CA VAL B 26 -1.35 26.79 24.05
C VAL B 26 -0.67 28.09 24.55
N GLN B 27 -0.28 28.04 25.82
CA GLN B 27 0.40 29.13 26.49
C GLN B 27 1.88 28.83 26.60
N TRP B 28 2.59 29.13 25.48
CA TRP B 28 4.02 28.79 25.36
C TRP B 28 4.95 29.37 26.37
N GLY B 29 5.79 28.49 26.88
CA GLY B 29 6.80 28.87 27.84
C GLY B 29 8.06 29.25 27.09
N GLU B 30 9.16 29.28 27.85
CA GLU B 30 10.43 29.69 27.32
C GLU B 30 11.36 28.66 26.67
N GLN B 31 11.48 28.56 25.36
CA GLN B 31 12.47 27.65 24.83
C GLN B 31 13.82 27.81 25.65
N ASP B 32 14.50 28.97 25.44
CA ASP B 32 15.80 29.37 26.04
C ASP B 32 16.08 28.72 27.39
N ASP B 33 14.98 28.31 27.96
CA ASP B 33 14.93 27.64 29.24
C ASP B 33 15.55 26.29 29.20
N TYR B 34 15.67 25.72 28.00
CA TYR B 34 16.26 24.40 27.88
C TYR B 34 17.31 24.26 26.80
N GLU B 35 18.15 23.25 26.98
CA GLU B 35 19.17 23.01 26.00
C GLU B 35 19.06 21.50 25.61
N VAL B 36 19.34 21.13 24.37
CA VAL B 36 19.28 19.73 24.13
C VAL B 36 20.62 19.06 24.40
N VAL B 37 20.60 17.76 24.76
CA VAL B 37 21.89 17.01 25.01
C VAL B 37 22.15 15.77 24.17
N ARG B 38 21.14 14.91 23.98
CA ARG B 38 21.37 13.73 23.15
C ARG B 38 20.05 13.21 22.51
N LYS B 39 20.07 12.66 21.31
CA LYS B 39 18.80 12.16 20.89
C LYS B 39 18.63 10.85 21.73
N VAL B 40 17.39 10.49 21.98
CA VAL B 40 17.09 9.29 22.75
C VAL B 40 16.01 8.37 22.12
N GLY B 41 15.21 8.89 21.19
CA GLY B 41 14.20 8.04 20.62
C GLY B 41 13.58 8.76 19.46
N ARG B 42 12.78 8.08 18.65
CA ARG B 42 12.16 8.80 17.57
C ARG B 42 10.98 8.00 17.11
N GLY B 43 9.82 8.48 17.59
CA GLY B 43 8.51 7.90 17.27
C GLY B 43 7.87 8.36 15.92
N LYS B 44 6.80 7.66 15.50
CA LYS B 44 6.08 7.94 14.25
C LYS B 44 5.86 9.44 14.09
N TYR B 45 5.22 10.03 15.13
CA TYR B 45 4.87 11.46 15.14
C TYR B 45 5.79 12.41 15.89
N SER B 46 6.87 11.89 16.47
CA SER B 46 7.79 12.71 17.24
C SER B 46 9.25 12.24 17.22
N GLU B 47 10.10 13.11 17.79
CA GLU B 47 11.53 12.89 17.92
C GLU B 47 11.95 13.21 19.37
N VAL B 48 12.47 12.26 20.12
CA VAL B 48 12.78 12.55 21.51
C VAL B 48 14.23 12.76 21.88
N PHE B 49 14.48 13.85 22.55
CA PHE B 49 15.83 14.15 22.99
C PHE B 49 15.76 14.38 24.50
N GLU B 50 16.87 14.09 25.15
CA GLU B 50 17.02 14.31 26.54
C GLU B 50 17.59 15.70 26.44
N GLY B 51 17.09 16.55 27.32
CA GLY B 51 17.54 17.93 27.35
C GLY B 51 17.85 18.32 28.80
N ILE B 52 17.86 19.60 29.04
CA ILE B 52 18.14 20.07 30.36
C ILE B 52 17.60 21.47 30.55
N ASN B 53 17.32 21.69 31.83
CA ASN B 53 16.80 22.94 32.33
C ASN B 53 17.96 23.80 32.82
N VAL B 54 18.27 24.86 32.09
CA VAL B 54 19.39 25.67 32.49
C VAL B 54 19.12 26.36 33.81
N ASN B 55 17.85 26.72 34.08
CA ASN B 55 17.52 27.41 35.33
C ASN B 55 17.75 26.53 36.54
N ASN B 56 17.00 25.45 36.65
CA ASN B 56 17.12 24.52 37.80
C ASN B 56 18.13 23.37 37.67
N ASN B 57 18.71 23.20 36.48
CA ASN B 57 19.67 22.12 36.23
C ASN B 57 19.14 20.69 36.36
N GLU B 58 17.91 20.47 35.94
CA GLU B 58 17.31 19.16 35.98
C GLU B 58 17.17 18.54 34.60
N LYS B 59 17.41 17.22 34.53
CA LYS B 59 17.38 16.54 33.24
C LYS B 59 15.94 16.55 32.77
N CYS B 60 15.65 16.52 31.48
CA CYS B 60 14.27 16.50 31.08
C CYS B 60 14.19 15.84 29.71
N ILE B 61 12.99 15.48 29.26
CA ILE B 61 12.84 14.91 27.91
C ILE B 61 12.17 15.93 26.99
N ILE B 62 12.79 16.16 25.82
CA ILE B 62 12.25 17.11 24.86
C ILE B 62 11.70 16.24 23.79
N LYS B 63 10.41 16.44 23.49
CA LYS B 63 9.77 15.66 22.47
C LYS B 63 9.44 16.75 21.56
N ILE B 64 9.92 16.61 20.35
CA ILE B 64 9.65 17.53 19.29
C ILE B 64 8.60 16.91 18.35
N LEU B 65 7.36 17.40 18.44
CA LEU B 65 6.27 16.88 17.62
C LEU B 65 6.48 17.09 16.12
N LYS B 66 6.52 15.99 15.35
CA LYS B 66 6.68 16.02 13.91
C LYS B 66 5.34 16.62 13.41
N PRO B 67 5.30 17.02 12.12
CA PRO B 67 4.15 17.62 11.37
C PRO B 67 2.78 16.85 11.55
N VAL B 68 1.81 17.53 12.17
CA VAL B 68 0.53 16.88 12.37
C VAL B 68 -0.47 17.94 12.70
N LYS B 69 -1.75 17.65 12.43
CA LYS B 69 -2.80 18.59 12.67
C LYS B 69 -2.69 19.27 14.03
N LYS B 70 -2.73 20.58 14.00
CA LYS B 70 -2.68 21.28 15.24
C LYS B 70 -3.66 20.69 16.24
N LYS B 71 -4.85 20.30 15.79
CA LYS B 71 -5.83 19.75 16.71
C LYS B 71 -5.45 18.48 17.33
N LYS B 72 -4.45 17.81 16.74
CA LYS B 72 -3.98 16.52 17.25
C LYS B 72 -2.88 16.78 18.25
N ILE B 73 -2.54 18.04 18.42
CA ILE B 73 -1.53 18.38 19.38
C ILE B 73 -2.23 18.97 20.57
N LYS B 74 -3.24 19.78 20.30
CA LYS B 74 -3.93 20.42 21.39
C LYS B 74 -4.52 19.24 22.16
N ARG B 75 -4.69 18.11 21.49
CA ARG B 75 -5.26 16.99 22.25
C ARG B 75 -4.27 16.44 23.29
N GLU B 76 -3.08 16.06 22.78
CA GLU B 76 -2.02 15.53 23.59
C GLU B 76 -1.93 16.42 24.78
N ILE B 77 -1.52 17.65 24.47
CA ILE B 77 -1.33 18.73 25.43
C ILE B 77 -2.46 18.76 26.48
N LYS B 78 -3.71 18.94 26.03
CA LYS B 78 -4.84 19.01 26.95
C LYS B 78 -4.89 17.77 27.82
N ILE B 79 -4.92 16.60 27.19
CA ILE B 79 -4.98 15.36 27.92
C ILE B 79 -3.96 15.40 29.01
N LEU B 80 -2.73 15.80 28.61
CA LEU B 80 -1.54 15.84 29.50
C LEU B 80 -1.73 16.81 30.64
N GLN B 81 -2.21 18.01 30.32
CA GLN B 81 -2.45 18.93 31.37
C GLN B 81 -3.53 18.31 32.27
N ASN B 82 -4.58 17.71 31.69
CA ASN B 82 -5.65 17.07 32.48
C ASN B 82 -5.15 16.00 33.41
N LEU B 83 -4.23 15.19 32.95
CA LEU B 83 -3.70 14.17 33.81
C LEU B 83 -2.64 14.64 34.85
N CYS B 84 -1.76 15.56 34.45
CA CYS B 84 -0.66 16.07 35.28
C CYS B 84 -0.97 15.85 36.72
N GLY B 85 -0.04 15.21 37.41
CA GLY B 85 -0.24 14.98 38.82
C GLY B 85 -0.78 13.57 39.04
N GLY B 86 -1.47 13.06 38.02
CA GLY B 86 -2.03 11.74 38.19
C GLY B 86 -0.90 10.77 38.51
N PRO B 87 -1.17 9.81 39.40
CA PRO B 87 -0.25 8.77 39.83
C PRO B 87 0.33 8.01 38.59
N ASN B 88 1.65 7.90 38.59
CA ASN B 88 2.35 7.26 37.48
C ASN B 88 2.02 7.86 36.09
N ILE B 89 1.56 9.09 36.01
CA ILE B 89 1.32 9.65 34.71
C ILE B 89 2.54 10.45 34.28
N VAL B 90 3.01 10.32 33.04
CA VAL B 90 4.21 11.10 32.71
C VAL B 90 3.80 12.50 32.90
N LYS B 91 4.77 13.32 33.26
CA LYS B 91 4.47 14.70 33.51
C LYS B 91 4.93 15.75 32.57
N LEU B 92 3.97 16.46 31.93
CA LEU B 92 4.30 17.55 30.99
C LEU B 92 4.77 18.77 31.75
N LEU B 93 5.97 19.19 31.52
CA LEU B 93 6.49 20.28 32.30
C LEU B 93 6.35 21.63 31.68
N ASP B 94 6.08 21.68 30.39
CA ASP B 94 6.02 22.98 29.82
C ASP B 94 5.88 22.61 28.38
N ILE B 95 5.25 23.45 27.57
CA ILE B 95 5.19 23.16 26.14
C ILE B 95 5.90 24.39 25.46
N VAL B 96 6.77 24.23 24.47
CA VAL B 96 7.45 25.40 23.85
C VAL B 96 7.38 25.41 22.33
N ARG B 97 7.34 26.62 21.79
CA ARG B 97 7.25 26.82 20.34
C ARG B 97 8.65 27.24 20.09
N ASP B 98 8.83 28.02 19.04
CA ASP B 98 10.14 28.49 18.70
C ASP B 98 10.12 29.79 17.83
N GLN B 99 10.49 30.93 18.42
CA GLN B 99 10.48 32.22 17.69
C GLN B 99 10.56 32.03 16.14
N HIS B 100 11.51 31.25 15.63
CA HIS B 100 11.59 31.10 14.17
C HIS B 100 10.61 30.12 13.52
N SER B 101 11.04 28.86 13.41
CA SER B 101 10.29 27.77 12.77
C SER B 101 8.85 27.47 13.26
N LYS B 102 8.40 28.12 14.34
CA LYS B 102 7.05 27.89 14.87
C LYS B 102 7.02 26.37 14.86
N THR B 103 7.52 25.76 15.96
CA THR B 103 7.67 24.30 16.13
C THR B 103 7.54 23.84 17.54
N PRO B 104 6.34 23.38 17.91
CA PRO B 104 6.00 22.91 19.24
C PRO B 104 6.74 21.68 19.68
N SER B 105 7.07 21.69 20.96
CA SER B 105 7.77 20.63 21.60
C SER B 105 7.16 20.35 22.92
N LEU B 106 7.20 19.12 23.40
CA LEU B 106 6.65 18.89 24.73
C LEU B 106 7.84 18.55 25.59
N ILE B 107 8.02 19.26 26.69
CA ILE B 107 9.18 19.01 27.53
C ILE B 107 8.74 18.30 28.74
N PHE B 108 8.91 16.99 28.77
CA PHE B 108 8.49 16.22 29.93
C PHE B 108 9.49 16.08 31.03
N GLU B 109 9.04 15.41 32.09
CA GLU B 109 9.86 15.12 33.24
C GLU B 109 10.75 13.97 32.72
N TYR B 110 11.94 13.81 33.26
CA TYR B 110 12.80 12.76 32.78
C TYR B 110 12.58 11.45 33.56
N VAL B 111 12.68 10.32 32.89
CA VAL B 111 12.65 9.07 33.62
C VAL B 111 13.94 8.30 33.23
N ASN B 112 14.66 7.74 34.19
CA ASN B 112 15.74 7.00 33.65
C ASN B 112 15.03 5.73 33.44
N ASN B 113 15.18 5.16 32.23
CA ASN B 113 14.54 3.86 31.95
C ASN B 113 15.39 2.86 31.21
N THR B 114 14.99 1.59 31.33
CA THR B 114 15.70 0.49 30.63
C THR B 114 14.67 -0.15 29.67
N ASP B 115 15.06 -0.23 28.40
CA ASP B 115 14.17 -0.76 27.37
C ASP B 115 13.58 -2.00 27.91
N PHE B 116 12.28 -2.24 27.76
CA PHE B 116 11.76 -3.53 28.31
C PHE B 116 12.57 -4.72 27.87
N LYS B 117 12.87 -4.76 26.59
CA LYS B 117 13.58 -5.89 26.15
C LYS B 117 14.81 -6.21 26.94
N VAL B 118 15.42 -5.23 27.58
CA VAL B 118 16.52 -5.62 28.37
C VAL B 118 16.11 -5.63 29.82
N LEU B 119 15.13 -4.84 30.21
CA LEU B 119 14.73 -4.77 31.59
C LEU B 119 13.85 -5.97 32.12
N TYR B 120 12.76 -6.18 31.43
CA TYR B 120 11.85 -7.20 31.83
C TYR B 120 12.43 -8.51 32.19
N PRO B 121 13.13 -9.14 31.28
CA PRO B 121 13.64 -10.43 31.70
C PRO B 121 14.13 -10.26 33.17
N THR B 122 15.08 -9.35 33.41
CA THR B 122 15.57 -9.03 34.73
C THR B 122 14.56 -9.12 35.86
N LEU B 123 13.28 -8.93 35.61
CA LEU B 123 12.38 -8.90 36.72
C LEU B 123 11.94 -10.25 37.37
N THR B 124 11.50 -10.14 38.65
CA THR B 124 11.03 -11.27 39.47
C THR B 124 9.53 -11.29 39.56
N ASP B 125 8.99 -12.46 39.76
CA ASP B 125 7.57 -12.57 39.88
C ASP B 125 7.01 -11.33 40.54
N TYR B 126 7.59 -11.00 41.70
CA TYR B 126 7.15 -9.82 42.46
C TYR B 126 7.29 -8.55 41.63
N ASP B 127 8.53 -8.31 41.22
CA ASP B 127 8.82 -7.14 40.41
C ASP B 127 7.65 -6.90 39.44
N ILE B 128 7.28 -7.92 38.63
CA ILE B 128 6.20 -7.76 37.68
C ILE B 128 4.91 -7.37 38.41
N ARG B 129 4.47 -8.24 39.31
CA ARG B 129 3.25 -7.90 40.03
C ARG B 129 3.27 -6.43 40.39
N TYR B 130 4.37 -5.98 40.95
CA TYR B 130 4.44 -4.60 41.31
C TYR B 130 4.19 -3.58 40.14
N TYR B 131 5.07 -3.63 39.13
CA TYR B 131 5.00 -2.71 38.01
C TYR B 131 3.68 -2.66 37.31
N ILE B 132 2.97 -3.77 37.30
CA ILE B 132 1.63 -3.78 36.68
C ILE B 132 0.64 -3.14 37.63
N TYR B 133 0.80 -3.42 38.94
CA TYR B 133 -0.05 -2.77 39.93
C TYR B 133 0.24 -1.23 39.75
N GLU B 134 1.50 -0.85 39.48
CA GLU B 134 1.85 0.57 39.30
C GLU B 134 1.20 1.06 38.02
N LEU B 135 1.45 0.31 36.94
CA LEU B 135 0.88 0.64 35.66
C LEU B 135 -0.63 0.76 35.74
N LEU B 136 -1.26 0.04 36.67
CA LEU B 136 -2.69 0.01 36.86
C LEU B 136 -3.16 1.32 37.44
N LYS B 137 -2.43 1.86 38.42
CA LYS B 137 -2.83 3.11 39.06
C LYS B 137 -2.87 4.16 37.99
N ALA B 138 -1.94 4.07 37.04
CA ALA B 138 -1.96 5.05 35.97
C ALA B 138 -3.28 4.85 35.21
N LEU B 139 -3.51 3.70 34.59
CA LEU B 139 -4.74 3.55 33.83
C LEU B 139 -6.02 3.90 34.59
N ASP B 140 -6.15 3.47 35.85
CA ASP B 140 -7.42 3.74 36.56
C ASP B 140 -7.59 5.20 36.73
N TYR B 141 -6.50 5.86 37.05
CA TYR B 141 -6.57 7.26 37.25
C TYR B 141 -7.10 7.80 35.94
N CYS B 142 -6.22 7.88 34.95
CA CYS B 142 -6.63 8.46 33.71
C CYS B 142 -8.01 8.08 33.13
N HIS B 143 -8.49 6.87 33.35
CA HIS B 143 -9.76 6.48 32.81
C HIS B 143 -10.74 7.32 33.55
N SER B 144 -10.53 7.40 34.85
CA SER B 144 -11.42 8.12 35.77
C SER B 144 -11.51 9.52 35.40
N GLN B 145 -10.58 9.95 34.59
CA GLN B 145 -10.57 11.34 34.17
C GLN B 145 -11.13 11.51 32.76
N GLY B 146 -11.87 10.49 32.32
CA GLY B 146 -12.54 10.56 31.06
C GLY B 146 -11.67 10.23 29.89
N ILE B 147 -10.44 9.82 30.19
CA ILE B 147 -9.50 9.52 29.12
C ILE B 147 -9.14 8.06 28.93
N MET B 148 -8.86 7.75 27.64
CA MET B 148 -8.46 6.44 27.08
C MET B 148 -7.07 6.61 26.59
N HIS B 149 -6.14 5.82 27.04
CA HIS B 149 -4.80 6.03 26.55
C HIS B 149 -4.62 5.46 25.22
N ARG B 150 -5.56 4.71 24.73
CA ARG B 150 -5.40 4.06 23.43
C ARG B 150 -4.03 3.62 22.79
N ASP B 151 -2.95 3.36 23.51
CA ASP B 151 -1.71 2.81 22.89
C ASP B 151 -0.69 2.40 23.95
N VAL B 152 -1.11 1.39 24.72
CA VAL B 152 -0.39 0.78 25.83
C VAL B 152 0.43 -0.31 25.25
N LYS B 153 1.72 -0.35 25.55
CA LYS B 153 2.60 -1.43 25.09
C LYS B 153 3.91 -1.06 25.75
N PRO B 154 4.67 -2.03 26.23
CA PRO B 154 5.93 -1.76 26.88
C PRO B 154 6.63 -0.46 26.60
N HIS B 155 6.98 -0.25 25.33
CA HIS B 155 7.74 0.96 24.89
C HIS B 155 7.13 2.26 25.29
N ASN B 156 5.86 2.29 25.65
CA ASN B 156 5.30 3.51 26.14
C ASN B 156 5.26 3.60 27.68
N VAL B 157 5.81 2.64 28.41
CA VAL B 157 5.88 2.73 29.85
C VAL B 157 7.38 2.68 30.32
N MET B 158 7.80 3.81 30.92
CA MET B 158 9.13 4.01 31.42
C MET B 158 9.26 3.40 32.83
N ILE B 159 10.37 2.69 33.10
CA ILE B 159 10.57 2.17 34.44
C ILE B 159 11.96 2.49 34.89
N ASP B 160 12.05 3.16 36.04
CA ASP B 160 13.34 3.48 36.61
C ASP B 160 13.42 2.38 37.63
N HIS B 161 13.95 1.25 37.21
CA HIS B 161 14.07 0.18 38.14
C HIS B 161 14.87 0.52 39.43
N GLU B 162 15.90 1.36 39.29
CA GLU B 162 16.77 1.78 40.39
C GLU B 162 15.88 2.44 41.42
N LEU B 163 14.71 2.97 41.06
CA LEU B 163 13.81 3.61 42.02
C LEU B 163 12.42 3.00 42.03
N ARG B 164 12.25 1.80 41.48
CA ARG B 164 10.92 1.18 41.35
C ARG B 164 9.80 2.24 41.00
N LYS B 165 10.17 3.21 40.14
CA LYS B 165 9.30 4.34 39.66
C LYS B 165 8.75 4.08 38.28
N LEU B 166 7.52 4.43 38.00
CA LEU B 166 7.02 4.09 36.68
C LEU B 166 6.13 5.17 36.12
N ARG B 167 6.26 5.35 34.82
CA ARG B 167 5.48 6.39 34.18
C ARG B 167 4.87 5.83 32.92
N LEU B 168 3.61 6.20 32.62
CA LEU B 168 2.93 5.79 31.43
C LEU B 168 3.18 7.06 30.56
N ILE B 169 3.57 6.88 29.28
CA ILE B 169 3.90 8.02 28.35
C ILE B 169 3.19 7.98 26.93
N ASP B 170 3.48 8.91 25.97
CA ASP B 170 2.90 9.02 24.57
C ASP B 170 1.39 9.15 24.55
N TRP B 171 0.90 10.27 25.03
CA TRP B 171 -0.54 10.38 25.07
C TRP B 171 -1.02 10.84 23.74
N GLY B 172 -0.12 10.68 22.78
CA GLY B 172 -0.45 11.04 21.41
C GLY B 172 -1.61 10.23 20.84
N LEU B 173 -2.01 9.15 21.51
CA LEU B 173 -3.11 8.42 20.98
C LEU B 173 -4.25 8.48 21.95
N ALA B 174 -3.92 8.85 23.19
CA ALA B 174 -4.98 8.99 24.18
C ALA B 174 -6.05 9.92 23.59
N GLU B 175 -7.29 9.73 24.05
CA GLU B 175 -8.47 10.48 23.58
C GLU B 175 -9.51 10.46 24.69
N PHE B 176 -10.42 11.45 24.67
CA PHE B 176 -11.47 11.62 25.70
C PHE B 176 -12.54 10.62 25.47
N TYR B 177 -13.09 10.00 26.51
CA TYR B 177 -14.18 9.07 26.27
C TYR B 177 -15.50 9.80 26.47
N HIS B 178 -16.39 9.61 25.51
CA HIS B 178 -17.76 10.18 25.55
C HIS B 178 -18.69 8.99 25.28
N PRO B 179 -19.65 8.77 26.14
CA PRO B 179 -20.52 7.65 25.91
C PRO B 179 -21.11 7.62 24.51
N GLY B 180 -21.11 6.41 23.94
CA GLY B 180 -21.66 6.16 22.63
C GLY B 180 -20.91 6.71 21.46
N LYS B 181 -19.82 7.40 21.70
CA LYS B 181 -19.12 7.93 20.51
C LYS B 181 -18.51 6.79 19.67
N GLU B 182 -18.53 6.96 18.34
CA GLU B 182 -17.90 5.99 17.43
C GLU B 182 -16.50 6.53 17.15
N TYR B 183 -15.51 5.85 17.69
CA TYR B 183 -14.15 6.27 17.55
C TYR B 183 -13.44 5.60 16.41
N ASN B 184 -12.13 5.82 16.32
CA ASN B 184 -11.35 5.29 15.22
C ASN B 184 -10.58 4.04 15.61
N VAL B 185 -10.63 3.00 14.79
CA VAL B 185 -9.90 1.79 15.20
C VAL B 185 -8.48 1.68 14.77
N ARG B 186 -7.98 2.70 14.06
CA ARG B 186 -6.56 2.71 13.66
C ARG B 186 -5.82 3.36 14.84
N VAL B 187 -5.69 2.59 15.92
CA VAL B 187 -5.05 3.06 17.15
C VAL B 187 -4.23 1.94 17.76
N ALA B 188 -3.72 2.21 18.98
CA ALA B 188 -2.85 1.29 19.71
C ALA B 188 -1.79 0.86 18.74
N SER B 189 -1.08 -0.21 19.05
CA SER B 189 -0.06 -0.66 18.10
C SER B 189 -0.43 -2.10 17.75
N ARG B 190 -0.25 -2.49 16.50
CA ARG B 190 -0.65 -3.83 16.07
C ARG B 190 -0.87 -4.84 17.16
N TYR B 191 0.20 -5.52 17.47
CA TYR B 191 0.28 -6.47 18.54
C TYR B 191 -0.71 -6.21 19.71
N PHE B 192 -0.89 -4.96 20.09
CA PHE B 192 -1.71 -4.68 21.24
C PHE B 192 -3.09 -4.09 21.03
N LYS B 193 -3.61 -4.26 19.81
CA LYS B 193 -4.94 -3.76 19.46
C LYS B 193 -5.83 -4.83 20.01
N GLY B 194 -6.98 -4.40 20.50
CA GLY B 194 -7.93 -5.33 21.06
C GLY B 194 -8.83 -5.77 19.96
N PRO B 195 -9.56 -6.83 20.23
CA PRO B 195 -10.46 -7.33 19.18
C PRO B 195 -11.38 -6.27 18.62
N GLU B 196 -11.94 -5.46 19.48
CA GLU B 196 -12.82 -4.47 18.98
C GLU B 196 -12.19 -3.67 17.87
N LEU B 197 -10.94 -3.25 17.98
CA LEU B 197 -10.37 -2.48 16.87
C LEU B 197 -10.22 -3.39 15.64
N LEU B 198 -10.02 -4.70 15.84
CA LEU B 198 -9.80 -5.61 14.70
C LEU B 198 -11.01 -6.09 13.96
N VAL B 199 -12.19 -5.85 14.52
CA VAL B 199 -13.46 -6.26 13.90
C VAL B 199 -14.33 -5.01 13.69
N ASP B 200 -13.68 -3.87 13.82
CA ASP B 200 -14.38 -2.64 13.64
C ASP B 200 -15.54 -2.30 14.54
N LEU B 201 -15.36 -2.35 15.84
CA LEU B 201 -16.48 -2.04 16.70
C LEU B 201 -16.10 -0.69 17.18
N GLN B 202 -16.44 0.36 16.43
CA GLN B 202 -16.02 1.71 16.78
C GLN B 202 -16.43 2.41 18.05
N ASP B 203 -17.56 2.10 18.63
CA ASP B 203 -17.87 2.79 19.88
C ASP B 203 -17.19 2.03 21.03
N TYR B 204 -15.87 2.07 21.07
CA TYR B 204 -15.15 1.33 22.10
C TYR B 204 -15.01 2.22 23.33
N ASP B 205 -14.34 1.71 24.38
CA ASP B 205 -14.17 2.50 25.61
C ASP B 205 -12.82 2.27 26.30
N TYR B 206 -12.67 2.63 27.56
CA TYR B 206 -11.43 2.37 28.31
C TYR B 206 -11.06 0.87 28.14
N SER B 207 -12.04 0.00 28.15
CA SER B 207 -11.79 -1.42 27.95
C SER B 207 -10.54 -1.76 27.04
N LEU B 208 -10.38 -0.97 25.97
CA LEU B 208 -9.32 -1.15 25.02
C LEU B 208 -8.04 -1.18 25.76
N ASP B 209 -7.82 -0.24 26.65
CA ASP B 209 -6.57 -0.28 27.28
C ASP B 209 -6.38 -1.56 28.02
N MET B 210 -7.47 -2.15 28.54
CA MET B 210 -7.34 -3.38 29.34
C MET B 210 -6.78 -4.47 28.55
N TRP B 211 -7.25 -4.62 27.32
CA TRP B 211 -6.67 -5.65 26.49
C TRP B 211 -5.15 -5.36 26.26
N SER B 212 -4.76 -4.11 26.02
CA SER B 212 -3.35 -3.91 25.80
C SER B 212 -2.70 -4.40 27.02
N LEU B 213 -3.14 -3.97 28.19
CA LEU B 213 -2.50 -4.45 29.42
C LEU B 213 -2.50 -5.95 29.34
N GLY B 214 -3.57 -6.47 28.81
CA GLY B 214 -3.67 -7.90 28.67
C GLY B 214 -2.46 -8.41 27.96
N CYS B 215 -2.27 -8.10 26.67
CA CYS B 215 -1.08 -8.60 25.94
C CYS B 215 0.20 -8.31 26.70
N MET B 216 0.42 -7.06 27.03
CA MET B 216 1.65 -6.64 27.75
C MET B 216 1.99 -7.59 28.88
N PHE B 217 1.06 -7.79 29.81
CA PHE B 217 1.22 -8.68 30.98
C PHE B 217 1.37 -10.19 30.53
N ALA B 218 0.47 -10.63 29.65
CA ALA B 218 0.53 -11.97 29.13
C ALA B 218 1.96 -12.18 28.68
N GLY B 219 2.49 -11.33 27.81
CA GLY B 219 3.84 -11.57 27.35
C GLY B 219 4.93 -11.50 28.41
N MET B 220 4.67 -10.79 29.47
CA MET B 220 5.75 -10.68 30.40
C MET B 220 5.93 -11.95 31.23
N ILE B 221 4.84 -12.53 31.72
CA ILE B 221 4.92 -13.75 32.53
C ILE B 221 5.32 -14.93 31.65
N PHE B 222 4.89 -14.96 30.41
CA PHE B 222 5.20 -16.06 29.60
C PHE B 222 6.47 -15.91 28.83
N ARG B 223 6.99 -14.71 28.84
CA ARG B 223 8.24 -14.42 28.11
C ARG B 223 8.08 -14.78 26.71
N LYS B 224 7.23 -14.02 26.05
CA LYS B 224 6.91 -14.24 24.65
C LYS B 224 6.38 -12.95 23.93
N GLU B 225 7.13 -11.83 23.98
CA GLU B 225 6.70 -10.62 23.33
C GLU B 225 7.10 -10.69 21.88
N PRO B 226 6.19 -10.34 20.98
CA PRO B 226 4.84 -9.89 21.28
C PRO B 226 4.04 -11.21 21.52
N PHE B 227 3.03 -11.18 22.39
CA PHE B 227 2.28 -12.39 22.64
C PHE B 227 1.58 -12.77 21.37
N PHE B 228 0.69 -11.89 20.91
CA PHE B 228 -0.02 -12.10 19.65
C PHE B 228 0.80 -11.29 18.69
N TYR B 229 1.42 -11.99 17.72
CA TYR B 229 2.32 -11.45 16.71
C TYR B 229 1.68 -11.42 15.32
N GLY B 230 0.89 -10.39 15.04
CA GLY B 230 0.28 -10.29 13.74
C GLY B 230 1.26 -9.65 12.81
N HIS B 231 1.15 -10.00 11.53
CA HIS B 231 2.03 -9.33 10.58
C HIS B 231 1.14 -8.23 10.05
N ASP B 232 -0.15 -8.39 10.28
CA ASP B 232 -1.07 -7.42 9.80
C ASP B 232 -2.38 -7.45 10.55
N ASN B 233 -3.06 -6.31 10.57
CA ASN B 233 -4.29 -6.19 11.29
C ASN B 233 -5.15 -7.41 11.19
N HIS B 234 -5.47 -7.84 10.00
CA HIS B 234 -6.28 -9.06 9.89
C HIS B 234 -5.59 -10.21 10.70
N ASP B 235 -4.32 -10.44 10.36
CA ASP B 235 -3.53 -11.51 10.98
C ASP B 235 -3.60 -11.44 12.48
N GLN B 236 -3.57 -10.21 12.99
CA GLN B 236 -3.58 -10.07 14.41
C GLN B 236 -4.78 -10.82 14.99
N LEU B 237 -5.98 -10.49 14.50
CA LEU B 237 -7.20 -11.13 15.00
C LEU B 237 -7.01 -12.60 14.87
N VAL B 238 -6.47 -12.99 13.74
CA VAL B 238 -6.29 -14.39 13.57
C VAL B 238 -5.45 -14.94 14.73
N LYS B 239 -4.24 -14.40 14.89
CA LYS B 239 -3.35 -14.91 15.86
C LYS B 239 -4.06 -14.87 17.18
N ILE B 240 -5.00 -13.96 17.39
CA ILE B 240 -5.71 -13.94 18.69
C ILE B 240 -6.70 -15.12 18.80
N ALA B 241 -7.30 -15.42 17.68
CA ALA B 241 -8.26 -16.50 17.61
C ALA B 241 -7.60 -17.89 17.99
N LYS B 242 -6.42 -18.12 17.43
CA LYS B 242 -5.73 -19.36 17.68
C LYS B 242 -5.34 -19.51 19.17
N VAL B 243 -5.77 -18.57 20.01
CA VAL B 243 -5.37 -18.69 21.39
C VAL B 243 -6.63 -18.59 22.20
N LEU B 244 -7.49 -17.64 21.90
CA LEU B 244 -8.74 -17.56 22.67
C LEU B 244 -9.80 -18.47 22.01
N GLY B 245 -9.48 -19.01 20.82
CA GLY B 245 -10.39 -19.93 20.13
C GLY B 245 -11.61 -19.23 19.55
N THR B 246 -11.95 -19.58 18.31
CA THR B 246 -13.03 -18.95 17.57
C THR B 246 -14.47 -19.01 18.20
N ASP B 247 -14.76 -20.08 18.94
CA ASP B 247 -16.08 -20.24 19.60
C ASP B 247 -16.46 -19.06 20.51
N GLY B 248 -15.47 -18.24 20.80
CA GLY B 248 -15.73 -17.07 21.59
C GLY B 248 -15.80 -15.88 20.66
N LEU B 249 -14.92 -15.86 19.66
CA LEU B 249 -14.94 -14.77 18.72
C LEU B 249 -16.37 -14.64 18.14
N ASN B 250 -17.06 -15.78 18.03
CA ASN B 250 -18.37 -15.75 17.47
C ASN B 250 -19.41 -15.27 18.35
N VAL B 251 -19.42 -15.80 19.55
CA VAL B 251 -20.39 -15.37 20.55
C VAL B 251 -20.34 -13.87 20.66
N TYR B 252 -19.11 -13.34 20.61
CA TYR B 252 -18.78 -11.90 20.72
C TYR B 252 -19.44 -11.14 19.60
N LEU B 253 -19.13 -11.62 18.41
CA LEU B 253 -19.64 -11.02 17.22
C LEU B 253 -21.14 -10.91 17.19
N ASN B 254 -21.82 -11.95 17.60
CA ASN B 254 -23.26 -11.86 17.59
C ASN B 254 -23.72 -10.89 18.65
N LYS B 255 -23.19 -11.00 19.83
CA LYS B 255 -23.60 -10.07 20.86
C LYS B 255 -23.59 -8.63 20.35
N TYR B 256 -22.59 -8.23 19.58
CA TYR B 256 -22.57 -6.84 19.19
C TYR B 256 -23.04 -6.62 17.76
N ARG B 257 -23.68 -7.65 17.22
CA ARG B 257 -24.19 -7.64 15.83
C ARG B 257 -23.06 -7.31 14.83
N ILE B 258 -21.80 -7.59 15.15
CA ILE B 258 -20.69 -7.27 14.26
C ILE B 258 -20.50 -8.35 13.15
N GLU B 259 -20.08 -7.94 11.97
CA GLU B 259 -19.93 -8.89 10.90
C GLU B 259 -18.54 -8.93 10.31
N LEU B 260 -17.88 -10.09 10.33
CA LEU B 260 -16.51 -10.18 9.79
C LEU B 260 -16.50 -10.01 8.28
N ASP B 261 -15.59 -9.22 7.73
CA ASP B 261 -15.57 -9.09 6.27
C ASP B 261 -15.37 -10.49 5.98
N PRO B 262 -16.01 -11.03 4.95
CA PRO B 262 -15.73 -12.45 4.71
C PRO B 262 -14.28 -12.28 4.45
N GLN B 263 -13.58 -13.37 4.31
CA GLN B 263 -12.16 -13.31 4.04
C GLN B 263 -11.50 -13.18 5.37
N LEU B 264 -11.83 -12.15 6.13
CA LEU B 264 -11.20 -12.09 7.42
C LEU B 264 -11.77 -13.35 8.05
N GLU B 265 -13.06 -13.57 7.79
CA GLU B 265 -13.69 -14.77 8.32
C GLU B 265 -12.83 -15.90 7.89
N ALA B 266 -12.63 -15.94 6.60
CA ALA B 266 -11.83 -16.99 6.06
C ALA B 266 -10.58 -17.15 6.89
N LEU B 267 -9.60 -16.24 6.67
CA LEU B 267 -8.26 -16.27 7.32
C LEU B 267 -8.27 -16.75 8.76
N VAL B 268 -9.28 -16.33 9.52
CA VAL B 268 -9.43 -16.71 10.91
C VAL B 268 -9.73 -18.23 10.85
N GLY B 269 -10.92 -18.59 10.41
CA GLY B 269 -11.20 -20.00 10.38
C GLY B 269 -11.70 -20.53 11.71
N ARG B 270 -11.75 -21.85 11.81
CA ARG B 270 -12.21 -22.48 13.05
C ARG B 270 -10.98 -22.84 13.87
N HIS B 271 -11.00 -22.54 15.18
CA HIS B 271 -9.87 -22.80 16.07
C HIS B 271 -10.40 -22.96 17.46
N SER B 272 -9.80 -23.89 18.17
CA SER B 272 -10.25 -24.12 19.53
C SER B 272 -9.41 -23.23 20.39
N ARG B 273 -9.92 -22.92 21.58
CA ARG B 273 -9.14 -22.11 22.51
C ARG B 273 -7.95 -22.86 23.16
N LYS B 274 -6.82 -22.18 23.31
CA LYS B 274 -5.63 -22.77 23.93
C LYS B 274 -5.57 -22.25 25.33
N PRO B 275 -5.70 -23.11 26.34
CA PRO B 275 -5.64 -22.71 27.75
C PRO B 275 -4.23 -22.23 28.18
N TRP B 276 -4.27 -21.14 28.96
CA TRP B 276 -3.07 -20.46 29.41
C TRP B 276 -1.93 -21.30 29.85
N LEU B 277 -2.21 -22.40 30.53
CA LEU B 277 -1.12 -23.24 30.94
C LEU B 277 -0.25 -23.77 29.81
N LYS B 278 -0.76 -23.78 28.59
CA LYS B 278 0.09 -24.28 27.49
C LYS B 278 1.14 -23.28 27.02
N PHE B 279 1.42 -22.31 27.90
CA PHE B 279 2.43 -21.29 27.63
C PHE B 279 3.43 -21.30 28.77
N MET B 280 3.14 -22.10 29.80
CA MET B 280 4.05 -22.18 30.93
C MET B 280 5.14 -23.12 30.51
N ASN B 281 6.30 -22.54 30.21
CA ASN B 281 7.49 -23.25 29.77
C ASN B 281 8.34 -23.32 31.03
N ALA B 282 9.51 -23.92 30.91
CA ALA B 282 10.42 -24.10 32.06
C ALA B 282 11.02 -22.77 32.47
N ASP B 283 11.49 -22.04 31.47
CA ASP B 283 12.12 -20.75 31.64
C ASP B 283 11.21 -19.68 32.21
N ASN B 284 9.92 -19.84 32.05
CA ASN B 284 9.02 -18.83 32.55
C ASN B 284 8.22 -19.20 33.79
N GLN B 285 8.30 -20.47 34.12
CA GLN B 285 7.55 -21.03 35.23
C GLN B 285 7.57 -20.29 36.57
N HIS B 286 8.61 -19.59 36.83
CA HIS B 286 8.62 -18.89 38.09
C HIS B 286 7.66 -17.71 38.17
N LEU B 287 7.09 -17.26 37.05
CA LEU B 287 6.24 -16.06 37.00
C LEU B 287 4.75 -16.37 36.90
N VAL B 288 4.51 -17.58 36.38
CA VAL B 288 3.19 -18.11 36.14
C VAL B 288 2.56 -18.69 37.44
N SER B 289 1.36 -18.25 37.76
CA SER B 289 0.76 -18.68 38.95
C SER B 289 -0.72 -18.73 38.79
N PRO B 290 -1.37 -19.65 39.47
CA PRO B 290 -2.82 -19.74 39.35
C PRO B 290 -3.48 -18.38 39.31
N GLU B 291 -2.97 -17.40 40.06
CA GLU B 291 -3.51 -16.02 40.05
C GLU B 291 -3.14 -15.23 38.78
N ALA B 292 -1.84 -15.21 38.45
CA ALA B 292 -1.37 -14.49 37.28
C ALA B 292 -2.29 -14.94 36.17
N ILE B 293 -2.60 -16.24 36.13
CA ILE B 293 -3.49 -16.75 35.07
C ILE B 293 -4.96 -16.21 35.18
N ASP B 294 -5.54 -16.17 36.38
CA ASP B 294 -6.91 -15.71 36.53
C ASP B 294 -6.96 -14.30 36.07
N PHE B 295 -6.05 -13.50 36.63
CA PHE B 295 -5.93 -12.10 36.27
C PHE B 295 -5.72 -11.99 34.76
N LEU B 296 -4.68 -12.59 34.16
CA LEU B 296 -4.52 -12.43 32.72
C LEU B 296 -5.84 -12.72 32.06
N ASP B 297 -6.34 -13.94 32.26
CA ASP B 297 -7.61 -14.39 31.70
C ASP B 297 -8.74 -13.38 31.82
N LYS B 298 -8.82 -12.65 32.91
CA LYS B 298 -9.86 -11.64 33.04
C LYS B 298 -9.57 -10.28 32.31
N LEU B 299 -8.39 -10.16 31.68
CA LEU B 299 -7.97 -8.99 30.91
C LEU B 299 -8.23 -9.33 29.45
N LEU B 300 -7.81 -10.50 29.05
CA LEU B 300 -7.96 -10.90 27.69
C LEU B 300 -9.30 -11.52 27.22
N ARG B 301 -10.38 -10.73 27.19
CA ARG B 301 -11.66 -11.27 26.70
C ARG B 301 -12.09 -10.56 25.43
N TYR B 302 -12.74 -11.28 24.52
CA TYR B 302 -13.09 -10.66 23.26
C TYR B 302 -13.96 -9.53 23.59
N ASP B 303 -14.81 -9.73 24.55
CA ASP B 303 -15.79 -8.72 24.93
C ASP B 303 -15.21 -7.71 25.91
N HIS B 304 -14.95 -6.51 25.42
CA HIS B 304 -14.42 -5.39 26.25
C HIS B 304 -15.28 -5.14 27.54
N GLN B 305 -16.58 -5.44 27.45
CA GLN B 305 -17.51 -5.29 28.53
C GLN B 305 -17.06 -6.26 29.61
N GLU B 306 -16.77 -7.47 29.25
CA GLU B 306 -16.34 -8.36 30.29
C GLU B 306 -14.88 -8.26 30.80
N ARG B 307 -14.09 -7.29 30.31
CA ARG B 307 -12.71 -7.22 30.83
C ARG B 307 -12.68 -6.60 32.26
N LEU B 308 -11.57 -6.69 32.99
CA LEU B 308 -11.60 -6.11 34.31
C LEU B 308 -11.51 -4.65 34.12
N THR B 309 -11.94 -3.91 35.11
CA THR B 309 -11.85 -2.45 35.09
C THR B 309 -10.43 -2.34 35.60
N ALA B 310 -9.86 -1.14 35.56
CA ALA B 310 -8.54 -0.94 36.08
C ALA B 310 -8.68 -1.29 37.57
N LEU B 311 -9.58 -0.53 38.21
CA LEU B 311 -9.88 -0.64 39.63
C LEU B 311 -10.06 -2.06 40.09
N GLU B 312 -10.90 -2.77 39.34
CA GLU B 312 -11.21 -4.14 39.65
C GLU B 312 -9.96 -4.95 39.67
N ALA B 313 -9.07 -4.68 38.72
CA ALA B 313 -7.88 -5.46 38.63
C ALA B 313 -6.94 -5.09 39.70
N MET B 314 -7.10 -3.91 40.25
CA MET B 314 -6.16 -3.55 41.31
C MET B 314 -6.59 -4.22 42.59
N THR B 315 -7.37 -5.30 42.51
CA THR B 315 -7.80 -5.92 43.75
C THR B 315 -7.66 -7.41 43.58
N HIS B 316 -7.22 -7.76 42.41
CA HIS B 316 -7.10 -9.15 42.11
C HIS B 316 -6.10 -9.83 42.98
N PRO B 317 -6.38 -11.06 43.37
CA PRO B 317 -5.49 -11.85 44.21
C PRO B 317 -4.00 -11.74 43.85
N TYR B 318 -3.71 -11.46 42.58
CA TYR B 318 -2.34 -11.35 42.12
C TYR B 318 -1.66 -10.27 42.92
N PHE B 319 -2.34 -9.14 43.08
CA PHE B 319 -1.73 -7.97 43.73
C PHE B 319 -1.77 -7.90 45.22
N GLN B 320 -2.51 -8.83 45.85
CA GLN B 320 -2.61 -8.79 47.32
C GLN B 320 -1.26 -8.48 47.97
N GLN B 321 -0.24 -9.24 47.61
CA GLN B 321 1.03 -8.99 48.22
C GLN B 321 1.40 -7.54 48.09
N VAL B 322 1.50 -7.07 46.85
CA VAL B 322 1.88 -5.67 46.64
C VAL B 322 1.01 -4.68 47.35
N ARG B 323 -0.28 -4.81 47.12
CA ARG B 323 -1.22 -3.91 47.73
C ARG B 323 -0.96 -3.84 49.24
N ALA B 324 -0.38 -4.91 49.83
CA ALA B 324 -0.05 -4.99 51.28
C ALA B 324 1.00 -3.97 51.52
N ALA B 325 2.10 -4.18 50.84
CA ALA B 325 3.25 -3.30 50.90
C ALA B 325 3.04 -1.79 50.84
N GLU B 326 1.92 -1.28 50.36
CA GLU B 326 1.68 0.21 50.41
C GLU B 326 1.12 0.59 51.85
N ASN B 327 0.13 -0.21 52.28
CA ASN B 327 -0.57 -0.09 53.56
C ASN B 327 0.46 -0.01 54.65
N SER B 328 1.27 -1.09 54.74
CA SER B 328 2.37 -1.40 55.73
C SER B 328 1.90 -1.18 57.22
N MET C 1 -18.26 19.40 12.22
CA MET C 1 -19.61 20.09 11.99
C MET C 1 -20.28 19.60 10.65
N SER C 2 -21.65 19.62 10.60
CA SER C 2 -22.50 19.31 9.43
C SER C 2 -23.83 18.59 9.68
N LYS C 3 -24.79 18.81 8.79
CA LYS C 3 -26.10 18.19 8.80
C LYS C 3 -26.88 18.67 7.56
N ALA C 4 -27.58 17.72 6.98
CA ALA C 4 -28.33 17.85 5.75
C ALA C 4 -29.18 19.06 5.70
N ARG C 5 -29.42 19.67 4.56
CA ARG C 5 -30.32 20.80 4.65
C ARG C 5 -31.59 20.52 3.91
N VAL C 6 -31.90 19.25 3.69
CA VAL C 6 -33.10 18.85 2.94
C VAL C 6 -33.24 17.37 3.28
N TYR C 7 -34.45 16.89 3.55
CA TYR C 7 -34.55 15.49 3.78
C TYR C 7 -33.67 14.96 4.91
N ALA C 8 -33.56 15.68 6.04
CA ALA C 8 -32.70 15.20 7.12
C ALA C 8 -33.35 14.22 8.01
N ASP C 9 -34.65 14.35 8.15
CA ASP C 9 -35.39 13.42 9.01
C ASP C 9 -35.99 12.20 8.38
N VAL C 10 -36.06 12.21 7.06
CA VAL C 10 -36.68 11.15 6.36
C VAL C 10 -36.58 9.80 6.99
N ASN C 11 -35.43 9.35 7.46
CA ASN C 11 -35.42 8.05 8.11
C ASN C 11 -35.89 8.14 9.56
N VAL C 12 -35.64 9.27 10.22
CA VAL C 12 -36.07 9.47 11.62
C VAL C 12 -37.54 9.14 11.76
N LEU C 13 -38.36 9.73 10.90
CA LEU C 13 -39.80 9.56 10.93
C LEU C 13 -40.20 8.20 10.51
N ARG C 14 -39.46 7.59 9.62
CA ARG C 14 -39.84 6.26 9.17
C ARG C 14 -39.63 5.09 10.13
N PRO C 15 -40.43 4.05 9.92
CA PRO C 15 -40.37 2.85 10.76
C PRO C 15 -38.95 2.38 10.78
N LYS C 16 -38.48 1.92 11.91
CA LYS C 16 -37.11 1.46 11.99
C LYS C 16 -36.72 0.47 10.92
N GLU C 17 -37.57 -0.49 10.61
CA GLU C 17 -37.13 -1.45 9.61
C GLU C 17 -36.85 -0.85 8.27
N TYR C 18 -37.46 0.29 7.98
CA TYR C 18 -37.24 1.01 6.71
C TYR C 18 -35.76 1.24 6.38
N TRP C 19 -34.96 1.55 7.39
CA TRP C 19 -33.54 1.82 7.22
C TRP C 19 -32.64 0.89 8.01
N ASP C 20 -33.22 0.08 8.89
CA ASP C 20 -32.46 -0.87 9.69
C ASP C 20 -32.31 -2.13 8.84
N TYR C 21 -31.46 -1.99 7.86
CA TYR C 21 -31.25 -3.04 6.92
C TYR C 21 -30.53 -4.28 7.36
N GLU C 22 -29.83 -4.29 8.47
CA GLU C 22 -29.20 -5.57 8.77
C GLU C 22 -30.33 -6.48 9.24
N ALA C 23 -31.42 -5.82 9.61
CA ALA C 23 -32.58 -6.50 10.11
C ALA C 23 -33.40 -7.20 9.03
N LEU C 24 -33.01 -6.93 7.79
CA LEU C 24 -33.70 -7.47 6.62
C LEU C 24 -33.56 -8.98 6.60
N THR C 25 -34.48 -9.63 5.96
CA THR C 25 -34.33 -11.03 5.84
C THR C 25 -34.67 -11.34 4.40
N VAL C 26 -33.62 -11.54 3.59
CA VAL C 26 -33.83 -11.78 2.16
C VAL C 26 -34.80 -12.93 1.85
N GLN C 27 -35.78 -12.59 1.04
CA GLN C 27 -36.78 -13.52 0.60
C GLN C 27 -36.51 -14.00 -0.85
N TRP C 28 -35.52 -14.87 -1.02
CA TRP C 28 -35.09 -15.39 -2.29
C TRP C 28 -36.10 -15.97 -3.16
N GLY C 29 -36.03 -15.58 -4.41
CA GLY C 29 -36.93 -16.08 -5.43
C GLY C 29 -36.25 -17.24 -6.14
N GLU C 30 -36.82 -17.66 -7.23
CA GLU C 30 -36.27 -18.83 -7.89
C GLU C 30 -35.23 -18.68 -8.92
N GLN C 31 -34.05 -19.18 -8.68
CA GLN C 31 -33.03 -19.09 -9.75
C GLN C 31 -33.44 -19.62 -11.14
N ASP C 32 -33.75 -20.91 -11.20
CA ASP C 32 -34.15 -21.62 -12.42
C ASP C 32 -35.09 -20.76 -13.25
N ASP C 33 -35.52 -19.69 -12.65
CA ASP C 33 -36.33 -18.77 -13.33
C ASP C 33 -35.50 -17.99 -14.34
N TYR C 34 -34.19 -18.06 -14.22
CA TYR C 34 -33.29 -17.32 -15.11
C TYR C 34 -32.21 -18.13 -15.78
N GLU C 35 -31.79 -17.67 -16.92
CA GLU C 35 -30.72 -18.35 -17.58
C GLU C 35 -29.72 -17.23 -17.88
N VAL C 36 -28.45 -17.55 -17.85
CA VAL C 36 -27.35 -16.66 -18.12
C VAL C 36 -27.13 -16.65 -19.65
N VAL C 37 -26.72 -15.51 -20.24
CA VAL C 37 -26.43 -15.46 -21.68
C VAL C 37 -25.08 -14.95 -22.15
N ARG C 38 -24.57 -13.86 -21.54
CA ARG C 38 -23.29 -13.26 -21.94
C ARG C 38 -22.79 -12.39 -20.82
N LYS C 39 -21.49 -12.34 -20.62
CA LYS C 39 -21.00 -11.46 -19.56
C LYS C 39 -21.13 -10.06 -20.14
N VAL C 40 -21.38 -9.08 -19.33
CA VAL C 40 -21.43 -7.72 -19.85
C VAL C 40 -20.65 -6.67 -19.00
N GLY C 41 -20.25 -7.01 -17.77
CA GLY C 41 -19.50 -6.04 -17.00
C GLY C 41 -18.93 -6.76 -15.83
N ARG C 42 -17.97 -6.17 -15.12
CA ARG C 42 -17.40 -6.80 -13.94
C ARG C 42 -16.80 -5.79 -13.03
N GLY C 43 -17.62 -5.34 -12.08
CA GLY C 43 -17.20 -4.35 -11.09
C GLY C 43 -16.43 -4.89 -9.86
N LYS C 44 -15.87 -3.99 -9.04
CA LYS C 44 -15.09 -4.35 -7.83
C LYS C 44 -15.72 -5.45 -6.99
N TYR C 45 -16.99 -5.24 -6.69
CA TYR C 45 -17.75 -6.13 -5.85
C TYR C 45 -18.74 -7.07 -6.52
N SER C 46 -18.86 -6.98 -7.85
CA SER C 46 -19.80 -7.83 -8.61
C SER C 46 -19.35 -8.21 -10.00
N GLU C 47 -20.16 -9.03 -10.63
CA GLU C 47 -19.89 -9.47 -11.96
C GLU C 47 -21.22 -9.35 -12.68
N VAL C 48 -21.29 -8.69 -13.83
CA VAL C 48 -22.59 -8.55 -14.46
C VAL C 48 -22.82 -9.31 -15.75
N PHE C 49 -23.93 -10.04 -15.80
CA PHE C 49 -24.25 -10.83 -16.98
C PHE C 49 -25.62 -10.42 -17.45
N GLU C 50 -25.88 -10.61 -18.72
CA GLU C 50 -27.17 -10.31 -19.26
C GLU C 50 -27.71 -11.76 -19.20
N GLY C 51 -28.94 -11.96 -18.70
CA GLY C 51 -29.52 -13.27 -18.63
C GLY C 51 -30.87 -13.13 -19.21
N ILE C 52 -31.75 -14.02 -18.84
CA ILE C 52 -33.16 -14.01 -19.31
C ILE C 52 -34.18 -14.71 -18.34
N ASN C 53 -35.43 -14.30 -18.48
CA ASN C 53 -36.44 -14.84 -17.66
C ASN C 53 -37.11 -15.85 -18.51
N VAL C 54 -37.03 -17.13 -18.14
CA VAL C 54 -37.64 -18.17 -18.94
C VAL C 54 -39.15 -18.18 -18.91
N ASN C 55 -39.73 -17.67 -17.83
CA ASN C 55 -41.18 -17.57 -17.76
C ASN C 55 -41.71 -16.57 -18.70
N ASN C 56 -41.37 -15.28 -18.51
CA ASN C 56 -41.87 -14.20 -19.38
C ASN C 56 -41.04 -13.83 -20.62
N ASN C 57 -39.87 -14.41 -20.78
CA ASN C 57 -39.01 -14.13 -21.92
C ASN C 57 -38.50 -12.69 -22.03
N GLU C 58 -38.16 -12.11 -20.92
CA GLU C 58 -37.66 -10.79 -20.97
C GLU C 58 -36.18 -10.79 -20.64
N LYS C 59 -35.44 -9.86 -21.26
CA LYS C 59 -34.00 -9.81 -21.02
C LYS C 59 -33.88 -9.24 -19.63
N CYS C 60 -32.80 -9.51 -18.89
CA CYS C 60 -32.64 -8.96 -17.54
C CYS C 60 -31.17 -8.84 -17.22
N ILE C 61 -30.84 -8.18 -16.14
CA ILE C 61 -29.39 -8.10 -15.80
C ILE C 61 -29.15 -8.90 -14.51
N ILE C 62 -28.17 -9.78 -14.49
CA ILE C 62 -27.85 -10.59 -13.33
C ILE C 62 -26.50 -10.07 -12.90
N LYS C 63 -26.47 -9.61 -11.67
CA LYS C 63 -25.30 -9.02 -11.03
C LYS C 63 -25.02 -9.99 -9.90
N ILE C 64 -23.96 -10.72 -10.10
CA ILE C 64 -23.57 -11.70 -9.12
C ILE C 64 -22.61 -11.10 -8.08
N LEU C 65 -23.11 -10.76 -6.89
CA LEU C 65 -22.30 -10.13 -5.84
C LEU C 65 -21.15 -10.95 -5.41
N LYS C 66 -19.97 -10.36 -5.53
CA LYS C 66 -18.67 -10.95 -5.12
C LYS C 66 -18.67 -10.99 -3.54
N PRO C 67 -17.72 -11.74 -2.95
CA PRO C 67 -17.51 -11.92 -1.52
C PRO C 67 -17.54 -10.60 -0.72
N VAL C 68 -18.59 -10.42 0.07
CA VAL C 68 -18.73 -9.23 0.88
C VAL C 68 -19.67 -9.41 2.05
N LYS C 69 -19.48 -8.63 3.09
CA LYS C 69 -20.29 -8.76 4.29
C LYS C 69 -21.78 -8.90 3.98
N LYS C 70 -22.41 -9.94 4.49
CA LYS C 70 -23.81 -10.06 4.25
C LYS C 70 -24.53 -8.76 4.56
N LYS C 71 -24.05 -7.99 5.52
CA LYS C 71 -24.73 -6.76 5.88
C LYS C 71 -24.51 -5.73 4.84
N LYS C 72 -23.53 -5.91 3.96
CA LYS C 72 -23.33 -4.91 2.94
C LYS C 72 -24.16 -5.25 1.76
N ILE C 73 -24.83 -6.35 1.81
CA ILE C 73 -25.72 -6.76 0.74
C ILE C 73 -27.18 -6.48 1.15
N LYS C 74 -27.46 -6.66 2.41
CA LYS C 74 -28.77 -6.43 2.89
C LYS C 74 -28.93 -4.98 2.68
N ARG C 75 -27.83 -4.27 2.65
CA ARG C 75 -28.01 -2.83 2.41
C ARG C 75 -28.54 -2.56 1.00
N GLU C 76 -27.70 -2.91 -0.01
CA GLU C 76 -28.02 -2.72 -1.43
C GLU C 76 -29.46 -3.16 -1.48
N ILE C 77 -29.69 -4.44 -1.28
CA ILE C 77 -31.01 -4.97 -1.36
C ILE C 77 -32.08 -4.06 -0.78
N LYS C 78 -31.93 -3.68 0.49
CA LYS C 78 -32.97 -2.83 1.15
C LYS C 78 -33.15 -1.55 0.47
N ILE C 79 -32.03 -0.85 0.24
CA ILE C 79 -32.04 0.42 -0.47
C ILE C 79 -32.86 0.27 -1.77
N LEU C 80 -32.50 -0.78 -2.56
CA LEU C 80 -33.13 -1.07 -3.84
C LEU C 80 -34.56 -1.27 -3.59
N GLN C 81 -34.91 -2.16 -2.66
CA GLN C 81 -36.32 -2.33 -2.40
C GLN C 81 -37.01 -0.98 -2.09
N ASN C 82 -36.36 -0.20 -1.28
CA ASN C 82 -36.85 1.07 -0.92
C ASN C 82 -37.07 1.96 -2.08
N LEU C 83 -36.16 1.92 -2.99
CA LEU C 83 -36.35 2.82 -4.06
C LEU C 83 -37.30 2.36 -5.18
N CYS C 84 -37.32 1.05 -5.45
CA CYS C 84 -38.14 0.44 -6.52
C CYS C 84 -39.34 1.26 -6.84
N GLY C 85 -39.47 1.57 -8.10
CA GLY C 85 -40.56 2.41 -8.50
C GLY C 85 -40.10 3.83 -8.66
N GLY C 86 -39.06 4.20 -7.95
CA GLY C 86 -38.56 5.53 -8.07
C GLY C 86 -38.22 5.91 -9.50
N PRO C 87 -38.52 7.16 -9.88
CA PRO C 87 -38.26 7.66 -11.19
C PRO C 87 -36.81 7.45 -11.53
N ASN C 88 -36.57 6.87 -12.71
CA ASN C 88 -35.25 6.58 -13.20
C ASN C 88 -34.43 5.82 -12.24
N ILE C 89 -35.04 4.98 -11.43
CA ILE C 89 -34.23 4.21 -10.49
C ILE C 89 -34.15 2.85 -11.08
N VAL C 90 -32.98 2.22 -10.99
CA VAL C 90 -32.87 0.90 -11.62
C VAL C 90 -33.76 0.13 -10.77
N LYS C 91 -34.31 -0.88 -11.39
CA LYS C 91 -35.24 -1.69 -10.73
C LYS C 91 -34.86 -3.13 -10.42
N LEU C 92 -34.76 -3.43 -9.14
CA LEU C 92 -34.45 -4.78 -8.68
C LEU C 92 -35.60 -5.67 -8.93
N LEU C 93 -35.43 -6.71 -9.68
CA LEU C 93 -36.56 -7.55 -10.00
C LEU C 93 -36.76 -8.77 -9.17
N ASP C 94 -35.68 -9.20 -8.58
CA ASP C 94 -35.79 -10.38 -7.82
C ASP C 94 -34.41 -10.57 -7.27
N ILE C 95 -34.24 -11.14 -6.09
CA ILE C 95 -32.88 -11.36 -5.61
C ILE C 95 -32.75 -12.91 -5.52
N VAL C 96 -31.61 -13.49 -5.84
CA VAL C 96 -31.55 -14.95 -5.73
C VAL C 96 -30.30 -15.58 -5.10
N ARG C 97 -30.46 -16.83 -4.72
CA ARG C 97 -29.35 -17.54 -4.10
C ARG C 97 -29.03 -18.85 -4.90
N ASP C 98 -27.78 -19.31 -4.83
CA ASP C 98 -27.34 -20.55 -5.48
C ASP C 98 -27.35 -21.70 -4.51
N GLN C 99 -28.06 -22.78 -4.85
CA GLN C 99 -28.09 -24.00 -4.01
C GLN C 99 -26.80 -24.22 -3.19
N HIS C 100 -25.71 -24.55 -3.90
CA HIS C 100 -24.40 -24.80 -3.26
C HIS C 100 -23.80 -23.65 -2.44
N SER C 101 -22.75 -23.04 -3.03
CA SER C 101 -22.00 -21.91 -2.45
C SER C 101 -22.96 -20.80 -1.95
N LYS C 102 -24.15 -20.72 -2.54
CA LYS C 102 -25.16 -19.73 -2.13
C LYS C 102 -24.61 -18.31 -2.40
N THR C 103 -23.92 -18.22 -3.57
CA THR C 103 -23.34 -16.99 -4.06
C THR C 103 -24.68 -16.39 -4.30
N PRO C 104 -25.02 -15.22 -3.70
CA PRO C 104 -26.33 -14.51 -3.85
C PRO C 104 -26.36 -13.68 -5.17
N SER C 105 -27.52 -13.16 -5.63
CA SER C 105 -27.51 -12.39 -6.88
C SER C 105 -28.66 -11.42 -7.17
N LEU C 106 -28.36 -10.23 -7.69
CA LEU C 106 -29.46 -9.31 -7.93
C LEU C 106 -29.83 -9.37 -9.37
N ILE C 107 -31.10 -9.56 -9.68
CA ILE C 107 -31.55 -9.64 -11.08
C ILE C 107 -32.36 -8.42 -11.36
N PHE C 108 -31.75 -7.44 -12.03
CA PHE C 108 -32.38 -6.17 -12.37
C PHE C 108 -33.02 -6.22 -13.69
N GLU C 109 -33.78 -5.16 -13.92
CA GLU C 109 -34.50 -4.90 -15.19
C GLU C 109 -33.39 -4.67 -16.21
N TYR C 110 -33.63 -4.93 -17.49
CA TYR C 110 -32.60 -4.65 -18.48
C TYR C 110 -32.61 -3.21 -19.06
N VAL C 111 -31.46 -2.66 -19.42
CA VAL C 111 -31.46 -1.37 -20.07
C VAL C 111 -30.54 -1.57 -21.21
N ASN C 112 -30.94 -1.04 -22.32
CA ASN C 112 -30.04 -1.15 -23.42
C ASN C 112 -29.22 0.10 -23.12
N ASN C 113 -27.92 -0.02 -23.18
CA ASN C 113 -27.11 1.13 -22.87
C ASN C 113 -25.89 1.30 -23.81
N THR C 114 -25.35 2.53 -23.87
CA THR C 114 -24.21 2.80 -24.68
C THR C 114 -23.21 3.43 -23.71
N ASP C 115 -22.02 2.84 -23.55
CA ASP C 115 -21.00 3.31 -22.63
C ASP C 115 -20.98 4.78 -22.84
N PHE C 116 -20.91 5.57 -21.79
CA PHE C 116 -20.89 6.98 -22.12
C PHE C 116 -19.67 7.32 -23.05
N LYS C 117 -18.51 6.68 -22.90
CA LYS C 117 -17.44 7.05 -23.75
C LYS C 117 -17.83 7.06 -25.17
N VAL C 118 -18.71 6.15 -25.61
CA VAL C 118 -19.17 6.20 -27.02
C VAL C 118 -20.45 6.98 -27.20
N LEU C 119 -21.36 7.00 -26.21
CA LEU C 119 -22.61 7.74 -26.34
C LEU C 119 -22.54 9.23 -26.19
N TYR C 120 -22.06 9.69 -25.07
CA TYR C 120 -22.01 11.10 -24.81
C TYR C 120 -21.49 12.02 -25.97
N PRO C 121 -20.28 11.75 -26.52
CA PRO C 121 -19.96 12.69 -27.57
C PRO C 121 -21.26 12.93 -28.38
N THR C 122 -21.80 11.91 -29.02
CA THR C 122 -23.03 11.93 -29.78
C THR C 122 -24.07 12.88 -29.29
N LEU C 123 -24.20 13.18 -27.99
CA LEU C 123 -25.31 14.06 -27.55
C LEU C 123 -25.23 15.57 -27.88
N THR C 124 -26.39 16.20 -27.94
CA THR C 124 -26.56 17.61 -28.31
C THR C 124 -26.86 18.36 -27.08
N ASP C 125 -26.56 19.63 -27.14
CA ASP C 125 -26.85 20.48 -26.00
C ASP C 125 -28.17 20.09 -25.28
N TYR C 126 -29.22 19.95 -26.07
CA TYR C 126 -30.47 19.57 -25.50
C TYR C 126 -30.31 18.17 -24.94
N ASP C 127 -29.84 17.24 -25.74
CA ASP C 127 -29.71 15.89 -25.23
C ASP C 127 -29.21 15.85 -23.76
N ILE C 128 -28.13 16.62 -23.49
CA ILE C 128 -27.53 16.64 -22.19
C ILE C 128 -28.44 17.23 -21.20
N ARG C 129 -28.88 18.42 -21.46
CA ARG C 129 -29.78 19.02 -20.50
C ARG C 129 -30.80 17.98 -20.08
N TYR C 130 -31.39 17.34 -21.06
CA TYR C 130 -32.40 16.34 -20.75
C TYR C 130 -31.92 15.24 -19.75
N TYR C 131 -30.99 14.40 -20.22
CA TYR C 131 -30.46 13.35 -19.46
C TYR C 131 -30.08 13.74 -18.08
N ILE C 132 -29.63 14.98 -17.88
CA ILE C 132 -29.26 15.45 -16.55
C ILE C 132 -30.56 15.76 -15.80
N TYR C 133 -31.50 16.32 -16.50
CA TYR C 133 -32.73 16.59 -15.83
C TYR C 133 -33.28 15.18 -15.38
N GLU C 134 -33.05 14.19 -16.20
CA GLU C 134 -33.52 12.86 -15.88
C GLU C 134 -32.77 12.28 -14.69
N LEU C 135 -31.44 12.37 -14.78
CA LEU C 135 -30.56 11.90 -13.73
C LEU C 135 -30.93 12.61 -12.41
N LEU C 136 -31.43 13.84 -12.50
CA LEU C 136 -31.80 14.61 -11.32
C LEU C 136 -33.06 14.05 -10.67
N LYS C 137 -34.10 13.69 -11.45
CA LYS C 137 -35.30 13.11 -10.86
C LYS C 137 -34.87 11.89 -10.05
N ALA C 138 -33.90 11.15 -10.53
CA ALA C 138 -33.43 10.03 -9.76
C ALA C 138 -32.91 10.56 -8.43
N LEU C 139 -31.82 11.26 -8.46
CA LEU C 139 -31.27 11.73 -7.22
C LEU C 139 -32.28 12.43 -6.29
N ASP C 140 -33.13 13.33 -6.77
CA ASP C 140 -34.03 13.97 -5.81
C ASP C 140 -34.97 12.96 -5.20
N TYR C 141 -35.40 11.98 -5.98
CA TYR C 141 -36.30 11.03 -5.43
C TYR C 141 -35.55 10.42 -4.34
N CYS C 142 -34.64 9.53 -4.70
CA CYS C 142 -33.84 8.82 -3.71
C CYS C 142 -33.31 9.54 -2.42
N HIS C 143 -32.90 10.79 -2.58
CA HIS C 143 -32.48 11.58 -1.44
C HIS C 143 -33.70 11.70 -0.55
N SER C 144 -34.84 11.98 -1.18
CA SER C 144 -36.10 12.22 -0.50
C SER C 144 -36.52 11.03 0.21
N GLN C 145 -35.82 9.93 -0.07
CA GLN C 145 -36.16 8.68 0.55
C GLN C 145 -35.20 8.30 1.60
N GLY C 146 -34.35 9.27 1.97
CA GLY C 146 -33.40 9.08 3.05
C GLY C 146 -32.12 8.46 2.61
N ILE C 147 -32.01 8.31 1.29
CA ILE C 147 -30.87 7.69 0.78
C ILE C 147 -29.93 8.59 0.01
N MET C 148 -28.61 8.27 0.10
CA MET C 148 -27.47 8.92 -0.55
C MET C 148 -26.94 7.89 -1.53
N HIS C 149 -26.82 8.18 -2.84
CA HIS C 149 -26.30 7.16 -3.70
C HIS C 149 -24.84 7.06 -3.61
N ARG C 150 -24.16 7.88 -2.86
CA ARG C 150 -22.71 7.84 -2.75
C ARG C 150 -21.78 7.29 -3.90
N ASP C 151 -22.28 7.24 -5.15
CA ASP C 151 -21.47 6.83 -6.28
C ASP C 151 -21.92 7.11 -7.67
N VAL C 152 -22.03 8.42 -7.97
CA VAL C 152 -22.49 9.04 -9.22
C VAL C 152 -21.27 9.31 -10.06
N LYS C 153 -21.25 8.83 -11.30
CA LYS C 153 -20.19 9.03 -12.28
C LYS C 153 -20.92 8.34 -13.44
N PRO C 154 -20.60 8.65 -14.69
CA PRO C 154 -21.23 8.07 -15.87
C PRO C 154 -21.51 6.57 -15.84
N HIS C 155 -20.50 5.78 -15.54
CA HIS C 155 -20.61 4.36 -15.56
C HIS C 155 -21.70 3.77 -14.72
N ASN C 156 -22.29 4.51 -13.78
CA ASN C 156 -23.42 3.89 -13.03
C ASN C 156 -24.76 4.58 -13.34
N VAL C 157 -24.85 5.05 -14.59
CA VAL C 157 -26.11 5.59 -15.18
C VAL C 157 -26.30 5.04 -16.66
N MET C 158 -27.26 4.15 -16.82
CA MET C 158 -27.56 3.51 -18.07
C MET C 158 -28.39 4.44 -18.89
N ILE C 159 -28.11 4.64 -20.16
CA ILE C 159 -28.98 5.47 -21.01
C ILE C 159 -29.36 4.69 -22.29
N ASP C 160 -30.65 4.62 -22.57
CA ASP C 160 -31.13 3.90 -23.78
C ASP C 160 -31.50 5.11 -24.56
N HIS C 161 -30.57 5.69 -25.31
CA HIS C 161 -30.83 6.90 -26.06
C HIS C 161 -31.94 6.69 -27.01
N GLU C 162 -31.97 5.42 -27.43
CA GLU C 162 -32.95 4.85 -28.34
C GLU C 162 -34.38 5.29 -27.89
N LEU C 163 -34.61 5.19 -26.59
CA LEU C 163 -35.90 5.55 -26.01
C LEU C 163 -35.75 6.70 -25.01
N ARG C 164 -34.67 7.50 -25.12
CA ARG C 164 -34.42 8.57 -24.15
C ARG C 164 -34.75 8.17 -22.66
N LYS C 165 -34.44 6.93 -22.30
CA LYS C 165 -34.71 6.36 -20.97
C LYS C 165 -33.48 6.37 -20.14
N LEU C 166 -33.60 6.59 -18.85
CA LEU C 166 -32.36 6.64 -18.07
C LEU C 166 -32.49 6.01 -16.71
N ARG C 167 -31.43 5.31 -16.28
CA ARG C 167 -31.46 4.61 -15.03
C ARG C 167 -30.17 4.82 -14.27
N LEU C 168 -30.27 5.07 -12.96
CA LEU C 168 -29.13 5.28 -12.05
C LEU C 168 -28.95 3.87 -11.45
N ILE C 169 -27.75 3.34 -11.42
CA ILE C 169 -27.59 1.98 -11.00
C ILE C 169 -26.54 1.76 -9.97
N ASP C 170 -26.24 0.50 -9.65
CA ASP C 170 -25.28 0.19 -8.55
C ASP C 170 -25.50 0.95 -7.20
N TRP C 171 -26.28 0.35 -6.32
CA TRP C 171 -26.49 1.08 -5.12
C TRP C 171 -25.68 0.46 -4.02
N GLY C 172 -24.67 -0.26 -4.47
CA GLY C 172 -23.73 -0.89 -3.54
C GLY C 172 -22.93 0.13 -2.68
N LEU C 173 -23.05 1.43 -2.99
CA LEU C 173 -22.37 2.42 -2.19
C LEU C 173 -23.41 3.33 -1.56
N ALA C 174 -24.61 3.31 -2.14
CA ALA C 174 -25.69 4.09 -1.56
C ALA C 174 -25.78 3.61 -0.08
N GLU C 175 -26.23 4.52 0.78
CA GLU C 175 -26.39 4.30 2.20
C GLU C 175 -27.55 5.17 2.71
N PHE C 176 -28.10 4.93 3.91
CA PHE C 176 -29.21 5.75 4.45
C PHE C 176 -28.68 7.00 5.13
N TYR C 177 -29.36 8.14 5.02
CA TYR C 177 -28.82 9.34 5.66
C TYR C 177 -29.50 9.48 6.98
N HIS C 178 -28.71 9.69 8.02
CA HIS C 178 -29.20 9.91 9.42
C HIS C 178 -28.51 11.22 9.88
N PRO C 179 -29.28 12.19 10.33
CA PRO C 179 -28.67 13.41 10.73
C PRO C 179 -27.53 13.18 11.70
N GLY C 180 -26.42 13.92 11.48
CA GLY C 180 -25.26 13.92 12.33
C GLY C 180 -24.40 12.71 12.29
N LYS C 181 -24.78 11.70 11.54
CA LYS C 181 -23.95 10.51 11.53
C LYS C 181 -22.64 10.84 10.84
N GLU C 182 -21.60 10.24 11.35
CA GLU C 182 -20.27 10.37 10.78
C GLU C 182 -20.10 9.13 9.92
N TYR C 183 -20.02 9.33 8.60
CA TYR C 183 -19.92 8.28 7.60
C TYR C 183 -18.51 8.00 7.20
N ASN C 184 -18.36 7.17 6.18
CA ASN C 184 -17.07 6.79 5.75
C ASN C 184 -16.73 7.52 4.50
N VAL C 185 -15.51 8.06 4.38
CA VAL C 185 -15.12 8.79 3.19
C VAL C 185 -14.51 8.03 2.10
N ARG C 186 -14.40 6.71 2.24
CA ARG C 186 -13.82 5.88 1.17
C ARG C 186 -15.02 5.45 0.36
N VAL C 187 -15.60 6.38 -0.38
CA VAL C 187 -16.75 6.14 -1.17
C VAL C 187 -16.60 6.78 -2.51
N ALA C 188 -17.69 6.79 -3.27
CA ALA C 188 -17.71 7.33 -4.62
C ALA C 188 -16.54 6.76 -5.38
N SER C 189 -16.19 7.38 -6.51
CA SER C 189 -15.01 6.92 -7.26
C SER C 189 -14.08 8.10 -7.31
N ARG C 190 -12.77 7.87 -7.11
CA ARG C 190 -11.79 8.97 -7.09
C ARG C 190 -12.29 10.25 -7.71
N TYR C 191 -12.14 10.30 -9.03
CA TYR C 191 -12.55 11.45 -9.88
C TYR C 191 -13.82 12.16 -9.36
N PHE C 192 -14.78 11.41 -8.81
CA PHE C 192 -15.98 12.05 -8.40
C PHE C 192 -16.25 12.23 -6.94
N LYS C 193 -15.24 12.01 -6.11
CA LYS C 193 -15.37 12.21 -4.65
C LYS C 193 -15.40 13.72 -4.50
N GLY C 194 -16.24 14.18 -3.58
CA GLY C 194 -16.37 15.60 -3.36
C GLY C 194 -15.31 15.99 -2.39
N PRO C 195 -15.08 17.28 -2.22
CA PRO C 195 -14.05 17.70 -1.28
C PRO C 195 -14.22 17.15 0.10
N GLU C 196 -15.45 17.12 0.60
CA GLU C 196 -15.69 16.58 1.94
C GLU C 196 -15.06 15.20 2.14
N LEU C 197 -15.13 14.31 1.16
CA LEU C 197 -14.48 13.05 1.38
C LEU C 197 -12.96 13.23 1.32
N LEU C 198 -12.49 14.25 0.61
CA LEU C 198 -11.05 14.40 0.49
C LEU C 198 -10.39 15.11 1.59
N VAL C 199 -11.15 15.71 2.48
CA VAL C 199 -10.55 16.44 3.60
C VAL C 199 -11.09 15.85 4.86
N ASP C 200 -11.64 14.62 4.74
CA ASP C 200 -12.23 13.91 5.87
C ASP C 200 -13.34 14.55 6.68
N LEU C 201 -14.39 15.04 6.07
CA LEU C 201 -15.44 15.66 6.86
C LEU C 201 -16.43 14.61 6.84
N GLN C 202 -16.36 13.68 7.78
CA GLN C 202 -17.27 12.52 7.78
C GLN C 202 -18.77 12.63 7.91
N ASP C 203 -19.28 13.59 8.65
CA ASP C 203 -20.72 13.73 8.69
C ASP C 203 -21.22 14.40 7.42
N TYR C 204 -21.10 13.70 6.29
CA TYR C 204 -21.57 14.27 5.03
C TYR C 204 -23.05 13.97 4.79
N ASP C 205 -23.59 14.43 3.66
CA ASP C 205 -25.00 14.22 3.42
C ASP C 205 -25.32 14.00 1.94
N TYR C 206 -26.56 14.24 1.50
CA TYR C 206 -26.91 14.10 0.10
C TYR C 206 -25.94 14.91 -0.73
N SER C 207 -25.71 16.10 -0.28
CA SER C 207 -24.77 17.00 -0.92
C SER C 207 -23.65 16.31 -1.76
N LEU C 208 -23.09 15.20 -1.24
CA LEU C 208 -22.01 14.50 -1.93
C LEU C 208 -22.48 14.14 -3.33
N ASP C 209 -23.68 13.64 -3.48
CA ASP C 209 -24.02 13.25 -4.79
C ASP C 209 -23.97 14.43 -5.66
N MET C 210 -24.29 15.61 -5.13
CA MET C 210 -24.32 16.80 -6.01
C MET C 210 -23.00 17.13 -6.62
N TRP C 211 -21.94 17.05 -5.85
CA TRP C 211 -20.66 17.28 -6.43
C TRP C 211 -20.42 16.21 -7.52
N SER C 212 -20.74 14.92 -7.31
CA SER C 212 -20.49 13.92 -8.38
C SER C 212 -21.28 14.38 -9.58
N LEU C 213 -22.58 14.71 -9.47
CA LEU C 213 -23.32 15.23 -10.60
C LEU C 213 -22.51 16.37 -11.14
N GLY C 214 -21.95 17.13 -10.23
CA GLY C 214 -21.08 18.23 -10.62
C GLY C 214 -20.01 17.71 -11.57
N CYS C 215 -19.02 16.98 -11.10
CA CYS C 215 -18.02 16.49 -12.00
C CYS C 215 -18.64 15.93 -13.32
N MET C 216 -19.53 14.99 -13.20
CA MET C 216 -20.11 14.34 -14.34
C MET C 216 -20.52 15.29 -15.39
N PHE C 217 -21.30 16.28 -14.97
CA PHE C 217 -21.86 17.33 -15.89
C PHE C 217 -20.78 18.20 -16.48
N ALA C 218 -19.95 18.71 -15.58
CA ALA C 218 -18.81 19.53 -15.94
C ALA C 218 -18.14 18.86 -17.08
N GLY C 219 -17.80 17.60 -16.90
CA GLY C 219 -17.10 16.93 -17.97
C GLY C 219 -17.89 16.69 -19.23
N MET C 220 -19.21 16.71 -19.14
CA MET C 220 -19.91 16.42 -20.36
C MET C 220 -19.95 17.64 -21.22
N ILE C 221 -20.26 18.79 -20.65
CA ILE C 221 -20.32 20.01 -21.48
C ILE C 221 -18.92 20.39 -21.92
N PHE C 222 -17.90 20.13 -21.13
CA PHE C 222 -16.61 20.59 -21.55
C PHE C 222 -15.83 19.57 -22.38
N ARG C 223 -16.30 18.34 -22.35
CA ARG C 223 -15.64 17.22 -23.07
C ARG C 223 -14.27 17.11 -22.56
N LYS C 224 -14.20 16.65 -21.33
CA LYS C 224 -12.94 16.48 -20.64
C LYS C 224 -13.08 15.46 -19.47
N GLU C 225 -13.58 14.26 -19.70
CA GLU C 225 -13.69 13.32 -18.59
C GLU C 225 -12.35 12.65 -18.41
N PRO C 226 -11.94 12.47 -17.18
CA PRO C 226 -12.60 12.87 -15.97
C PRO C 226 -12.28 14.35 -15.88
N PHE C 227 -13.14 15.15 -15.27
CA PHE C 227 -12.83 16.57 -15.24
C PHE C 227 -11.66 16.75 -14.36
N PHE C 228 -11.82 16.32 -13.10
CA PHE C 228 -10.73 16.39 -12.13
C PHE C 228 -10.13 15.00 -12.19
N TYR C 229 -8.89 14.89 -12.63
CA TYR C 229 -8.18 13.65 -12.81
C TYR C 229 -7.12 13.43 -11.79
N GLY C 230 -7.51 13.01 -10.61
CA GLY C 230 -6.49 12.72 -9.60
C GLY C 230 -5.88 11.35 -9.81
N HIS C 231 -4.62 11.17 -9.44
CA HIS C 231 -4.01 9.85 -9.60
C HIS C 231 -4.17 9.22 -8.26
N ASP C 232 -4.48 10.08 -7.30
CA ASP C 232 -4.66 9.63 -5.94
C ASP C 232 -5.50 10.62 -5.12
N ASN C 233 -6.20 10.08 -4.12
CA ASN C 233 -7.07 10.89 -3.27
C ASN C 233 -6.50 12.21 -2.91
N HIS C 234 -5.28 12.28 -2.42
CA HIS C 234 -4.65 13.58 -2.12
C HIS C 234 -4.62 14.40 -3.43
N ASP C 235 -4.03 13.87 -4.49
CA ASP C 235 -3.96 14.55 -5.76
C ASP C 235 -5.31 15.04 -6.22
N GLN C 236 -6.35 14.26 -5.97
CA GLN C 236 -7.69 14.68 -6.40
C GLN C 236 -8.03 16.10 -5.87
N LEU C 237 -7.88 16.30 -4.56
CA LEU C 237 -8.18 17.57 -3.93
C LEU C 237 -7.36 18.60 -4.57
N VAL C 238 -6.14 18.25 -4.79
CA VAL C 238 -5.24 19.17 -5.43
C VAL C 238 -5.77 19.62 -6.78
N LYS C 239 -6.12 18.62 -7.58
CA LYS C 239 -6.59 18.88 -8.92
C LYS C 239 -7.84 19.71 -8.85
N ILE C 240 -8.59 19.55 -7.76
CA ILE C 240 -9.82 20.37 -7.64
C ILE C 240 -9.43 21.81 -7.35
N ALA C 241 -8.48 21.94 -6.43
CA ALA C 241 -7.95 23.21 -6.00
C ALA C 241 -7.54 24.07 -7.19
N LYS C 242 -6.74 23.48 -8.09
CA LYS C 242 -6.26 24.22 -9.23
C LYS C 242 -7.39 24.67 -10.18
N VAL C 243 -8.64 24.46 -9.78
CA VAL C 243 -9.72 24.88 -10.66
C VAL C 243 -10.63 25.77 -9.85
N LEU C 244 -10.94 25.36 -8.64
CA LEU C 244 -11.79 26.17 -7.76
C LEU C 244 -10.92 27.14 -6.95
N GLY C 245 -9.61 26.92 -7.01
CA GLY C 245 -8.66 27.79 -6.34
C GLY C 245 -8.71 27.63 -4.86
N THR C 246 -7.55 27.63 -4.22
CA THR C 246 -7.38 27.48 -2.78
C THR C 246 -8.05 28.49 -1.84
N ASP C 247 -8.25 29.74 -2.29
CA ASP C 247 -8.87 30.78 -1.47
C ASP C 247 -10.28 30.37 -1.05
N GLY C 248 -10.79 29.35 -1.69
CA GLY C 248 -12.09 28.87 -1.29
C GLY C 248 -11.89 27.64 -0.39
N LEU C 249 -10.95 26.80 -0.79
CA LEU C 249 -10.68 25.60 -0.05
C LEU C 249 -10.46 25.98 1.40
N ASN C 250 -9.96 27.20 1.63
CA ASN C 250 -9.64 27.61 2.97
C ASN C 250 -10.83 28.10 3.76
N VAL C 251 -11.59 28.97 3.12
CA VAL C 251 -12.76 29.50 3.74
C VAL C 251 -13.57 28.28 4.21
N TYR C 252 -13.69 27.28 3.35
CA TYR C 252 -14.40 26.05 3.62
C TYR C 252 -13.85 25.36 4.85
N LEU C 253 -12.56 25.11 4.82
CA LEU C 253 -11.90 24.45 5.90
C LEU C 253 -12.11 25.09 7.27
N ASN C 254 -12.06 26.41 7.31
CA ASN C 254 -12.27 27.05 8.58
C ASN C 254 -13.76 26.92 8.97
N LYS C 255 -14.69 27.21 8.08
CA LYS C 255 -16.08 27.06 8.46
C LYS C 255 -16.35 25.73 9.12
N TYR C 256 -15.77 24.64 8.64
CA TYR C 256 -16.04 23.38 9.29
C TYR C 256 -14.96 22.90 10.26
N ARG C 257 -14.13 23.84 10.68
CA ARG C 257 -13.02 23.56 11.58
C ARG C 257 -12.15 22.36 11.10
N ILE C 258 -12.10 22.10 9.81
CA ILE C 258 -11.33 20.94 9.33
C ILE C 258 -9.86 21.28 9.17
N GLU C 259 -9.00 20.29 9.37
CA GLU C 259 -7.59 20.58 9.24
C GLU C 259 -6.83 19.71 8.25
N LEU C 260 -6.22 20.28 7.23
CA LEU C 260 -5.53 19.45 6.26
C LEU C 260 -4.31 18.78 6.86
N ASP C 261 -4.06 17.51 6.59
CA ASP C 261 -2.89 16.90 7.16
C ASP C 261 -1.94 17.76 6.53
N PRO C 262 -0.83 18.08 7.22
CA PRO C 262 0.14 18.97 6.55
C PRO C 262 0.47 18.04 5.40
N GLN C 263 1.28 18.49 4.47
CA GLN C 263 1.62 17.58 3.38
C GLN C 263 0.53 17.69 2.40
N LEU C 264 -0.71 17.35 2.78
CA LEU C 264 -1.79 17.50 1.79
C LEU C 264 -1.83 19.02 1.60
N GLU C 265 -1.59 19.72 2.68
CA GLU C 265 -1.57 21.13 2.63
C GLU C 265 -0.56 21.44 1.62
N ALA C 266 0.64 20.93 1.87
CA ALA C 266 1.75 21.16 0.99
C ALA C 266 1.32 20.90 -0.46
N LEU C 267 1.20 19.65 -0.85
CA LEU C 267 0.81 19.27 -2.20
C LEU C 267 -0.21 20.20 -2.88
N VAL C 268 -1.22 20.60 -2.11
CA VAL C 268 -2.25 21.49 -2.60
C VAL C 268 -1.51 22.79 -2.92
N GLY C 269 -1.16 23.54 -1.91
CA GLY C 269 -0.46 24.74 -2.27
C GLY C 269 -1.37 25.94 -2.52
N ARG C 270 -0.80 27.03 -3.03
CA ARG C 270 -1.57 28.22 -3.31
C ARG C 270 -1.92 28.20 -4.81
N HIS C 271 -3.17 28.50 -5.11
CA HIS C 271 -3.70 28.46 -6.47
C HIS C 271 -4.90 29.35 -6.59
N SER C 272 -5.02 30.03 -7.69
CA SER C 272 -6.15 30.93 -7.86
C SER C 272 -7.19 30.13 -8.53
N ARG C 273 -8.41 30.62 -8.52
CA ARG C 273 -9.45 29.85 -9.13
C ARG C 273 -9.42 30.09 -10.62
N LYS C 274 -9.77 29.07 -11.40
CA LYS C 274 -9.83 29.14 -12.85
C LYS C 274 -11.28 29.21 -13.22
N PRO C 275 -11.72 30.35 -13.84
CA PRO C 275 -13.16 30.55 -14.23
C PRO C 275 -13.64 29.60 -15.33
N TRP C 276 -14.86 29.11 -15.16
CA TRP C 276 -15.40 28.09 -16.07
C TRP C 276 -15.20 28.32 -17.57
N LEU C 277 -15.22 29.57 -17.99
CA LEU C 277 -15.03 29.87 -19.42
C LEU C 277 -13.71 29.40 -19.95
N LYS C 278 -12.73 29.28 -19.08
CA LYS C 278 -11.43 28.84 -19.55
C LYS C 278 -11.37 27.32 -19.92
N PHE C 279 -12.54 26.74 -20.17
CA PHE C 279 -12.60 25.31 -20.53
C PHE C 279 -13.42 25.26 -21.77
N MET C 280 -13.95 26.42 -22.18
CA MET C 280 -14.76 26.47 -23.37
C MET C 280 -13.81 26.48 -24.50
N ASN C 281 -13.72 25.35 -25.17
CA ASN C 281 -12.84 25.16 -26.31
C ASN C 281 -13.78 25.25 -27.54
N ALA C 282 -13.23 25.08 -28.75
CA ALA C 282 -14.02 25.18 -30.00
C ALA C 282 -14.96 24.02 -30.21
N ASP C 283 -14.48 22.81 -30.02
CA ASP C 283 -15.43 21.76 -30.26
C ASP C 283 -16.53 21.76 -29.25
N ASN C 284 -16.22 21.99 -27.99
CA ASN C 284 -17.25 21.93 -26.98
C ASN C 284 -18.21 23.12 -26.87
N GLN C 285 -17.83 24.22 -27.48
CA GLN C 285 -18.59 25.45 -27.47
C GLN C 285 -20.11 25.33 -27.68
N HIS C 286 -20.54 24.29 -28.37
CA HIS C 286 -21.97 24.20 -28.58
C HIS C 286 -22.75 23.80 -27.36
N LEU C 287 -22.07 23.25 -26.36
CA LEU C 287 -22.77 22.80 -25.13
C LEU C 287 -22.76 23.79 -23.86
N VAL C 288 -21.71 24.63 -23.88
CA VAL C 288 -21.42 25.65 -22.91
C VAL C 288 -22.36 26.87 -23.14
N SER C 289 -23.07 27.25 -22.09
CA SER C 289 -23.99 28.34 -22.14
C SER C 289 -24.01 29.08 -20.81
N PRO C 290 -24.24 30.37 -20.87
CA PRO C 290 -24.25 31.07 -19.60
C PRO C 290 -24.95 30.28 -18.53
N GLU C 291 -26.01 29.55 -18.87
CA GLU C 291 -26.73 28.76 -17.86
C GLU C 291 -25.94 27.54 -17.47
N ALA C 292 -25.58 26.75 -18.47
CA ALA C 292 -24.84 25.53 -18.14
C ALA C 292 -23.79 25.92 -17.12
N ILE C 293 -23.18 27.08 -17.30
CA ILE C 293 -22.17 27.47 -16.32
C ILE C 293 -22.77 27.82 -14.95
N ASP C 294 -23.87 28.52 -14.91
CA ASP C 294 -24.35 28.90 -13.61
C ASP C 294 -24.60 27.63 -12.92
N PHE C 295 -25.34 26.76 -13.59
CA PHE C 295 -25.72 25.46 -13.06
C PHE C 295 -24.50 24.73 -12.58
N LEU C 296 -23.58 24.41 -13.45
CA LEU C 296 -22.37 23.74 -12.99
C LEU C 296 -21.86 24.44 -11.78
N ASP C 297 -21.58 25.72 -11.89
CA ASP C 297 -21.02 26.45 -10.77
C ASP C 297 -21.72 26.27 -9.45
N LYS C 298 -23.01 26.08 -9.49
CA LYS C 298 -23.72 25.90 -8.27
C LYS C 298 -23.70 24.45 -7.76
N LEU C 299 -23.10 23.53 -8.51
CA LEU C 299 -22.99 22.12 -8.14
C LEU C 299 -21.65 21.96 -7.59
N LEU C 300 -20.67 22.57 -8.22
CA LEU C 300 -19.34 22.44 -7.77
C LEU C 300 -18.81 23.34 -6.68
N ARG C 301 -19.28 23.25 -5.44
CA ARG C 301 -18.72 24.12 -4.42
C ARG C 301 -18.04 23.30 -3.33
N TYR C 302 -16.98 23.87 -2.73
CA TYR C 302 -16.30 23.12 -1.70
C TYR C 302 -17.29 22.78 -0.60
N ASP C 303 -18.10 23.76 -0.26
CA ASP C 303 -19.13 23.63 0.77
C ASP C 303 -20.41 22.93 0.31
N HIS C 304 -20.54 21.66 0.71
CA HIS C 304 -21.70 20.82 0.43
C HIS C 304 -23.03 21.46 0.80
N GLN C 305 -22.95 22.36 1.76
CA GLN C 305 -24.10 23.09 2.24
C GLN C 305 -24.52 23.99 1.08
N GLU C 306 -23.55 24.67 0.49
CA GLU C 306 -23.91 25.55 -0.59
C GLU C 306 -24.19 24.96 -1.95
N ARG C 307 -24.22 23.64 -2.09
CA ARG C 307 -24.51 23.12 -3.42
C ARG C 307 -26.04 23.15 -3.71
N LEU C 308 -26.46 22.89 -4.91
CA LEU C 308 -27.87 22.93 -5.10
C LEU C 308 -28.38 21.63 -4.56
N THR C 309 -29.66 21.60 -4.28
CA THR C 309 -30.32 20.43 -3.83
C THR C 309 -30.63 19.81 -5.15
N ALA C 310 -31.14 18.60 -5.16
CA ALA C 310 -31.50 17.98 -6.44
C ALA C 310 -32.60 18.83 -6.97
N LEU C 311 -33.62 19.00 -6.13
CA LEU C 311 -34.84 19.77 -6.42
C LEU C 311 -34.57 21.18 -7.02
N GLU C 312 -33.74 21.91 -6.29
CA GLU C 312 -33.36 23.24 -6.66
C GLU C 312 -32.79 23.20 -8.01
N ALA C 313 -31.97 22.23 -8.33
CA ALA C 313 -31.39 22.22 -9.64
C ALA C 313 -32.40 21.82 -10.66
N MET C 314 -33.48 21.19 -10.23
CA MET C 314 -34.42 20.80 -11.21
C MET C 314 -35.24 22.03 -11.56
N THR C 315 -34.74 23.24 -11.35
CA THR C 315 -35.56 24.40 -11.69
C THR C 315 -34.68 25.43 -12.32
N HIS C 316 -33.41 25.06 -12.38
CA HIS C 316 -32.45 25.97 -12.92
C HIS C 316 -32.72 26.31 -14.37
N PRO C 317 -32.48 27.56 -14.74
CA PRO C 317 -32.68 28.04 -16.11
C PRO C 317 -32.18 27.10 -17.21
N TYR C 318 -31.25 26.21 -16.90
CA TYR C 318 -30.70 25.28 -17.87
C TYR C 318 -31.82 24.35 -18.30
N PHE C 319 -32.64 23.93 -17.34
CA PHE C 319 -33.70 22.98 -17.58
C PHE C 319 -35.02 23.47 -18.02
N GLN C 320 -35.17 24.79 -18.06
CA GLN C 320 -36.44 25.37 -18.46
C GLN C 320 -36.99 24.68 -19.70
N GLN C 321 -36.17 24.60 -20.74
CA GLN C 321 -36.66 24.02 -21.95
C GLN C 321 -37.21 22.64 -21.69
N VAL C 322 -36.36 21.75 -21.21
CA VAL C 322 -36.79 20.40 -20.91
C VAL C 322 -38.03 20.36 -20.04
N ARG C 323 -37.93 21.05 -18.91
CA ARG C 323 -39.01 21.05 -17.99
C ARG C 323 -40.31 21.35 -18.72
N ALA C 324 -40.20 22.16 -19.78
CA ALA C 324 -41.35 22.55 -20.61
C ALA C 324 -41.94 21.27 -21.24
N ALA C 325 -41.11 20.68 -22.08
CA ALA C 325 -41.44 19.47 -22.80
C ALA C 325 -42.05 18.32 -21.99
N GLU C 326 -41.64 18.16 -20.74
CA GLU C 326 -42.15 17.06 -19.93
C GLU C 326 -43.69 17.02 -19.97
N ASN C 327 -44.31 18.12 -20.42
CA ASN C 327 -45.78 18.26 -20.55
C ASN C 327 -46.33 18.85 -21.90
N SER C 328 -45.64 19.87 -22.44
CA SER C 328 -46.04 20.59 -23.65
C SER C 328 -47.29 21.44 -23.36
N MET D 1 19.64 -19.50 -10.71
CA MET D 1 20.53 -20.01 -11.85
C MET D 1 19.74 -20.86 -12.89
N SER D 2 19.32 -20.21 -14.00
CA SER D 2 18.53 -20.92 -15.05
C SER D 2 18.77 -20.39 -16.47
N LYS D 3 18.34 -21.22 -17.43
CA LYS D 3 18.46 -20.96 -18.86
C LYS D 3 17.49 -21.92 -19.59
N ALA D 4 16.54 -21.31 -20.31
CA ALA D 4 15.51 -21.98 -21.08
C ALA D 4 15.91 -23.37 -21.52
N ARG D 5 14.98 -24.30 -21.65
CA ARG D 5 15.53 -25.55 -22.12
C ARG D 5 15.01 -25.88 -23.46
N VAL D 6 14.57 -24.85 -24.17
CA VAL D 6 13.97 -25.03 -25.51
C VAL D 6 13.87 -23.63 -26.08
N TYR D 7 14.29 -23.43 -27.32
CA TYR D 7 14.19 -22.10 -27.86
C TYR D 7 14.96 -21.02 -27.09
N ALA D 8 16.16 -21.33 -26.60
CA ALA D 8 16.95 -20.36 -25.84
C ALA D 8 17.66 -19.34 -26.70
N ASP D 9 18.21 -19.79 -27.81
CA ASP D 9 18.94 -18.87 -28.65
C ASP D 9 18.16 -18.48 -29.88
N VAL D 10 16.84 -18.42 -29.77
CA VAL D 10 16.01 -18.10 -30.95
C VAL D 10 15.91 -16.62 -31.10
N ASN D 11 16.67 -15.91 -30.28
CA ASN D 11 16.67 -14.50 -30.38
C ASN D 11 18.06 -14.21 -30.80
N VAL D 12 18.99 -14.81 -30.04
CA VAL D 12 20.44 -14.71 -30.27
C VAL D 12 20.77 -14.73 -31.75
N LEU D 13 20.30 -15.77 -32.43
CA LEU D 13 20.55 -15.93 -33.83
C LEU D 13 19.88 -14.88 -34.68
N ARG D 14 18.74 -14.39 -34.25
CA ARG D 14 18.06 -13.40 -35.09
C ARG D 14 18.64 -12.00 -35.19
N PRO D 15 18.32 -11.32 -36.30
CA PRO D 15 18.79 -9.99 -36.51
C PRO D 15 18.39 -9.19 -35.30
N LYS D 16 19.25 -8.31 -34.83
CA LYS D 16 18.95 -7.51 -33.66
C LYS D 16 17.59 -6.77 -33.74
N GLU D 17 17.22 -6.21 -34.89
CA GLU D 17 15.97 -5.48 -34.91
C GLU D 17 14.81 -6.36 -34.66
N TYR D 18 15.01 -7.67 -34.79
CA TYR D 18 13.92 -8.64 -34.52
C TYR D 18 13.42 -8.55 -33.09
N TRP D 19 14.34 -8.38 -32.13
CA TRP D 19 13.95 -8.30 -30.74
C TRP D 19 14.25 -6.97 -30.05
N ASP D 20 15.05 -6.12 -30.72
CA ASP D 20 15.36 -4.79 -30.21
C ASP D 20 14.16 -3.84 -30.52
N TYR D 21 13.12 -4.03 -29.76
CA TYR D 21 11.93 -3.31 -30.02
C TYR D 21 11.90 -1.87 -29.68
N GLU D 22 12.83 -1.33 -28.89
CA GLU D 22 12.72 0.11 -28.66
C GLU D 22 13.17 0.81 -29.95
N ALA D 23 13.91 0.08 -30.77
CA ALA D 23 14.37 0.56 -32.06
C ALA D 23 13.25 0.67 -33.13
N LEU D 24 12.07 0.14 -32.82
CA LEU D 24 10.89 0.05 -33.71
C LEU D 24 10.46 1.43 -34.01
N THR D 25 9.82 1.61 -35.15
CA THR D 25 9.35 2.95 -35.49
C THR D 25 8.02 2.70 -36.09
N VAL D 26 7.01 2.88 -35.26
CA VAL D 26 5.64 2.61 -35.67
C VAL D 26 5.23 3.32 -36.94
N GLN D 27 4.73 2.50 -37.86
CA GLN D 27 4.23 2.94 -39.15
C GLN D 27 2.70 3.01 -39.17
N TRP D 28 2.18 4.05 -38.52
CA TRP D 28 0.76 4.30 -38.43
C TRP D 28 0.03 4.30 -39.70
N GLY D 29 -1.09 3.59 -39.63
CA GLY D 29 -2.06 3.46 -40.70
C GLY D 29 -3.11 4.54 -40.52
N GLU D 30 -4.18 4.51 -41.31
CA GLU D 30 -5.09 5.64 -41.11
C GLU D 30 -6.35 5.38 -40.24
N GLN D 31 -6.49 6.18 -39.19
CA GLN D 31 -7.62 6.03 -38.31
C GLN D 31 -8.96 6.06 -39.05
N ASP D 32 -9.24 7.12 -39.80
CA ASP D 32 -10.41 7.31 -40.66
C ASP D 32 -10.95 6.02 -41.31
N ASP D 33 -10.04 5.05 -41.36
CA ASP D 33 -10.31 3.70 -41.91
C ASP D 33 -11.25 2.95 -40.95
N TYR D 34 -11.32 3.40 -39.69
CA TYR D 34 -12.13 2.69 -38.70
C TYR D 34 -13.16 3.58 -37.97
N GLU D 35 -14.26 2.96 -37.55
CA GLU D 35 -15.20 3.73 -36.77
C GLU D 35 -15.49 2.89 -35.57
N VAL D 36 -15.74 3.52 -34.41
CA VAL D 36 -16.03 2.78 -33.17
C VAL D 36 -17.49 2.47 -33.13
N VAL D 37 -17.82 1.34 -32.50
CA VAL D 37 -19.22 0.82 -32.41
C VAL D 37 -19.78 0.60 -30.95
N ARG D 38 -19.06 -0.10 -30.08
CA ARG D 38 -19.50 -0.33 -28.70
C ARG D 38 -18.31 -0.66 -27.82
N LYS D 39 -18.33 -0.27 -26.56
CA LYS D 39 -17.19 -0.63 -25.73
C LYS D 39 -17.38 -2.12 -25.52
N VAL D 40 -16.31 -2.88 -25.29
CA VAL D 40 -16.49 -4.30 -24.98
C VAL D 40 -15.64 -4.75 -23.78
N GLY D 41 -14.62 -3.99 -23.39
CA GLY D 41 -13.77 -4.41 -22.29
C GLY D 41 -12.92 -3.28 -21.83
N ARG D 42 -12.31 -3.41 -20.66
CA ARG D 42 -11.52 -2.31 -20.17
C ARG D 42 -10.43 -2.82 -19.27
N GLY D 43 -9.25 -3.09 -19.84
CA GLY D 43 -8.10 -3.61 -19.08
C GLY D 43 -7.22 -2.62 -18.32
N LYS D 44 -6.28 -3.08 -17.50
CA LYS D 44 -5.45 -2.18 -16.73
C LYS D 44 -4.79 -1.05 -17.57
N TYR D 45 -4.21 -1.48 -18.68
CA TYR D 45 -3.49 -0.61 -19.55
C TYR D 45 -4.15 -0.21 -20.82
N SER D 46 -5.39 -0.69 -21.03
CA SER D 46 -6.21 -0.44 -22.26
C SER D 46 -7.73 -0.42 -22.11
N GLU D 47 -8.38 -0.05 -23.18
CA GLU D 47 -9.81 0.07 -23.22
C GLU D 47 -10.22 -0.54 -24.53
N VAL D 48 -11.07 -1.55 -24.49
CA VAL D 48 -11.41 -2.20 -25.74
C VAL D 48 -12.78 -1.96 -26.40
N PHE D 49 -12.79 -1.64 -27.66
CA PHE D 49 -14.07 -1.35 -28.30
C PHE D 49 -14.16 -2.19 -29.50
N GLU D 50 -15.38 -2.52 -29.91
CA GLU D 50 -15.56 -3.25 -31.12
C GLU D 50 -15.75 -2.11 -32.09
N GLY D 51 -15.09 -2.17 -33.24
CA GLY D 51 -15.25 -1.11 -34.21
C GLY D 51 -15.55 -1.69 -35.59
N ILE D 52 -15.21 -0.94 -36.64
CA ILE D 52 -15.43 -1.41 -37.96
C ILE D 52 -14.51 -0.75 -38.96
N ASN D 53 -14.25 -1.47 -40.02
CA ASN D 53 -13.40 -1.00 -41.09
C ASN D 53 -14.36 -0.51 -42.15
N VAL D 54 -14.35 0.77 -42.43
CA VAL D 54 -15.29 1.30 -43.40
C VAL D 54 -15.03 0.86 -44.81
N ASN D 55 -13.76 0.64 -45.14
CA ASN D 55 -13.40 0.18 -46.46
C ASN D 55 -13.96 -1.23 -46.76
N ASN D 56 -13.50 -2.24 -46.03
CA ASN D 56 -13.94 -3.62 -46.26
C ASN D 56 -15.17 -4.09 -45.53
N ASN D 57 -15.66 -3.28 -44.59
CA ASN D 57 -16.83 -3.57 -43.73
C ASN D 57 -16.69 -4.76 -42.80
N GLU D 58 -15.51 -4.94 -42.26
CA GLU D 58 -15.29 -6.03 -41.39
C GLU D 58 -15.21 -5.56 -39.94
N LYS D 59 -15.78 -6.38 -39.04
CA LYS D 59 -15.83 -6.05 -37.62
C LYS D 59 -14.42 -6.14 -37.15
N CYS D 60 -14.01 -5.37 -36.15
CA CYS D 60 -12.65 -5.41 -35.66
C CYS D 60 -12.59 -4.99 -34.19
N ILE D 61 -11.45 -5.25 -33.54
CA ILE D 61 -11.30 -4.82 -32.13
C ILE D 61 -10.36 -3.58 -32.03
N ILE D 62 -10.78 -2.52 -31.39
CA ILE D 62 -9.93 -1.39 -31.29
C ILE D 62 -9.59 -1.48 -29.83
N LYS D 63 -8.29 -1.60 -29.50
CA LYS D 63 -7.85 -1.65 -28.09
C LYS D 63 -7.00 -0.40 -27.95
N ILE D 64 -7.57 0.58 -27.28
CA ILE D 64 -6.97 1.87 -27.05
C ILE D 64 -5.97 1.88 -25.87
N LEU D 65 -4.66 1.85 -26.12
CA LEU D 65 -3.66 1.81 -25.05
C LEU D 65 -3.65 3.02 -24.17
N LYS D 66 -3.81 2.75 -22.89
CA LYS D 66 -3.82 3.73 -21.83
C LYS D 66 -2.37 4.21 -21.67
N PRO D 67 -2.14 5.34 -20.94
CA PRO D 67 -0.87 6.01 -20.62
C PRO D 67 0.20 5.05 -20.15
N VAL D 68 1.25 4.90 -20.95
CA VAL D 68 2.32 3.97 -20.60
C VAL D 68 3.57 4.25 -21.46
N LYS D 69 4.73 3.92 -20.95
CA LYS D 69 5.96 4.18 -21.70
C LYS D 69 5.93 3.78 -23.14
N LYS D 70 6.29 4.72 -24.01
CA LYS D 70 6.30 4.40 -25.42
C LYS D 70 6.99 3.04 -25.66
N LYS D 71 8.07 2.79 -24.91
CA LYS D 71 8.79 1.56 -25.11
C LYS D 71 7.99 0.33 -24.72
N LYS D 72 6.96 0.48 -23.93
CA LYS D 72 6.20 -0.72 -23.55
C LYS D 72 5.13 -0.94 -24.58
N ILE D 73 5.09 -0.06 -25.55
CA ILE D 73 4.12 -0.18 -26.58
C ILE D 73 4.83 -0.71 -27.79
N LYS D 74 6.01 -0.20 -28.03
CA LYS D 74 6.70 -0.65 -29.19
C LYS D 74 6.92 -2.15 -28.94
N ARG D 75 6.94 -2.54 -27.68
CA ARG D 75 7.10 -3.97 -27.38
C ARG D 75 5.87 -4.78 -27.92
N GLU D 76 4.72 -4.64 -27.23
CA GLU D 76 3.47 -5.27 -27.62
C GLU D 76 3.38 -5.31 -29.14
N ILE D 77 3.54 -4.13 -29.80
CA ILE D 77 3.50 -3.92 -31.29
C ILE D 77 4.49 -4.85 -32.00
N LYS D 78 5.78 -4.72 -31.66
CA LYS D 78 6.80 -5.55 -32.32
C LYS D 78 6.45 -7.04 -32.14
N ILE D 79 6.23 -7.48 -30.90
CA ILE D 79 5.88 -8.89 -30.59
C ILE D 79 4.73 -9.34 -31.50
N LEU D 80 3.68 -8.52 -31.47
CA LEU D 80 2.52 -8.78 -32.32
C LEU D 80 2.95 -8.89 -33.76
N GLN D 81 3.71 -7.93 -34.27
CA GLN D 81 4.17 -8.05 -35.68
C GLN D 81 5.00 -9.37 -35.82
N ASN D 82 5.85 -9.64 -34.87
CA ASN D 82 6.62 -10.83 -34.93
C ASN D 82 5.79 -12.05 -34.97
N LEU D 83 4.72 -12.12 -34.19
CA LEU D 83 3.90 -13.36 -34.19
C LEU D 83 2.85 -13.51 -35.38
N CYS D 84 2.36 -12.36 -35.89
CA CYS D 84 1.33 -12.26 -36.92
C CYS D 84 1.48 -13.42 -37.81
N GLY D 85 0.36 -14.13 -37.97
CA GLY D 85 0.38 -15.30 -38.83
C GLY D 85 0.54 -16.55 -37.98
N GLY D 86 1.13 -16.39 -36.81
CA GLY D 86 1.25 -17.56 -35.95
C GLY D 86 -0.09 -18.22 -35.61
N PRO D 87 -0.12 -19.55 -35.60
CA PRO D 87 -1.32 -20.34 -35.28
C PRO D 87 -1.99 -19.82 -34.02
N ASN D 88 -3.29 -19.56 -34.10
CA ASN D 88 -3.99 -19.09 -32.92
C ASN D 88 -3.45 -17.84 -32.25
N ILE D 89 -2.74 -17.04 -32.99
CA ILE D 89 -2.26 -15.85 -32.37
C ILE D 89 -3.17 -14.73 -32.79
N VAL D 90 -3.51 -13.85 -31.86
CA VAL D 90 -4.41 -12.78 -32.23
C VAL D 90 -3.65 -12.02 -33.27
N LYS D 91 -4.38 -11.50 -34.20
CA LYS D 91 -3.74 -10.80 -35.24
C LYS D 91 -3.90 -9.25 -35.27
N LEU D 92 -2.74 -8.59 -35.22
CA LEU D 92 -2.70 -7.14 -35.27
C LEU D 92 -2.95 -6.70 -36.64
N LEU D 93 -4.00 -5.91 -36.85
CA LEU D 93 -4.33 -5.52 -38.19
C LEU D 93 -3.79 -4.21 -38.64
N ASP D 94 -3.46 -3.35 -37.70
CA ASP D 94 -3.01 -2.08 -38.13
C ASP D 94 -2.77 -1.38 -36.85
N ILE D 95 -1.86 -0.44 -36.77
CA ILE D 95 -1.75 0.25 -35.49
C ILE D 95 -2.07 1.74 -35.81
N VAL D 96 -2.80 2.45 -34.91
CA VAL D 96 -3.22 3.85 -35.10
C VAL D 96 -3.04 4.78 -33.92
N ARG D 97 -3.27 6.07 -34.18
CA ARG D 97 -3.00 7.01 -33.12
C ARG D 97 -3.83 8.29 -33.17
N ASP D 98 -4.19 8.76 -32.01
CA ASP D 98 -4.94 9.95 -31.88
C ASP D 98 -4.05 11.03 -32.18
N GLN D 99 -4.50 11.78 -33.13
CA GLN D 99 -3.87 12.95 -33.67
C GLN D 99 -3.43 13.92 -32.57
N HIS D 100 -4.27 14.03 -31.56
CA HIS D 100 -4.02 15.02 -30.57
C HIS D 100 -3.93 14.59 -29.10
N SER D 101 -4.63 13.53 -28.71
CA SER D 101 -4.61 13.02 -27.32
C SER D 101 -3.45 12.09 -27.16
N LYS D 102 -2.83 11.79 -28.30
CA LYS D 102 -1.65 10.93 -28.37
C LYS D 102 -2.07 9.45 -28.04
N THR D 103 -3.30 9.32 -27.55
CA THR D 103 -3.87 8.03 -27.24
C THR D 103 -3.80 7.06 -28.43
N PRO D 104 -2.69 6.30 -28.44
CA PRO D 104 -2.34 5.30 -29.44
C PRO D 104 -3.42 4.22 -29.34
N SER D 105 -3.44 3.29 -30.29
CA SER D 105 -4.40 2.18 -30.30
C SER D 105 -4.13 1.03 -31.31
N LEU D 106 -4.35 -0.20 -30.90
CA LEU D 106 -4.15 -1.39 -31.75
C LEU D 106 -5.53 -1.98 -32.25
N ILE D 107 -5.68 -2.12 -33.57
CA ILE D 107 -6.89 -2.58 -34.20
C ILE D 107 -6.70 -3.98 -34.62
N PHE D 108 -7.18 -4.89 -33.79
CA PHE D 108 -7.06 -6.32 -34.04
C PHE D 108 -8.16 -6.87 -34.81
N GLU D 109 -7.98 -8.15 -35.15
CA GLU D 109 -8.94 -8.96 -35.89
C GLU D 109 -10.04 -9.20 -34.90
N TYR D 110 -11.27 -9.38 -35.31
CA TYR D 110 -12.31 -9.59 -34.33
C TYR D 110 -12.56 -11.05 -33.99
N VAL D 111 -12.84 -11.37 -32.73
CA VAL D 111 -13.17 -12.79 -32.48
C VAL D 111 -14.46 -12.79 -31.78
N ASN D 112 -15.35 -13.69 -32.16
CA ASN D 112 -16.60 -13.73 -31.44
C ASN D 112 -16.14 -14.50 -30.24
N ASN D 113 -16.42 -14.04 -29.03
CA ASN D 113 -16.02 -14.78 -27.84
C ASN D 113 -17.08 -14.85 -26.74
N THR D 114 -17.05 -15.89 -25.92
CA THR D 114 -17.97 -15.99 -24.82
C THR D 114 -17.07 -16.07 -23.61
N ASP D 115 -17.33 -15.20 -22.66
CA ASP D 115 -16.44 -15.18 -21.52
C ASP D 115 -16.33 -16.58 -21.03
N PHE D 116 -15.15 -16.97 -20.59
CA PHE D 116 -15.04 -18.33 -20.11
C PHE D 116 -16.06 -18.56 -18.99
N LYS D 117 -16.24 -17.62 -18.09
CA LYS D 117 -17.18 -17.86 -17.03
C LYS D 117 -18.47 -18.47 -17.52
N VAL D 118 -18.94 -18.05 -18.69
CA VAL D 118 -20.17 -18.53 -19.25
C VAL D 118 -19.87 -19.64 -20.23
N LEU D 119 -18.82 -19.57 -21.01
CA LEU D 119 -18.66 -20.68 -21.91
C LEU D 119 -18.05 -21.97 -21.40
N TYR D 120 -16.97 -21.93 -20.64
CA TYR D 120 -16.33 -23.16 -20.15
C TYR D 120 -17.27 -24.18 -19.55
N PRO D 121 -18.06 -23.78 -18.60
CA PRO D 121 -18.94 -24.84 -18.09
C PRO D 121 -19.47 -25.62 -19.29
N THR D 122 -20.12 -24.95 -20.22
CA THR D 122 -20.67 -25.51 -21.46
C THR D 122 -19.81 -26.58 -22.17
N LEU D 123 -18.49 -26.54 -22.09
CA LEU D 123 -17.70 -27.53 -22.82
C LEU D 123 -17.70 -29.03 -22.34
N THR D 124 -17.28 -29.88 -23.26
CA THR D 124 -17.24 -31.30 -23.00
C THR D 124 -15.85 -31.74 -22.90
N ASP D 125 -15.64 -32.85 -22.22
CA ASP D 125 -14.29 -33.39 -22.08
C ASP D 125 -13.47 -33.15 -23.31
N TYR D 126 -13.98 -33.59 -24.42
CA TYR D 126 -13.29 -33.36 -25.66
C TYR D 126 -13.08 -31.81 -25.93
N ASP D 127 -14.19 -31.05 -25.85
CA ASP D 127 -14.14 -29.61 -26.08
C ASP D 127 -12.88 -29.08 -25.43
N ILE D 128 -12.70 -29.38 -24.17
CA ILE D 128 -11.54 -28.87 -23.53
C ILE D 128 -10.27 -29.37 -24.13
N ARG D 129 -10.14 -30.68 -24.24
CA ARG D 129 -8.92 -31.24 -24.78
C ARG D 129 -8.58 -30.45 -25.98
N TYR D 130 -9.58 -30.27 -26.84
CA TYR D 130 -9.34 -29.52 -28.07
C TYR D 130 -8.75 -28.12 -27.84
N TYR D 131 -9.56 -27.29 -27.24
CA TYR D 131 -9.16 -25.93 -26.98
C TYR D 131 -7.81 -25.78 -26.37
N ILE D 132 -7.38 -26.76 -25.58
CA ILE D 132 -6.08 -26.62 -24.95
C ILE D 132 -5.03 -26.97 -25.93
N TYR D 133 -5.40 -27.88 -26.80
CA TYR D 133 -4.48 -28.32 -27.83
C TYR D 133 -4.32 -27.11 -28.76
N GLU D 134 -5.38 -26.33 -28.92
CA GLU D 134 -5.31 -25.14 -29.75
C GLU D 134 -4.51 -24.01 -29.07
N LEU D 135 -4.77 -23.83 -27.79
CA LEU D 135 -4.06 -22.88 -26.98
C LEU D 135 -2.59 -23.23 -27.02
N LEU D 136 -2.30 -24.52 -27.08
CA LEU D 136 -0.92 -25.02 -27.10
C LEU D 136 -0.18 -24.61 -28.36
N LYS D 137 -0.81 -24.78 -29.51
CA LYS D 137 -0.14 -24.39 -30.74
C LYS D 137 0.21 -22.89 -30.62
N ALA D 138 -0.62 -22.09 -29.95
CA ALA D 138 -0.26 -20.71 -29.88
C ALA D 138 0.96 -20.65 -29.07
N LEU D 139 0.92 -21.12 -27.82
CA LEU D 139 2.16 -21.02 -27.01
C LEU D 139 3.43 -21.64 -27.66
N ASP D 140 3.36 -22.83 -28.28
CA ASP D 140 4.58 -23.38 -28.83
C ASP D 140 5.07 -22.52 -29.91
N TYR D 141 4.17 -21.97 -30.69
CA TYR D 141 4.56 -21.11 -31.76
C TYR D 141 5.33 -19.98 -31.17
N CYS D 142 4.59 -19.05 -30.61
CA CYS D 142 5.25 -17.91 -30.07
C CYS D 142 6.52 -18.13 -29.21
N HIS D 143 6.66 -19.25 -28.46
CA HIS D 143 7.89 -19.50 -27.63
C HIS D 143 9.06 -19.66 -28.62
N SER D 144 8.76 -20.46 -29.65
CA SER D 144 9.71 -20.78 -30.72
C SER D 144 10.12 -19.53 -31.43
N GLN D 145 9.45 -18.42 -31.14
CA GLN D 145 9.79 -17.22 -31.81
C GLN D 145 10.50 -16.34 -30.88
N GLY D 146 10.90 -16.90 -29.75
CA GLY D 146 11.68 -16.12 -28.80
C GLY D 146 10.90 -15.32 -27.78
N ILE D 147 9.58 -15.51 -27.85
CA ILE D 147 8.69 -14.79 -26.99
C ILE D 147 7.97 -15.61 -25.91
N MET D 148 7.82 -14.94 -24.78
CA MET D 148 7.11 -15.41 -23.62
C MET D 148 5.79 -14.63 -23.58
N HIS D 149 4.66 -15.27 -23.45
CA HIS D 149 3.47 -14.46 -23.34
C HIS D 149 3.23 -13.89 -21.94
N ARG D 150 4.04 -14.26 -20.97
CA ARG D 150 3.88 -13.83 -19.62
C ARG D 150 2.50 -13.39 -19.06
N ASP D 151 1.37 -13.91 -19.63
CA ASP D 151 -0.03 -13.61 -19.10
C ASP D 151 -1.18 -14.51 -19.55
N VAL D 152 -1.02 -15.81 -19.39
CA VAL D 152 -2.01 -16.72 -19.93
C VAL D 152 -2.97 -16.68 -18.90
N LYS D 153 -4.22 -16.99 -19.23
CA LYS D 153 -5.37 -17.06 -18.33
C LYS D 153 -6.58 -17.08 -19.21
N PRO D 154 -7.69 -17.53 -18.65
CA PRO D 154 -8.85 -17.53 -19.54
C PRO D 154 -9.11 -16.17 -20.25
N HIS D 155 -9.35 -15.11 -19.51
CA HIS D 155 -9.61 -13.80 -20.06
C HIS D 155 -8.67 -13.35 -21.17
N ASN D 156 -7.55 -14.03 -21.39
CA ASN D 156 -6.65 -13.66 -22.43
C ASN D 156 -6.68 -14.68 -23.55
N VAL D 157 -7.76 -15.38 -23.68
CA VAL D 157 -7.89 -16.31 -24.80
C VAL D 157 -9.36 -16.32 -25.29
N MET D 158 -9.53 -15.83 -26.48
CA MET D 158 -10.82 -15.72 -27.14
C MET D 158 -11.23 -17.08 -27.76
N ILE D 159 -12.47 -17.47 -27.62
CA ILE D 159 -12.90 -18.69 -28.25
C ILE D 159 -14.24 -18.41 -28.93
N ASP D 160 -14.30 -18.72 -30.21
CA ASP D 160 -15.53 -18.56 -30.98
C ASP D 160 -15.88 -20.02 -30.98
N HIS D 161 -16.38 -20.48 -29.82
CA HIS D 161 -16.73 -21.87 -29.64
C HIS D 161 -17.73 -22.31 -30.57
N GLU D 162 -18.17 -21.43 -31.46
CA GLU D 162 -19.10 -21.84 -32.49
C GLU D 162 -18.18 -22.42 -33.56
N LEU D 163 -17.32 -21.60 -34.15
CA LEU D 163 -16.39 -22.06 -35.19
C LEU D 163 -15.19 -22.78 -34.56
N ARG D 164 -15.29 -23.32 -33.35
CA ARG D 164 -14.12 -23.95 -32.72
C ARG D 164 -12.76 -23.23 -33.05
N LYS D 165 -12.78 -21.87 -33.12
CA LYS D 165 -11.61 -21.02 -33.37
C LYS D 165 -11.03 -20.43 -32.09
N LEU D 166 -9.73 -20.27 -31.97
CA LEU D 166 -9.24 -19.76 -30.72
C LEU D 166 -8.12 -18.80 -30.90
N ARG D 167 -8.09 -17.74 -30.14
CA ARG D 167 -7.01 -16.79 -30.25
C ARG D 167 -6.38 -16.44 -28.89
N LEU D 168 -5.04 -16.34 -28.81
CA LEU D 168 -4.38 -15.93 -27.58
C LEU D 168 -4.24 -14.37 -27.77
N ILE D 169 -4.47 -13.56 -26.74
CA ILE D 169 -4.49 -12.11 -26.93
C ILE D 169 -3.78 -11.39 -25.79
N ASP D 170 -3.73 -10.05 -25.83
CA ASP D 170 -3.09 -9.26 -24.78
C ASP D 170 -1.55 -9.57 -24.64
N TRP D 171 -0.78 -9.06 -25.59
CA TRP D 171 0.64 -9.34 -25.57
C TRP D 171 1.35 -8.22 -24.85
N GLY D 172 0.53 -7.48 -24.12
CA GLY D 172 1.09 -6.40 -23.33
C GLY D 172 2.06 -6.83 -22.22
N LEU D 173 2.09 -8.11 -21.95
CA LEU D 173 2.97 -8.58 -20.93
C LEU D 173 3.95 -9.45 -21.60
N ALA D 174 3.62 -9.98 -22.79
CA ALA D 174 4.63 -10.77 -23.51
C ALA D 174 5.94 -9.95 -23.66
N GLU D 175 7.03 -10.71 -23.66
CA GLU D 175 8.38 -10.18 -23.73
C GLU D 175 9.31 -11.18 -24.48
N PHE D 176 10.41 -10.68 -25.05
CA PHE D 176 11.39 -11.52 -25.76
C PHE D 176 12.25 -12.31 -24.77
N TYR D 177 12.52 -13.58 -25.07
CA TYR D 177 13.34 -14.36 -24.14
C TYR D 177 14.81 -14.31 -24.57
N HIS D 178 15.69 -13.99 -23.62
CA HIS D 178 17.13 -13.95 -23.92
C HIS D 178 17.71 -14.81 -22.81
N PRO D 179 18.54 -15.77 -23.17
CA PRO D 179 19.12 -16.65 -22.15
C PRO D 179 19.85 -15.91 -21.04
N GLY D 180 19.65 -16.35 -19.82
CA GLY D 180 20.32 -15.70 -18.71
C GLY D 180 19.78 -14.31 -18.30
N LYS D 181 18.83 -13.73 -19.01
CA LYS D 181 18.30 -12.45 -18.59
C LYS D 181 17.51 -12.58 -17.24
N GLU D 182 17.67 -11.58 -16.39
CA GLU D 182 16.93 -11.51 -15.13
C GLU D 182 15.74 -10.63 -15.44
N TYR D 183 14.54 -11.18 -15.44
CA TYR D 183 13.35 -10.42 -15.81
C TYR D 183 12.62 -9.93 -14.61
N ASN D 184 11.42 -9.46 -14.84
CA ASN D 184 10.66 -8.88 -13.75
C ASN D 184 9.59 -9.81 -13.30
N VAL D 185 9.43 -10.06 -12.00
CA VAL D 185 8.37 -10.97 -11.59
C VAL D 185 6.98 -10.43 -11.40
N ARG D 186 6.81 -9.12 -11.61
CA ARG D 186 5.51 -8.50 -11.46
C ARG D 186 4.88 -8.66 -12.82
N VAL D 187 4.50 -9.88 -13.15
CA VAL D 187 3.87 -10.20 -14.44
C VAL D 187 2.72 -11.14 -14.22
N ALA D 188 2.16 -11.63 -15.33
CA ALA D 188 1.00 -12.55 -15.31
C ALA D 188 -0.09 -11.94 -14.43
N SER D 189 -1.03 -12.76 -13.98
CA SER D 189 -2.05 -12.25 -13.13
C SER D 189 -2.01 -13.08 -11.88
N ARG D 190 -2.13 -12.46 -10.72
CA ARG D 190 -2.03 -13.22 -9.48
C ARG D 190 -2.22 -14.71 -9.63
N TYR D 191 -3.48 -15.11 -9.64
CA TYR D 191 -3.90 -16.45 -9.71
C TYR D 191 -3.06 -17.31 -10.54
N PHE D 192 -2.53 -16.74 -11.62
CA PHE D 192 -1.70 -17.53 -12.54
C PHE D 192 -0.16 -17.32 -12.64
N LYS D 193 0.39 -16.76 -11.57
CA LYS D 193 1.83 -16.48 -11.50
C LYS D 193 2.29 -17.81 -11.08
N GLY D 194 3.45 -18.16 -11.61
CA GLY D 194 4.11 -19.43 -11.32
C GLY D 194 4.99 -19.24 -10.12
N PRO D 195 5.36 -20.32 -9.49
CA PRO D 195 6.19 -20.12 -8.30
C PRO D 195 7.40 -19.23 -8.50
N GLU D 196 8.06 -19.35 -9.63
CA GLU D 196 9.24 -18.56 -9.85
C GLU D 196 8.98 -17.08 -9.68
N LEU D 197 7.81 -16.59 -10.07
CA LEU D 197 7.61 -15.16 -9.85
C LEU D 197 7.32 -14.95 -8.38
N LEU D 198 6.79 -15.97 -7.67
CA LEU D 198 6.43 -15.78 -6.27
C LEU D 198 7.54 -15.93 -5.28
N VAL D 199 8.71 -16.40 -5.74
CA VAL D 199 9.85 -16.59 -4.89
C VAL D 199 11.00 -15.81 -5.45
N ASP D 200 10.68 -14.87 -6.31
CA ASP D 200 11.67 -14.07 -6.96
C ASP D 200 12.79 -14.70 -7.73
N LEU D 201 12.50 -15.68 -8.58
CA LEU D 201 13.55 -16.27 -9.36
C LEU D 201 13.50 -15.54 -10.67
N GLN D 202 14.19 -14.40 -10.79
CA GLN D 202 14.13 -13.58 -11.99
C GLN D 202 14.56 -14.02 -13.37
N ASP D 203 15.57 -14.85 -13.48
CA ASP D 203 15.92 -15.28 -14.82
C ASP D 203 14.98 -16.39 -15.24
N TYR D 204 13.66 -16.13 -15.43
CA TYR D 204 12.69 -17.17 -15.80
C TYR D 204 12.63 -17.33 -17.29
N ASP D 205 11.77 -18.25 -17.76
CA ASP D 205 11.71 -18.48 -19.20
C ASP D 205 10.33 -18.81 -19.63
N TYR D 206 10.18 -19.33 -20.86
CA TYR D 206 8.84 -19.73 -21.39
C TYR D 206 8.10 -20.52 -20.30
N SER D 207 8.82 -21.40 -19.63
CA SER D 207 8.26 -22.21 -18.56
C SER D 207 7.07 -21.52 -17.81
N LEU D 208 7.22 -20.22 -17.62
CA LEU D 208 6.19 -19.46 -16.90
C LEU D 208 4.86 -19.67 -17.62
N ASP D 209 4.84 -19.57 -18.91
CA ASP D 209 3.55 -19.74 -19.44
C ASP D 209 2.97 -21.07 -19.15
N MET D 210 3.84 -22.08 -19.03
CA MET D 210 3.36 -23.45 -18.78
C MET D 210 2.61 -23.54 -17.52
N TRP D 211 3.13 -22.94 -16.45
CA TRP D 211 2.35 -22.97 -15.21
C TRP D 211 0.97 -22.22 -15.37
N SER D 212 0.90 -21.15 -16.15
CA SER D 212 -0.39 -20.48 -16.31
C SER D 212 -1.27 -21.45 -16.96
N LEU D 213 -0.83 -22.03 -18.08
CA LEU D 213 -1.64 -23.05 -18.73
C LEU D 213 -1.99 -24.04 -17.64
N GLY D 214 -0.98 -24.38 -16.85
CA GLY D 214 -1.22 -25.24 -15.70
C GLY D 214 -2.50 -24.80 -14.97
N CYS D 215 -2.42 -23.70 -14.23
CA CYS D 215 -3.62 -23.23 -13.52
C CYS D 215 -4.93 -23.27 -14.39
N MET D 216 -4.88 -22.53 -15.50
CA MET D 216 -5.98 -22.43 -16.42
C MET D 216 -6.66 -23.72 -16.62
N PHE D 217 -5.85 -24.72 -17.08
CA PHE D 217 -6.31 -26.12 -17.34
C PHE D 217 -6.86 -26.79 -16.02
N ALA D 218 -6.02 -26.77 -14.99
CA ALA D 218 -6.40 -27.39 -13.76
C ALA D 218 -7.81 -26.89 -13.44
N GLY D 219 -8.01 -25.61 -13.47
CA GLY D 219 -9.32 -25.21 -13.08
C GLY D 219 -10.45 -25.59 -14.00
N MET D 220 -10.12 -25.86 -15.25
CA MET D 220 -11.21 -26.15 -16.16
C MET D 220 -11.76 -27.54 -15.90
N ILE D 221 -10.87 -28.53 -15.71
CA ILE D 221 -11.32 -29.88 -15.54
C ILE D 221 -11.90 -29.97 -14.17
N PHE D 222 -11.37 -29.23 -13.20
CA PHE D 222 -11.88 -29.37 -11.86
C PHE D 222 -13.02 -28.49 -11.52
N ARG D 223 -13.25 -27.49 -12.36
CA ARG D 223 -14.34 -26.51 -12.21
C ARG D 223 -14.15 -25.86 -10.92
N LYS D 224 -13.08 -25.09 -10.84
CA LYS D 224 -12.75 -24.41 -9.60
C LYS D 224 -11.85 -23.20 -9.89
N GLU D 225 -12.32 -22.25 -10.73
CA GLU D 225 -11.53 -21.05 -11.06
C GLU D 225 -11.77 -20.02 -10.02
N PRO D 226 -10.73 -19.38 -9.56
CA PRO D 226 -9.35 -19.62 -9.93
C PRO D 226 -8.94 -20.89 -9.17
N PHE D 227 -8.01 -21.69 -9.69
CA PHE D 227 -7.62 -22.89 -8.93
C PHE D 227 -6.90 -22.47 -7.66
N PHE D 228 -5.79 -21.78 -7.82
CA PHE D 228 -5.09 -21.28 -6.68
C PHE D 228 -5.61 -19.86 -6.58
N TYR D 229 -6.30 -19.55 -5.47
CA TYR D 229 -6.93 -18.24 -5.18
C TYR D 229 -6.17 -17.43 -4.13
N GLY D 230 -5.10 -16.75 -4.54
CA GLY D 230 -4.36 -15.96 -3.59
C GLY D 230 -5.04 -14.60 -3.38
N HIS D 231 -5.00 -14.04 -2.17
CA HIS D 231 -5.58 -12.73 -2.02
C HIS D 231 -4.44 -11.78 -2.24
N ASP D 232 -3.24 -12.35 -2.19
CA ASP D 232 -2.02 -11.58 -2.38
C ASP D 232 -0.81 -12.42 -2.79
N ASN D 233 0.12 -11.81 -3.47
CA ASN D 233 1.23 -12.55 -3.94
C ASN D 233 1.81 -13.56 -2.98
N HIS D 234 2.10 -13.14 -1.75
CA HIS D 234 2.58 -14.07 -0.74
C HIS D 234 1.54 -15.23 -0.62
N ASP D 235 0.31 -14.88 -0.29
CA ASP D 235 -0.75 -15.87 -0.16
C ASP D 235 -0.87 -16.81 -1.29
N GLN D 236 -0.57 -16.32 -2.51
CA GLN D 236 -0.64 -17.16 -3.72
C GLN D 236 0.32 -18.38 -3.52
N LEU D 237 1.60 -18.10 -3.25
CA LEU D 237 2.57 -19.16 -3.04
C LEU D 237 2.01 -20.11 -2.02
N VAL D 238 1.52 -19.55 -0.93
CA VAL D 238 0.93 -20.35 0.11
C VAL D 238 -0.15 -21.26 -0.46
N LYS D 239 -1.17 -20.67 -1.10
CA LYS D 239 -2.27 -21.42 -1.63
C LYS D 239 -1.73 -22.48 -2.55
N ILE D 240 -0.58 -22.25 -3.20
CA ILE D 240 -0.01 -23.29 -4.08
C ILE D 240 0.58 -24.48 -3.20
N ALA D 241 1.31 -24.10 -2.14
CA ALA D 241 1.95 -25.01 -1.23
C ALA D 241 0.94 -25.99 -0.66
N LYS D 242 -0.19 -25.48 -0.25
CA LYS D 242 -1.21 -26.36 0.29
C LYS D 242 -1.80 -27.31 -0.78
N VAL D 243 -1.24 -27.31 -1.99
CA VAL D 243 -1.74 -28.25 -2.98
C VAL D 243 -0.60 -29.09 -3.43
N LEU D 244 0.52 -28.46 -3.76
CA LEU D 244 1.68 -29.22 -4.19
C LEU D 244 2.53 -29.64 -3.01
N GLY D 245 2.17 -29.16 -1.82
CA GLY D 245 2.88 -29.50 -0.61
C GLY D 245 4.28 -28.90 -0.53
N THR D 246 4.65 -28.42 0.67
CA THR D 246 5.95 -27.78 0.92
C THR D 246 7.25 -28.58 0.67
N ASP D 247 7.19 -29.90 0.86
CA ASP D 247 8.33 -30.81 0.66
C ASP D 247 8.88 -30.71 -0.75
N GLY D 248 8.13 -30.07 -1.62
CA GLY D 248 8.63 -29.89 -2.95
C GLY D 248 9.09 -28.44 -3.07
N LEU D 249 8.33 -27.54 -2.46
CA LEU D 249 8.69 -26.14 -2.55
C LEU D 249 10.12 -25.99 -2.06
N ASN D 250 10.53 -26.86 -1.14
CA ASN D 250 11.87 -26.76 -0.57
C ASN D 250 12.96 -27.32 -1.42
N VAL D 251 12.75 -28.51 -1.94
CA VAL D 251 13.71 -29.12 -2.84
C VAL D 251 14.01 -28.08 -3.94
N TYR D 252 12.97 -27.38 -4.41
CA TYR D 252 12.99 -26.37 -5.48
C TYR D 252 13.90 -25.24 -5.11
N LEU D 253 13.59 -24.65 -4.00
CA LEU D 253 14.35 -23.55 -3.48
C LEU D 253 15.82 -23.87 -3.39
N ASN D 254 16.16 -25.02 -2.83
CA ASN D 254 17.55 -25.30 -2.73
C ASN D 254 18.14 -25.43 -4.09
N LYS D 255 17.53 -26.20 -4.98
CA LYS D 255 18.08 -26.35 -6.32
C LYS D 255 18.46 -25.01 -6.88
N TYR D 256 17.64 -23.99 -6.72
CA TYR D 256 18.04 -22.74 -7.31
C TYR D 256 18.59 -21.74 -6.33
N ARG D 257 19.04 -22.26 -5.21
CA ARG D 257 19.62 -21.43 -4.19
C ARG D 257 18.73 -20.23 -3.83
N ILE D 258 17.44 -20.36 -4.00
CA ILE D 258 16.56 -19.25 -3.65
C ILE D 258 16.21 -19.20 -2.16
N GLU D 259 16.00 -18.01 -1.61
CA GLU D 259 15.68 -17.91 -0.19
C GLU D 259 14.36 -17.22 0.17
N LEU D 260 13.46 -17.91 0.83
CA LEU D 260 12.22 -17.27 1.12
C LEU D 260 12.41 -16.17 2.10
N ASP D 261 11.79 -15.01 1.89
CA ASP D 261 11.92 -13.96 2.89
C ASP D 261 11.36 -14.72 4.04
N PRO D 262 11.91 -14.51 5.23
CA PRO D 262 11.30 -15.26 6.31
C PRO D 262 9.95 -14.61 6.23
N GLN D 263 9.00 -15.08 7.01
CA GLN D 263 7.67 -14.52 6.99
C GLN D 263 6.96 -15.22 5.89
N LEU D 264 7.44 -15.08 4.67
CA LEU D 264 6.72 -15.80 3.62
C LEU D 264 6.92 -17.23 4.03
N GLU D 265 8.11 -17.50 4.52
CA GLU D 265 8.38 -18.82 4.95
C GLU D 265 7.32 -19.08 5.95
N ALA D 266 7.26 -18.22 6.95
CA ALA D 266 6.29 -18.40 7.98
C ALA D 266 4.95 -18.72 7.36
N LEU D 267 4.28 -17.73 6.78
CA LEU D 267 2.95 -17.88 6.13
C LEU D 267 2.73 -19.16 5.39
N VAL D 268 3.76 -19.63 4.66
CA VAL D 268 3.68 -20.89 3.92
C VAL D 268 3.57 -22.00 4.94
N GLY D 269 4.62 -22.26 5.69
CA GLY D 269 4.46 -23.27 6.70
C GLY D 269 4.69 -24.65 6.20
N ARG D 270 4.38 -25.65 7.00
CA ARG D 270 4.59 -27.04 6.55
C ARG D 270 3.23 -27.50 6.05
N HIS D 271 3.25 -28.19 4.89
CA HIS D 271 2.03 -28.72 4.24
C HIS D 271 2.35 -29.89 3.39
N SER D 272 1.49 -30.90 3.40
CA SER D 272 1.76 -32.07 2.60
C SER D 272 1.11 -31.83 1.30
N ARG D 273 1.54 -32.53 0.29
CA ARG D 273 0.91 -32.34 -0.99
C ARG D 273 -0.45 -33.00 -1.05
N LYS D 274 -1.38 -32.37 -1.74
CA LYS D 274 -2.74 -32.91 -1.94
C LYS D 274 -2.80 -33.53 -3.36
N PRO D 275 -3.06 -34.84 -3.50
CA PRO D 275 -3.12 -35.49 -4.82
C PRO D 275 -4.30 -35.04 -5.65
N TRP D 276 -4.06 -34.83 -6.94
CA TRP D 276 -5.10 -34.32 -7.84
C TRP D 276 -6.47 -34.95 -7.72
N LEU D 277 -6.54 -36.23 -7.42
CA LEU D 277 -7.81 -36.85 -7.32
C LEU D 277 -8.62 -36.24 -6.28
N LYS D 278 -8.03 -35.54 -5.33
CA LYS D 278 -8.84 -34.96 -4.25
C LYS D 278 -9.66 -33.72 -4.68
N PHE D 279 -9.75 -33.54 -6.00
CA PHE D 279 -10.47 -32.40 -6.58
C PHE D 279 -11.53 -32.91 -7.49
N MET D 280 -11.56 -34.24 -7.67
CA MET D 280 -12.55 -34.85 -8.53
C MET D 280 -13.78 -34.93 -7.72
N ASN D 281 -14.72 -34.09 -8.05
CA ASN D 281 -15.97 -34.05 -7.38
C ASN D 281 -16.94 -34.77 -8.34
N ALA D 282 -18.25 -34.83 -8.00
CA ALA D 282 -19.24 -35.48 -8.87
C ALA D 282 -19.53 -34.71 -10.13
N ASP D 283 -19.79 -33.43 -9.96
CA ASP D 283 -20.07 -32.59 -11.08
C ASP D 283 -18.99 -32.59 -12.12
N ASN D 284 -17.73 -32.51 -11.70
CA ASN D 284 -16.63 -32.43 -12.62
C ASN D 284 -16.04 -33.72 -13.13
N GLN D 285 -16.45 -34.81 -12.51
CA GLN D 285 -15.96 -36.15 -12.85
C GLN D 285 -15.90 -36.52 -14.37
N HIS D 286 -16.73 -35.87 -15.18
CA HIS D 286 -16.68 -36.25 -16.56
C HIS D 286 -15.50 -35.72 -17.31
N LEU D 287 -14.75 -34.78 -16.74
CA LEU D 287 -13.61 -34.19 -17.44
C LEU D 287 -12.24 -34.72 -16.98
N VAL D 288 -12.24 -35.19 -15.74
CA VAL D 288 -11.08 -35.78 -15.04
C VAL D 288 -10.79 -37.23 -15.52
N SER D 289 -9.54 -37.45 -15.93
CA SER D 289 -9.12 -38.69 -16.49
C SER D 289 -7.68 -38.96 -16.17
N PRO D 290 -7.36 -40.24 -15.97
CA PRO D 290 -6.00 -40.52 -15.62
C PRO D 290 -5.04 -39.68 -16.46
N GLU D 291 -5.39 -39.39 -17.73
CA GLU D 291 -4.49 -38.58 -18.58
C GLU D 291 -4.58 -37.11 -18.19
N ALA D 292 -5.80 -36.60 -18.10
CA ALA D 292 -5.96 -35.19 -17.73
C ALA D 292 -5.09 -34.98 -16.53
N ILE D 293 -5.08 -35.90 -15.60
CA ILE D 293 -4.24 -35.68 -14.47
C ILE D 293 -2.70 -35.74 -14.76
N ASP D 294 -2.27 -36.71 -15.57
CA ASP D 294 -0.85 -36.82 -15.84
C ASP D 294 -0.39 -35.49 -16.41
N PHE D 295 -1.11 -35.05 -17.45
CA PHE D 295 -0.83 -33.82 -18.14
C PHE D 295 -0.81 -32.65 -17.17
N LEU D 296 -1.89 -32.46 -16.45
CA LEU D 296 -1.87 -31.37 -15.49
C LEU D 296 -0.62 -31.55 -14.71
N ASP D 297 -0.54 -32.63 -13.95
CA ASP D 297 0.60 -32.83 -13.11
C ASP D 297 1.91 -32.49 -13.72
N LYS D 298 2.03 -32.62 -15.03
CA LYS D 298 3.28 -32.30 -15.69
C LYS D 298 3.42 -30.84 -16.11
N LEU D 299 2.36 -30.05 -15.86
CA LEU D 299 2.35 -28.61 -16.11
C LEU D 299 2.67 -27.92 -14.78
N LEU D 300 1.99 -28.32 -13.73
CA LEU D 300 2.19 -27.71 -12.42
C LEU D 300 3.32 -28.17 -11.56
N ARG D 301 4.55 -27.82 -11.91
CA ARG D 301 5.65 -28.22 -11.03
C ARG D 301 6.32 -26.94 -10.54
N TYR D 302 6.87 -27.00 -9.36
CA TYR D 302 7.55 -25.85 -8.81
C TYR D 302 8.70 -25.56 -9.75
N ASP D 303 9.37 -26.59 -10.20
CA ASP D 303 10.50 -26.38 -11.05
C ASP D 303 10.16 -26.16 -12.50
N HIS D 304 10.26 -24.91 -12.95
CA HIS D 304 9.96 -24.53 -14.32
C HIS D 304 10.69 -25.38 -15.32
N GLN D 305 11.86 -25.89 -14.89
CA GLN D 305 12.72 -26.75 -15.71
C GLN D 305 11.98 -28.06 -15.97
N GLU D 306 11.37 -28.58 -14.93
CA GLU D 306 10.60 -29.80 -15.10
C GLU D 306 9.18 -29.76 -15.68
N ARG D 307 8.73 -28.59 -16.16
CA ARG D 307 7.38 -28.52 -16.73
C ARG D 307 7.43 -29.00 -18.14
N LEU D 308 6.28 -29.25 -18.74
CA LEU D 308 6.32 -29.70 -20.10
C LEU D 308 6.60 -28.52 -20.98
N THR D 309 7.13 -28.82 -22.14
CA THR D 309 7.39 -27.85 -23.15
C THR D 309 6.03 -27.71 -23.77
N ALA D 310 5.85 -26.71 -24.60
CA ALA D 310 4.57 -26.60 -25.22
C ALA D 310 4.51 -27.87 -26.03
N LEU D 311 5.56 -28.00 -26.85
CA LEU D 311 5.70 -29.10 -27.80
C LEU D 311 5.44 -30.44 -27.24
N GLU D 312 6.12 -30.72 -26.15
CA GLU D 312 6.00 -31.98 -25.46
C GLU D 312 4.57 -32.22 -25.07
N ALA D 313 3.92 -31.18 -24.58
CA ALA D 313 2.59 -31.35 -24.16
C ALA D 313 1.68 -31.61 -25.33
N MET D 314 2.01 -31.09 -26.49
CA MET D 314 1.11 -31.33 -27.61
C MET D 314 1.24 -32.77 -28.02
N THR D 315 1.76 -33.65 -27.17
CA THR D 315 1.95 -35.04 -27.58
C THR D 315 1.45 -35.94 -26.47
N HIS D 316 1.03 -35.30 -25.42
CA HIS D 316 0.56 -36.04 -24.31
C HIS D 316 -0.69 -36.85 -24.60
N PRO D 317 -0.76 -38.03 -24.02
CA PRO D 317 -1.91 -38.92 -24.20
C PRO D 317 -3.26 -38.26 -24.13
N TYR D 318 -3.33 -37.12 -23.51
CA TYR D 318 -4.61 -36.42 -23.41
C TYR D 318 -5.05 -35.99 -24.80
N PHE D 319 -4.10 -35.50 -25.58
CA PHE D 319 -4.41 -34.99 -26.88
C PHE D 319 -4.46 -35.96 -28.03
N GLN D 320 -4.08 -37.22 -27.78
CA GLN D 320 -4.08 -38.21 -28.87
C GLN D 320 -5.32 -38.05 -29.71
N GLN D 321 -6.49 -38.11 -29.05
CA GLN D 321 -7.72 -38.02 -29.80
C GLN D 321 -7.74 -36.85 -30.74
N VAL D 322 -7.59 -35.65 -30.16
CA VAL D 322 -7.60 -34.44 -30.95
C VAL D 322 -6.57 -34.46 -32.04
N ARG D 323 -5.34 -34.78 -31.66
CA ARG D 323 -4.25 -34.81 -32.61
C ARG D 323 -4.61 -35.66 -33.82
N ALA D 324 -5.43 -36.67 -33.57
CA ALA D 324 -5.91 -37.58 -34.63
C ALA D 324 -6.70 -36.76 -35.63
N ALA D 325 -7.85 -36.27 -35.15
CA ALA D 325 -8.81 -35.44 -35.87
C ALA D 325 -8.16 -34.36 -36.72
N GLU D 326 -6.94 -33.96 -36.35
CA GLU D 326 -6.23 -32.88 -37.02
C GLU D 326 -5.88 -33.18 -38.50
N ASN D 327 -4.87 -34.04 -38.75
CA ASN D 327 -4.49 -34.43 -40.13
C ASN D 327 -5.72 -35.18 -40.63
N SER D 328 -6.42 -35.72 -39.60
CA SER D 328 -7.66 -36.52 -39.63
C SER D 328 -7.55 -37.58 -40.68
N TYR E 8 25.33 33.85 19.25
CA TYR E 8 24.56 32.81 18.43
C TYR E 8 24.15 31.53 19.19
N GLY E 9 25.14 30.92 19.90
CA GLY E 9 25.00 29.67 20.64
C GLY E 9 24.35 28.72 19.66
N PHE E 10 25.10 27.87 18.95
CA PHE E 10 24.44 27.01 17.99
C PHE E 10 23.12 26.40 18.50
N LYS E 11 22.07 26.26 17.66
CA LYS E 11 20.78 25.77 18.21
C LYS E 11 20.02 24.72 17.38
N ILE E 12 19.34 23.75 18.06
CA ILE E 12 18.53 22.68 17.42
C ILE E 12 17.08 22.96 17.62
N HIS E 13 16.40 23.06 16.48
CA HIS E 13 14.99 23.41 16.41
C HIS E 13 15.02 24.62 17.29
N PRO E 14 14.60 24.41 18.52
CA PRO E 14 14.73 25.75 19.07
C PRO E 14 15.72 25.99 20.20
N MET E 15 16.04 24.98 21.00
CA MET E 15 16.93 25.12 22.17
C MET E 15 18.42 25.05 21.89
N ALA E 16 19.25 25.74 22.66
CA ALA E 16 20.69 25.72 22.43
C ALA E 16 21.07 24.32 22.86
N TYR E 17 22.32 23.92 22.77
CA TYR E 17 22.65 22.57 23.19
C TYR E 17 23.65 22.64 24.26
N GLN E 18 23.42 21.85 25.30
CA GLN E 18 24.35 21.74 26.41
C GLN E 18 25.68 21.42 25.78
N LEU E 19 26.64 21.10 26.63
CA LEU E 19 27.97 20.79 26.13
C LEU E 19 28.60 19.56 26.80
N GLN E 20 29.60 19.01 26.11
CA GLN E 20 30.45 17.88 26.52
C GLN E 20 31.52 18.76 27.10
N LEU E 21 32.55 18.29 27.77
CA LEU E 21 33.40 19.39 28.10
C LEU E 21 34.74 19.40 27.45
N GLN E 22 35.39 20.53 27.60
CA GLN E 22 36.71 20.79 27.07
C GLN E 22 37.41 21.89 27.93
N ALA E 23 37.70 21.54 29.21
CA ALA E 23 38.37 22.35 30.28
C ALA E 23 37.37 22.60 31.45
N ARG F 6 24.53 -26.08 33.63
CA ARG F 6 24.51 -24.91 32.70
C ARG F 6 24.00 -23.60 33.33
N LEU F 7 24.60 -23.08 34.41
CA LEU F 7 24.11 -21.81 35.00
C LEU F 7 23.70 -20.74 33.93
N TYR F 8 22.46 -20.87 33.46
CA TYR F 8 21.87 -20.01 32.44
C TYR F 8 20.74 -19.18 33.13
N GLY F 9 20.46 -18.05 32.48
CA GLY F 9 19.44 -17.11 32.91
C GLY F 9 19.93 -15.74 32.47
N PHE F 10 18.99 -14.83 32.22
CA PHE F 10 19.24 -13.44 31.83
C PHE F 10 19.78 -13.24 30.40
N LYS F 11 18.98 -13.49 29.39
CA LYS F 11 19.50 -13.28 28.04
C LYS F 11 18.49 -12.81 26.96
N ILE F 12 18.81 -11.68 26.31
CA ILE F 12 18.01 -11.13 25.24
C ILE F 12 18.54 -11.72 23.96
N HIS F 13 17.59 -12.00 23.09
CA HIS F 13 17.83 -12.64 21.83
C HIS F 13 18.85 -13.64 22.32
N PRO F 14 20.10 -13.39 22.15
CA PRO F 14 20.57 -14.63 22.76
C PRO F 14 21.62 -14.44 23.81
N MET F 15 22.04 -13.19 23.95
CA MET F 15 23.13 -12.83 24.86
C MET F 15 22.81 -12.62 26.40
N ALA F 16 23.72 -13.03 27.25
CA ALA F 16 23.36 -12.90 28.63
C ALA F 16 23.43 -11.40 28.76
N TYR F 17 22.68 -10.78 29.67
CA TYR F 17 22.92 -9.32 29.97
C TYR F 17 22.75 -9.08 31.45
N GLN F 18 23.52 -8.11 31.99
CA GLN F 18 23.63 -7.83 33.44
C GLN F 18 22.78 -6.94 34.38
N LEU F 19 22.79 -5.64 34.02
CA LEU F 19 22.17 -4.54 34.77
C LEU F 19 21.57 -3.31 34.00
N GLN F 20 20.81 -2.52 34.73
CA GLN F 20 20.25 -1.29 34.23
C GLN F 20 21.36 -0.28 34.44
N LEU F 21 22.45 -0.37 33.62
CA LEU F 21 23.61 0.59 33.63
C LEU F 21 23.17 1.70 32.68
N GLN F 22 22.50 2.67 33.30
CA GLN F 22 21.84 3.73 32.58
C GLN F 22 22.32 5.26 32.53
N ALA F 23 22.75 5.61 31.29
CA ALA F 23 23.27 6.90 30.90
C ALA F 23 24.57 6.66 30.05
N TYR G 8 -25.70 -31.42 -19.47
CA TYR G 8 -24.92 -31.54 -18.15
C TYR G 8 -25.15 -30.46 -17.04
N GLY G 9 -26.41 -30.00 -16.92
CA GLY G 9 -26.73 -29.01 -15.93
C GLY G 9 -25.50 -28.16 -15.96
N PHE G 10 -25.28 -27.57 -17.15
CA PHE G 10 -24.22 -26.62 -17.48
C PHE G 10 -24.72 -25.28 -16.97
N LYS G 11 -24.29 -24.86 -15.74
CA LYS G 11 -24.65 -23.63 -14.96
C LYS G 11 -23.49 -22.69 -14.47
N ILE G 12 -23.69 -21.37 -14.41
CA ILE G 12 -22.65 -20.48 -13.90
C ILE G 12 -23.14 -19.93 -12.62
N HIS G 13 -22.15 -19.77 -11.72
CA HIS G 13 -22.30 -19.38 -10.29
C HIS G 13 -23.56 -20.08 -10.02
N PRO G 14 -24.65 -19.45 -10.31
CA PRO G 14 -25.66 -20.45 -9.94
C PRO G 14 -26.62 -20.82 -11.06
N MET G 15 -26.85 -19.90 -11.96
CA MET G 15 -27.84 -20.12 -12.98
C MET G 15 -27.54 -21.06 -14.16
N ALA G 16 -28.55 -21.73 -14.67
CA ALA G 16 -28.24 -22.57 -15.82
C ALA G 16 -28.00 -21.48 -16.86
N TYR G 17 -27.65 -21.83 -18.09
CA TYR G 17 -27.56 -20.84 -19.17
C TYR G 17 -27.68 -21.61 -20.43
N GLN G 18 -27.73 -20.93 -21.55
CA GLN G 18 -27.98 -21.60 -22.84
C GLN G 18 -27.13 -21.85 -24.16
N LEU G 19 -26.72 -20.75 -24.80
CA LEU G 19 -25.96 -20.78 -26.08
C LEU G 19 -24.96 -19.64 -26.26
N GLN G 20 -24.10 -19.79 -27.29
CA GLN G 20 -23.07 -18.79 -27.68
C GLN G 20 -23.87 -17.77 -28.48
N LEU G 21 -24.20 -16.68 -27.77
CA LEU G 21 -25.01 -15.59 -28.32
C LEU G 21 -24.34 -14.25 -28.19
N GLN G 22 -23.06 -14.17 -28.44
CA GLN G 22 -22.44 -12.89 -28.25
C GLN G 22 -22.73 -12.00 -29.42
N ALA G 23 -22.90 -10.71 -29.13
CA ALA G 23 -23.16 -9.72 -30.19
C ALA G 23 -23.82 -8.38 -29.71
N TYR H 8 -18.34 20.12 -35.83
CA TYR H 8 -18.64 18.86 -35.03
C TYR H 8 -17.86 17.61 -35.52
N GLY H 9 -18.53 16.50 -35.81
CA GLY H 9 -17.82 15.26 -36.18
C GLY H 9 -17.51 14.66 -34.80
N PHE H 10 -18.48 13.94 -34.27
CA PHE H 10 -18.40 13.30 -32.97
C PHE H 10 -17.26 12.30 -32.93
N LYS H 11 -16.23 12.49 -32.11
CA LYS H 11 -15.09 11.56 -32.10
C LYS H 11 -14.72 10.96 -30.72
N ILE H 12 -14.44 9.65 -30.61
CA ILE H 12 -14.03 9.04 -29.33
C ILE H 12 -12.61 8.69 -29.42
N HIS H 13 -11.93 9.30 -28.47
CA HIS H 13 -10.52 9.20 -28.32
C HIS H 13 -10.16 9.62 -29.74
N PRO H 14 -9.97 8.67 -30.66
CA PRO H 14 -9.60 9.24 -31.98
C PRO H 14 -10.50 9.00 -33.24
N MET H 15 -11.11 7.83 -33.29
CA MET H 15 -11.98 7.39 -34.37
C MET H 15 -13.35 8.01 -34.32
N ALA H 16 -14.07 8.06 -35.41
CA ALA H 16 -15.41 8.61 -35.34
C ALA H 16 -16.19 7.38 -34.91
N TYR H 17 -17.52 7.48 -34.74
CA TYR H 17 -18.29 6.32 -34.32
C TYR H 17 -19.37 6.07 -35.23
N GLN H 18 -19.46 4.78 -35.51
CA GLN H 18 -20.45 4.21 -36.41
C GLN H 18 -21.67 4.70 -35.79
N LEU H 19 -22.76 4.47 -36.49
CA LEU H 19 -24.03 4.89 -36.01
C LEU H 19 -24.96 3.70 -35.84
N GLN H 20 -26.05 3.94 -35.14
CA GLN H 20 -27.14 3.02 -34.80
C GLN H 20 -28.11 3.06 -35.98
N LEU H 21 -29.24 2.43 -35.78
CA LEU H 21 -30.26 2.56 -36.73
C LEU H 21 -31.20 3.52 -35.95
N GLN H 22 -31.88 4.42 -36.66
CA GLN H 22 -32.87 5.36 -36.07
C GLN H 22 -34.39 4.78 -35.94
N ALA H 23 -34.58 3.62 -35.25
CA ALA H 23 -35.88 2.93 -34.99
C ALA H 23 -35.74 1.40 -34.71
#